data_3CCZ
#
_entry.id   3CCZ
#
_cell.length_a   82.862
_cell.length_b   135.655
_cell.length_c   83.148
_cell.angle_alpha   90.00
_cell.angle_beta   97.16
_cell.angle_gamma   90.00
#
_symmetry.space_group_name_H-M   'P 1 21 1'
#
loop_
_entity.id
_entity.type
_entity.pdbx_description
1 polymer '3-hydroxy-3-methylglutaryl-coenzyme A reductase'
2 non-polymer 'SULFATE ION'
3 non-polymer '(3R,5R)-7-[2-(4-fluorophenyl)-4-{[(1S)-2-hydroxy-1-phenylethyl]carbamoyl}-5-(1-methylethyl)-1H-imidazol-1-yl]-3,5-dihydroxyheptanoic acid'
4 water water
#
_entity_poly.entity_id   1
_entity_poly.type   'polypeptide(L)'
_entity_poly.pdbx_seq_one_letter_code
;HHHHHHEPRPNEECLQILGNAEKGAKFLSDAEIIQLVNAKHIPAYKLETLIETHERGVSIRRQLLSKKLSEPSSLQYLPY
RDYNYSLVMGACCENVIGYMPIPVGVAGPLCLDEKEFQVPMATTEGCLVASTNRGCRAIGLGGGASSRVLADGMTRGPVV
RLPRACDSAEVKAWLETSEGFAVIKEAFDSTSRFARLQKLHTSIAGRNLYIRFQSRSGDAMGMNMISKGTEKALSKLHEY
FPEMQILAVSGNYCTDKKPAAINWIEGRGKSVVCEAVIPAKVVREVLKTTTEAMIEVNINKNLVGSAMAGSIGGYNAHAA
NIVTAIYIACGQDAAQNVGSSNCITLMEASGPTNEDLYISCTMPSIEIGTVGGGTNLLPQQACLQMLGVQGACKDNPGEN
ARQLARIVCGTVMAGELSLMAALAAGHLVKSHMIHNRSKIN
;
_entity_poly.pdbx_strand_id   A,B,C,D
#
# COMPACT_ATOMS: atom_id res chain seq x y z
N GLU A 7 -8.97 33.36 54.85
CA GLU A 7 -10.39 33.68 54.54
C GLU A 7 -10.54 34.04 53.06
N PRO A 8 -11.49 33.42 52.36
CA PRO A 8 -11.71 33.69 50.95
C PRO A 8 -12.44 35.01 50.71
N ARG A 9 -11.77 35.98 50.10
CA ARG A 9 -12.35 37.30 49.82
C ARG A 9 -13.31 37.23 48.61
N PRO A 10 -14.20 38.22 48.48
CA PRO A 10 -15.10 38.29 47.33
C PRO A 10 -14.37 38.47 45.99
N ASN A 11 -15.04 38.11 44.90
CA ASN A 11 -14.45 38.19 43.56
C ASN A 11 -14.20 39.62 43.08
N GLU A 12 -15.00 40.57 43.57
CA GLU A 12 -14.86 41.97 43.19
C GLU A 12 -13.59 42.60 43.76
N GLU A 13 -13.26 42.24 45.00
CA GLU A 13 -12.05 42.76 45.66
C GLU A 13 -10.77 42.16 45.09
N CYS A 14 -10.84 40.91 44.63
CA CYS A 14 -9.69 40.22 44.06
C CYS A 14 -9.29 40.78 42.69
N LEU A 15 -10.26 41.35 41.97
CA LEU A 15 -10.00 41.94 40.65
C LEU A 15 -9.23 43.26 40.78
N GLN A 16 -9.44 43.98 41.87
CA GLN A 16 -8.76 45.26 42.10
C GLN A 16 -7.30 45.08 42.51
N ILE A 17 -7.01 44.00 43.24
CA ILE A 17 -5.65 43.72 43.73
C ILE A 17 -4.74 43.30 42.57
N LEU A 18 -5.24 42.44 41.69
CA LEU A 18 -4.48 41.96 40.55
C LEU A 18 -4.24 43.07 39.52
N GLY A 19 -5.21 43.97 39.38
CA GLY A 19 -5.11 45.08 38.45
C GLY A 19 -4.10 46.14 38.85
N ASN A 20 -3.82 46.22 40.15
CA ASN A 20 -2.83 47.18 40.67
C ASN A 20 -1.41 46.78 40.30
N ALA A 21 -0.58 47.76 40.00
CA ALA A 21 0.78 47.52 39.53
C ALA A 21 1.72 47.03 40.63
N GLU A 22 1.54 47.54 41.85
CA GLU A 22 2.42 47.22 42.97
C GLU A 22 1.78 46.20 43.94
N LYS A 23 1.11 45.19 43.38
CA LYS A 23 0.51 44.12 44.17
C LYS A 23 0.59 42.78 43.43
N GLY A 24 -0.19 42.66 42.34
CA GLY A 24 -0.19 41.46 41.53
C GLY A 24 -0.90 40.28 42.17
N ALA A 25 -0.60 39.08 41.68
CA ALA A 25 -1.22 37.85 42.18
C ALA A 25 -0.59 37.35 43.48
N LYS A 26 0.56 37.90 43.84
CA LYS A 26 1.29 37.49 45.05
C LYS A 26 0.45 37.58 46.33
N PHE A 27 -0.34 38.65 46.43
CA PHE A 27 -1.17 38.88 47.62
C PHE A 27 -2.40 37.97 47.66
N LEU A 28 -2.92 37.61 46.48
CA LEU A 28 -4.05 36.67 46.40
C LEU A 28 -3.61 35.26 46.74
N SER A 29 -4.57 34.45 47.23
CA SER A 29 -4.30 33.07 47.64
C SER A 29 -4.64 32.09 46.51
N ASP A 30 -4.43 30.80 46.78
CA ASP A 30 -4.75 29.74 45.82
C ASP A 30 -6.26 29.65 45.57
N ALA A 31 -7.04 29.71 46.65
CA ALA A 31 -8.50 29.60 46.57
C ALA A 31 -9.15 30.79 45.87
N GLU A 32 -8.54 31.97 45.98
CA GLU A 32 -9.07 33.18 45.39
C GLU A 32 -8.86 33.24 43.88
N ILE A 33 -7.75 32.70 43.41
CA ILE A 33 -7.45 32.64 41.97
C ILE A 33 -8.35 31.60 41.29
N ILE A 34 -8.65 30.52 42.02
CA ILE A 34 -9.57 29.49 41.53
C ILE A 34 -10.99 30.04 41.37
N GLN A 35 -11.34 31.00 42.22
CA GLN A 35 -12.65 31.65 42.17
C GLN A 35 -12.79 32.55 40.94
N LEU A 36 -11.71 33.21 40.56
CA LEU A 36 -11.71 34.12 39.41
C LEU A 36 -11.78 33.37 38.07
N VAL A 37 -11.14 32.21 37.99
CA VAL A 37 -11.12 31.41 36.77
C VAL A 37 -12.49 30.80 36.49
N ASN A 38 -13.16 30.36 37.55
CA ASN A 38 -14.49 29.74 37.43
C ASN A 38 -15.59 30.76 37.10
N ALA A 39 -15.34 32.03 37.41
CA ALA A 39 -16.28 33.11 37.09
C ALA A 39 -15.99 33.79 35.73
N LYS A 40 -15.03 33.23 35.00
CA LYS A 40 -14.68 33.69 33.64
C LYS A 40 -14.07 35.09 33.58
N HIS A 41 -13.51 35.56 34.69
CA HIS A 41 -12.76 36.81 34.73
C HIS A 41 -11.35 36.62 34.18
N ILE A 42 -10.72 35.49 34.54
CA ILE A 42 -9.40 35.12 34.06
C ILE A 42 -9.49 33.82 33.27
N PRO A 43 -8.89 33.77 32.07
CA PRO A 43 -8.83 32.52 31.30
C PRO A 43 -7.79 31.56 31.88
N ALA A 44 -8.11 30.28 31.91
CA ALA A 44 -7.24 29.27 32.53
C ALA A 44 -5.93 29.07 31.77
N TYR A 45 -5.98 29.22 30.45
CA TYR A 45 -4.81 28.98 29.60
C TYR A 45 -3.74 30.09 29.69
N LYS A 46 -4.09 31.23 30.27
CA LYS A 46 -3.14 32.32 30.49
C LYS A 46 -2.73 32.45 31.97
N LEU A 47 -2.74 31.33 32.69
CA LEU A 47 -2.42 31.34 34.13
C LEU A 47 -0.94 31.62 34.40
N GLU A 48 -0.07 31.34 33.42
CA GLU A 48 1.36 31.55 33.56
C GLU A 48 1.74 33.03 33.50
N THR A 49 1.13 33.76 32.56
CA THR A 49 1.45 35.17 32.34
C THR A 49 0.95 36.06 33.48
N LEU A 50 -0.27 35.78 33.95
CA LEU A 50 -0.92 36.61 34.96
C LEU A 50 -0.31 36.43 36.35
N ILE A 51 -0.03 35.18 36.72
CA ILE A 51 0.53 34.85 38.03
C ILE A 51 2.05 35.07 38.04
N GLU A 52 2.59 35.38 39.22
CA GLU A 52 4.01 35.72 39.40
C GLU A 52 5.00 34.76 38.75
N THR A 53 4.72 33.45 38.83
CA THR A 53 5.62 32.43 38.29
C THR A 53 4.88 31.43 37.40
N HIS A 54 5.65 30.74 36.57
CA HIS A 54 5.08 29.71 35.68
C HIS A 54 4.59 28.51 36.46
N GLU A 55 5.37 28.10 37.46
CA GLU A 55 5.08 26.90 38.26
C GLU A 55 3.77 27.01 39.05
N ARG A 56 3.49 28.20 39.58
CA ARG A 56 2.26 28.42 40.33
C ARG A 56 1.04 28.41 39.42
N GLY A 57 1.21 28.87 38.18
CA GLY A 57 0.16 28.80 37.18
C GLY A 57 -0.24 27.37 36.84
N VAL A 58 0.75 26.48 36.80
CA VAL A 58 0.50 25.06 36.55
C VAL A 58 -0.18 24.40 37.75
N SER A 59 0.17 24.88 38.95
CA SER A 59 -0.41 24.35 40.19
C SER A 59 -1.89 24.67 40.28
N ILE A 60 -2.28 25.87 39.84
CA ILE A 60 -3.67 26.31 39.88
C ILE A 60 -4.51 25.52 38.88
N ARG A 61 -3.96 25.24 37.70
CA ARG A 61 -4.66 24.47 36.68
C ARG A 61 -4.85 23.01 37.10
N ARG A 62 -3.92 22.50 37.90
CA ARG A 62 -4.01 21.14 38.42
C ARG A 62 -5.13 21.01 39.45
N GLN A 63 -5.32 22.06 40.25
CA GLN A 63 -6.37 22.09 41.27
C GLN A 63 -7.76 22.23 40.63
N LEU A 64 -7.84 22.99 39.55
CA LEU A 64 -9.07 23.14 38.76
C LEU A 64 -9.46 21.80 38.13
N LEU A 65 -8.46 21.10 37.63
CA LEU A 65 -8.66 19.82 36.94
C LEU A 65 -9.07 18.71 37.92
N SER A 66 -8.50 18.75 39.12
CA SER A 66 -8.72 17.69 40.11
C SER A 66 -10.17 17.60 40.56
N LYS A 67 -10.83 18.75 40.67
CA LYS A 67 -12.24 18.82 41.07
C LYS A 67 -13.15 18.19 40.01
N LYS A 68 -12.79 18.35 38.75
CA LYS A 68 -13.57 17.80 37.63
C LYS A 68 -13.52 16.27 37.54
N LEU A 69 -12.40 15.69 37.99
CA LEU A 69 -12.18 14.25 37.88
C LEU A 69 -13.00 13.50 38.93
N SER A 70 -13.33 12.24 38.63
CA SER A 70 -14.06 11.38 39.55
C SER A 70 -13.21 11.02 40.78
N GLU A 71 -11.90 10.91 40.57
CA GLU A 71 -10.95 10.70 41.66
C GLU A 71 -10.09 11.96 41.83
N PRO A 72 -10.36 12.74 42.90
CA PRO A 72 -9.62 13.98 43.15
C PRO A 72 -8.09 13.86 43.25
N SER A 73 -7.60 12.72 43.71
CA SER A 73 -6.16 12.51 43.91
C SER A 73 -5.50 11.79 42.73
N SER A 74 -5.99 12.04 41.52
CA SER A 74 -5.46 11.40 40.32
C SER A 74 -4.07 11.91 39.96
N LEU A 75 -3.85 13.21 40.15
CA LEU A 75 -2.60 13.86 39.76
C LEU A 75 -1.51 13.81 40.84
N GLN A 76 -1.72 13.03 41.90
CA GLN A 76 -0.78 12.97 43.02
C GLN A 76 0.65 12.63 42.59
N TYR A 77 0.79 11.64 41.70
CA TYR A 77 2.11 11.15 41.28
C TYR A 77 2.53 11.67 39.91
N LEU A 78 1.72 12.54 39.30
CA LEU A 78 2.14 13.29 38.12
C LEU A 78 2.97 14.48 38.58
N PRO A 79 4.27 14.50 38.29
CA PRO A 79 5.15 15.56 38.79
C PRO A 79 4.96 16.87 38.03
N TYR A 80 5.41 17.97 38.63
CA TYR A 80 5.29 19.29 38.01
C TYR A 80 6.28 20.34 38.56
N ARG A 81 6.65 20.22 39.83
CA ARG A 81 7.56 21.18 40.46
C ARG A 81 8.98 21.10 39.92
N ASP A 82 9.68 22.23 40.01
CA ASP A 82 11.10 22.34 39.64
C ASP A 82 11.39 22.07 38.16
N TYR A 83 10.40 22.30 37.30
CA TYR A 83 10.56 22.14 35.85
C TYR A 83 10.58 23.52 35.17
N ASN A 84 11.42 23.65 34.15
CA ASN A 84 11.56 24.91 33.43
C ASN A 84 10.44 25.10 32.41
N TYR A 85 9.35 25.73 32.84
CA TYR A 85 8.18 25.94 32.00
C TYR A 85 8.33 27.13 31.05
N SER A 86 9.36 27.96 31.26
CA SER A 86 9.54 29.17 30.46
C SER A 86 9.72 28.89 28.97
N LEU A 87 10.42 27.82 28.63
CA LEU A 87 10.68 27.45 27.24
C LEU A 87 9.52 26.67 26.60
N VAL A 88 8.68 26.06 27.45
CA VAL A 88 7.52 25.30 26.98
C VAL A 88 6.33 26.22 26.66
N MET A 89 6.21 27.32 27.38
CA MET A 89 5.04 28.20 27.25
C MET A 89 5.11 29.02 25.97
N GLY A 90 4.06 28.91 25.16
CA GLY A 90 3.97 29.60 23.88
C GLY A 90 4.91 29.04 22.83
N ALA A 91 5.15 27.73 22.88
CA ALA A 91 6.13 27.10 21.99
C ALA A 91 5.92 25.60 21.80
N CYS A 92 5.77 24.86 22.89
CA CYS A 92 5.75 23.39 22.86
C CYS A 92 4.48 22.74 23.41
N CYS A 93 3.80 23.37 24.36
CA CYS A 93 2.61 22.78 24.99
C CYS A 93 1.66 23.82 25.59
N GLU A 94 0.38 23.47 25.66
CA GLU A 94 -0.65 24.33 26.26
C GLU A 94 -1.42 23.57 27.32
N ASN A 95 -2.15 24.31 28.17
CA ASN A 95 -2.92 23.72 29.26
C ASN A 95 -2.09 22.76 30.10
N VAL A 96 -0.87 23.17 30.41
CA VAL A 96 0.14 22.30 31.01
C VAL A 96 -0.18 21.96 32.47
N ILE A 97 -0.21 20.66 32.78
CA ILE A 97 -0.51 20.18 34.12
C ILE A 97 0.67 19.44 34.75
N GLY A 98 1.85 19.52 34.13
CA GLY A 98 3.04 18.85 34.62
C GLY A 98 3.91 18.30 33.51
N TYR A 99 4.64 17.22 33.82
CA TYR A 99 5.45 16.53 32.82
C TYR A 99 5.46 15.02 33.06
N MET A 100 5.81 14.28 32.01
CA MET A 100 5.82 12.83 32.03
C MET A 100 7.26 12.33 31.89
N PRO A 101 7.84 11.83 32.98
CA PRO A 101 9.21 11.32 32.94
C PRO A 101 9.30 9.98 32.21
N ILE A 102 10.09 9.95 31.14
CA ILE A 102 10.34 8.73 30.36
C ILE A 102 11.78 8.30 30.64
N PRO A 103 11.99 7.11 31.19
CA PRO A 103 13.35 6.61 31.45
C PRO A 103 14.24 6.68 30.21
N VAL A 104 15.47 7.16 30.38
CA VAL A 104 16.43 7.23 29.28
C VAL A 104 17.60 6.30 29.58
N GLY A 105 17.86 5.35 28.68
CA GLY A 105 19.01 4.48 28.76
C GLY A 105 20.03 4.84 27.70
N VAL A 106 21.23 4.25 27.80
CA VAL A 106 22.30 4.52 26.83
C VAL A 106 22.74 3.21 26.16
N ALA A 107 22.89 3.28 24.84
CA ALA A 107 23.35 2.14 24.04
C ALA A 107 24.58 2.58 23.26
N GLY A 108 25.73 1.98 23.59
CA GLY A 108 26.97 2.29 22.90
C GLY A 108 28.18 1.57 23.46
N PRO A 109 29.37 1.88 22.92
CA PRO A 109 29.54 2.83 21.82
C PRO A 109 29.08 2.27 20.47
N LEU A 110 28.37 3.09 19.69
CA LEU A 110 28.01 2.77 18.33
C LEU A 110 29.13 3.28 17.43
N CYS A 111 29.89 2.35 16.86
CA CYS A 111 31.00 2.70 15.98
C CYS A 111 30.46 2.99 14.59
N LEU A 112 30.43 4.27 14.22
CA LEU A 112 29.83 4.73 12.97
C LEU A 112 30.69 5.79 12.31
N ASP A 113 31.13 5.51 11.08
CA ASP A 113 31.94 6.43 10.28
C ASP A 113 33.23 6.85 11.00
N GLU A 114 33.93 5.86 11.54
CA GLU A 114 35.21 6.05 12.25
C GLU A 114 35.10 6.94 13.49
N LYS A 115 33.89 7.01 14.05
CA LYS A 115 33.62 7.76 15.28
C LYS A 115 32.86 6.85 16.25
N GLU A 116 32.62 7.35 17.45
CA GLU A 116 31.90 6.60 18.49
C GLU A 116 30.80 7.46 19.11
N PHE A 117 29.60 6.90 19.21
CA PHE A 117 28.44 7.62 19.72
C PHE A 117 27.80 6.88 20.89
N GLN A 118 27.45 7.64 21.92
CA GLN A 118 26.66 7.11 23.02
C GLN A 118 25.23 7.57 22.78
N VAL A 119 24.36 6.63 22.42
CA VAL A 119 23.04 6.93 21.89
C VAL A 119 21.96 6.89 22.99
N PRO A 120 21.31 8.02 23.26
CA PRO A 120 20.25 8.07 24.26
C PRO A 120 18.93 7.49 23.72
N MET A 121 18.20 6.77 24.57
CA MET A 121 16.99 6.06 24.17
C MET A 121 15.92 6.14 25.26
N ALA A 122 14.92 6.99 25.04
CA ALA A 122 13.81 7.15 25.98
C ALA A 122 12.72 6.11 25.71
N THR A 123 12.54 5.19 26.64
CA THR A 123 11.59 4.09 26.47
C THR A 123 11.14 3.46 27.79
N THR A 124 9.99 2.80 27.76
CA THR A 124 9.50 2.01 28.90
C THR A 124 9.35 0.53 28.53
N GLU A 125 9.95 0.12 27.42
CA GLU A 125 9.93 -1.27 26.97
C GLU A 125 11.16 -1.98 27.50
N GLY A 126 10.94 -3.01 28.32
CA GLY A 126 12.02 -3.78 28.90
C GLY A 126 12.85 -4.49 27.84
N CYS A 127 14.17 -4.50 28.07
CA CYS A 127 15.14 -5.16 27.20
C CYS A 127 15.47 -4.44 25.89
N LEU A 128 14.81 -3.32 25.59
CA LEU A 128 15.05 -2.61 24.33
C LEU A 128 16.43 -1.96 24.28
N VAL A 129 16.83 -1.30 25.37
CA VAL A 129 18.13 -0.62 25.43
C VAL A 129 19.26 -1.64 25.45
N ALA A 130 19.12 -2.67 26.28
CA ALA A 130 20.15 -3.71 26.42
C ALA A 130 20.35 -4.50 25.13
N SER A 131 19.26 -4.72 24.38
CA SER A 131 19.32 -5.47 23.13
C SER A 131 19.99 -4.64 22.04
N THR A 132 19.64 -3.36 21.98
CA THR A 132 20.27 -2.42 21.06
C THR A 132 21.76 -2.27 21.38
N ASN A 133 22.08 -2.35 22.67
CA ASN A 133 23.45 -2.27 23.15
C ASN A 133 24.27 -3.48 22.70
N ARG A 134 23.62 -4.64 22.64
CA ARG A 134 24.25 -5.86 22.15
C ARG A 134 24.55 -5.77 20.66
N GLY A 135 23.65 -5.12 19.92
CA GLY A 135 23.84 -4.90 18.50
C GLY A 135 25.00 -3.96 18.22
N CYS A 136 25.16 -2.95 19.08
CA CYS A 136 26.28 -2.02 18.97
C CYS A 136 27.60 -2.75 19.20
N ARG A 137 27.60 -3.68 20.17
CA ARG A 137 28.79 -4.43 20.54
C ARG A 137 29.25 -5.33 19.39
N ALA A 138 28.29 -5.90 18.66
CA ALA A 138 28.60 -6.75 17.50
C ALA A 138 29.20 -5.93 16.36
N ILE A 139 28.64 -4.74 16.13
CA ILE A 139 29.14 -3.82 15.12
C ILE A 139 30.55 -3.33 15.46
N GLY A 140 30.82 -3.12 16.75
CA GLY A 140 32.08 -2.59 17.21
C GLY A 140 33.22 -3.57 16.99
N LEU A 141 32.96 -4.85 17.28
CA LEU A 141 33.95 -5.91 17.11
C LEU A 141 34.16 -6.30 15.64
N GLY A 142 33.25 -5.86 14.77
CA GLY A 142 33.35 -6.10 13.34
C GLY A 142 33.89 -4.95 12.51
N GLY A 143 34.66 -4.06 13.13
CA GLY A 143 35.30 -2.96 12.41
C GLY A 143 34.49 -1.68 12.31
N GLY A 144 33.20 -1.76 12.62
CA GLY A 144 32.34 -0.59 12.65
C GLY A 144 31.41 -0.51 11.44
N ALA A 145 30.54 0.49 11.46
CA ALA A 145 29.55 0.70 10.39
C ALA A 145 29.90 1.95 9.60
N SER A 146 29.39 2.03 8.37
CA SER A 146 29.53 3.20 7.53
C SER A 146 28.15 3.61 7.00
N SER A 147 27.88 4.91 6.99
CA SER A 147 26.60 5.44 6.48
C SER A 147 26.79 6.60 5.53
N ARG A 148 25.75 6.87 4.74
CA ARG A 148 25.74 7.95 3.78
C ARG A 148 24.33 8.57 3.70
N VAL A 149 24.28 9.91 3.70
CA VAL A 149 23.03 10.61 3.46
C VAL A 149 22.86 10.75 1.94
N LEU A 150 21.81 10.14 1.41
CA LEU A 150 21.54 10.08 -0.03
C LEU A 150 20.73 11.28 -0.52
N ALA A 151 19.89 11.83 0.36
CA ALA A 151 19.05 12.97 0.01
C ALA A 151 18.62 13.74 1.26
N ASP A 152 18.23 15.00 1.05
CA ASP A 152 17.80 15.87 2.15
C ASP A 152 16.81 16.92 1.64
N GLY A 153 15.58 16.84 2.14
CA GLY A 153 14.55 17.79 1.75
C GLY A 153 13.19 17.47 2.36
N MET A 154 12.76 18.31 3.31
CA MET A 154 11.41 18.22 3.87
C MET A 154 10.41 18.64 2.78
N THR A 155 9.20 18.08 2.83
CA THR A 155 8.20 18.37 1.81
C THR A 155 6.87 18.85 2.38
N ARG A 156 6.10 19.53 1.52
CA ARG A 156 4.71 19.83 1.78
C ARG A 156 3.94 19.64 0.47
N GLY A 157 2.75 19.07 0.57
CA GLY A 157 2.01 18.62 -0.61
C GLY A 157 0.61 19.16 -0.68
N PRO A 158 0.46 20.46 -0.93
CA PRO A 158 -0.86 21.09 -1.05
C PRO A 158 -1.71 20.53 -2.18
N VAL A 159 -3.02 20.74 -2.07
CA VAL A 159 -3.96 20.45 -3.15
C VAL A 159 -4.61 21.77 -3.59
N VAL A 160 -4.56 22.05 -4.88
CA VAL A 160 -5.25 23.19 -5.48
C VAL A 160 -6.31 22.66 -6.46
N ARG A 161 -7.21 23.54 -6.88
CA ARG A 161 -8.36 23.15 -7.69
C ARG A 161 -8.63 24.19 -8.78
N LEU A 162 -8.55 23.78 -10.04
CA LEU A 162 -8.90 24.63 -11.16
C LEU A 162 -10.35 24.34 -11.57
N PRO A 163 -10.96 25.21 -12.37
CA PRO A 163 -12.33 24.98 -12.85
C PRO A 163 -12.53 23.64 -13.58
N ARG A 164 -11.57 23.27 -14.42
CA ARG A 164 -11.63 22.02 -15.18
C ARG A 164 -10.30 21.26 -15.14
N ALA A 165 -10.35 19.99 -15.51
CA ALA A 165 -9.15 19.17 -15.69
C ALA A 165 -8.24 19.71 -16.80
N CYS A 166 -8.84 20.33 -17.81
CA CYS A 166 -8.07 20.96 -18.89
C CYS A 166 -7.23 22.12 -18.35
N ASP A 167 -7.77 22.81 -17.34
CA ASP A 167 -7.07 23.93 -16.70
C ASP A 167 -5.97 23.46 -15.75
N SER A 168 -6.23 22.40 -14.99
CA SER A 168 -5.24 21.86 -14.06
C SER A 168 -4.05 21.27 -14.81
N ALA A 169 -4.31 20.73 -16.00
CA ALA A 169 -3.27 20.21 -16.89
C ALA A 169 -2.39 21.35 -17.40
N GLU A 170 -3.01 22.51 -17.64
CA GLU A 170 -2.28 23.70 -18.08
C GLU A 170 -1.32 24.20 -17.00
N VAL A 171 -1.74 24.12 -15.73
CA VAL A 171 -0.93 24.58 -14.61
C VAL A 171 0.24 23.64 -14.36
N LYS A 172 0.02 22.35 -14.58
CA LYS A 172 1.07 21.33 -14.43
C LYS A 172 2.16 21.53 -15.48
N ALA A 173 1.76 21.82 -16.71
CA ALA A 173 2.68 22.07 -17.81
C ALA A 173 3.47 23.36 -17.58
N TRP A 174 2.83 24.34 -16.97
CA TRP A 174 3.45 25.64 -16.68
C TRP A 174 4.55 25.50 -15.63
N LEU A 175 4.28 24.70 -14.60
CA LEU A 175 5.26 24.43 -13.54
C LEU A 175 6.45 23.60 -14.04
N GLU A 176 6.23 22.86 -15.13
CA GLU A 176 7.26 21.99 -15.70
C GLU A 176 8.22 22.70 -16.65
N THR A 177 7.82 23.86 -17.18
CA THR A 177 8.74 24.67 -17.99
C THR A 177 9.79 25.30 -17.08
N SER A 178 10.96 25.60 -17.64
CA SER A 178 12.05 26.21 -16.89
C SER A 178 11.69 27.61 -16.36
N GLU A 179 10.86 28.32 -17.11
CA GLU A 179 10.47 29.69 -16.77
C GLU A 179 9.48 29.72 -15.60
N GLY A 180 8.48 28.84 -15.65
CA GLY A 180 7.47 28.77 -14.62
C GLY A 180 8.02 28.29 -13.29
N PHE A 181 8.91 27.31 -13.33
CA PHE A 181 9.57 26.80 -12.12
C PHE A 181 10.49 27.85 -11.50
N ALA A 182 11.10 28.69 -12.33
CA ALA A 182 12.01 29.73 -11.85
C ALA A 182 11.28 30.80 -11.06
N VAL A 183 10.05 31.11 -11.46
CA VAL A 183 9.22 32.11 -10.78
C VAL A 183 8.73 31.59 -9.43
N ILE A 184 8.33 30.32 -9.41
CA ILE A 184 7.84 29.68 -8.19
C ILE A 184 8.98 29.44 -7.20
N LYS A 185 10.17 29.16 -7.72
CA LYS A 185 11.36 28.94 -6.89
C LYS A 185 11.80 30.24 -6.23
N GLU A 186 11.59 31.36 -6.92
CA GLU A 186 11.96 32.67 -6.40
C GLU A 186 11.10 33.06 -5.20
N ALA A 187 9.80 32.78 -5.30
CA ALA A 187 8.85 33.08 -4.23
C ALA A 187 9.06 32.18 -3.01
N PHE A 188 9.33 30.90 -3.26
CA PHE A 188 9.54 29.90 -2.21
C PHE A 188 10.78 30.23 -1.39
N ASP A 189 11.88 30.54 -2.08
CA ASP A 189 13.18 30.77 -1.45
C ASP A 189 13.25 32.11 -0.72
N SER A 190 12.34 33.03 -1.05
CA SER A 190 12.31 34.35 -0.42
C SER A 190 11.78 34.34 1.02
N THR A 191 11.22 33.21 1.45
CA THR A 191 10.64 33.12 2.80
C THR A 191 11.65 32.75 3.89
N SER A 192 12.78 32.15 3.51
CA SER A 192 13.78 31.72 4.50
C SER A 192 15.21 31.67 3.93
N ARG A 193 16.18 31.75 4.84
CA ARG A 193 17.61 31.69 4.49
C ARG A 193 18.01 30.34 3.90
N PHE A 194 17.45 29.27 4.45
CA PHE A 194 17.81 27.91 4.07
C PHE A 194 16.91 27.31 2.99
N ALA A 195 15.92 28.07 2.53
CA ALA A 195 14.96 27.58 1.54
C ALA A 195 15.57 27.55 0.14
N ARG A 196 15.81 26.35 -0.37
CA ARG A 196 16.25 26.13 -1.75
C ARG A 196 15.34 25.07 -2.39
N LEU A 197 14.46 25.51 -3.28
CA LEU A 197 13.43 24.64 -3.85
C LEU A 197 14.02 23.72 -4.93
N GLN A 198 13.78 22.42 -4.76
CA GLN A 198 14.19 21.40 -5.72
C GLN A 198 13.07 21.21 -6.75
N LYS A 199 13.29 20.31 -7.72
CA LYS A 199 12.30 20.04 -8.75
C LYS A 199 10.95 19.67 -8.16
N LEU A 200 9.88 20.21 -8.74
CA LEU A 200 8.53 19.92 -8.28
C LEU A 200 8.09 18.52 -8.69
N HIS A 201 7.15 17.97 -7.94
CA HIS A 201 6.66 16.61 -8.14
C HIS A 201 5.13 16.71 -8.11
N THR A 202 4.52 16.81 -9.29
CA THR A 202 3.09 17.08 -9.41
C THR A 202 2.30 15.86 -9.87
N SER A 203 1.00 15.88 -9.58
CA SER A 203 0.10 14.78 -9.90
C SER A 203 -1.35 15.28 -10.00
N ILE A 204 -1.98 15.05 -11.13
CA ILE A 204 -3.34 15.49 -11.38
C ILE A 204 -4.34 14.43 -10.93
N ALA A 205 -5.50 14.89 -10.47
CA ALA A 205 -6.65 14.02 -10.22
C ALA A 205 -7.90 14.81 -10.65
N GLY A 206 -8.16 14.81 -11.95
CA GLY A 206 -9.25 15.60 -12.51
C GLY A 206 -8.85 17.06 -12.50
N ARG A 207 -9.74 17.91 -11.99
CA ARG A 207 -9.43 19.34 -11.87
C ARG A 207 -8.55 19.66 -10.66
N ASN A 208 -8.27 18.67 -9.83
CA ASN A 208 -7.29 18.81 -8.74
C ASN A 208 -5.86 18.72 -9.25
N LEU A 209 -4.96 19.42 -8.55
CA LEU A 209 -3.53 19.31 -8.79
C LEU A 209 -2.80 19.25 -7.45
N TYR A 210 -2.06 18.17 -7.23
CA TYR A 210 -1.29 17.99 -6.01
C TYR A 210 0.16 18.32 -6.32
N ILE A 211 0.69 19.34 -5.65
CA ILE A 211 2.05 19.81 -5.89
C ILE A 211 2.91 19.49 -4.68
N ARG A 212 4.03 18.81 -4.91
CA ARG A 212 4.92 18.39 -3.84
C ARG A 212 6.17 19.27 -3.85
N PHE A 213 6.19 20.27 -2.98
CA PHE A 213 7.33 21.15 -2.77
C PHE A 213 8.34 20.43 -1.89
N GLN A 214 9.62 20.53 -2.24
CA GLN A 214 10.69 19.91 -1.46
C GLN A 214 11.89 20.85 -1.37
N SER A 215 12.51 20.91 -0.19
CA SER A 215 13.64 21.80 0.02
C SER A 215 14.38 21.48 1.31
N ARG A 216 15.69 21.72 1.31
CA ARG A 216 16.49 21.64 2.52
C ARG A 216 16.01 22.72 3.50
N SER A 217 16.33 22.53 4.78
CA SER A 217 15.84 23.41 5.83
C SER A 217 16.89 23.61 6.92
N GLY A 218 18.15 23.71 6.52
CA GLY A 218 19.24 23.79 7.47
C GLY A 218 19.23 22.60 8.40
N ASP A 219 19.32 22.86 9.71
CA ASP A 219 19.29 21.80 10.72
C ASP A 219 17.91 21.58 11.31
N ALA A 220 16.94 22.41 10.93
CA ALA A 220 15.56 22.23 11.37
C ALA A 220 14.92 21.04 10.66
N MET A 221 13.92 20.45 11.30
CA MET A 221 13.09 19.42 10.65
C MET A 221 12.42 20.04 9.43
N GLY A 222 11.97 21.29 9.59
CA GLY A 222 11.62 22.14 8.47
C GLY A 222 10.17 22.15 8.06
N MET A 223 9.27 21.60 8.87
CA MET A 223 7.85 21.54 8.50
C MET A 223 7.23 22.94 8.41
N ASN A 224 7.54 23.79 9.39
CA ASN A 224 7.02 25.16 9.39
C ASN A 224 7.68 26.04 8.33
N MET A 225 8.96 25.83 8.07
CA MET A 225 9.71 26.60 7.08
C MET A 225 9.24 26.28 5.65
N ILE A 226 8.97 25.01 5.39
CA ILE A 226 8.51 24.55 4.08
C ILE A 226 7.05 24.92 3.86
N SER A 227 6.30 25.03 4.95
CA SER A 227 4.89 25.42 4.89
C SER A 227 4.76 26.90 4.54
N LYS A 228 5.66 27.72 5.08
CA LYS A 228 5.67 29.16 4.82
C LYS A 228 6.08 29.43 3.37
N GLY A 229 7.06 28.68 2.88
CA GLY A 229 7.51 28.79 1.51
C GLY A 229 6.46 28.32 0.52
N THR A 230 5.66 27.33 0.93
CA THR A 230 4.60 26.79 0.11
C THR A 230 3.46 27.80 -0.06
N GLU A 231 3.18 28.56 1.01
CA GLU A 231 2.14 29.58 0.98
C GLU A 231 2.49 30.71 0.01
N LYS A 232 3.75 31.15 0.05
CA LYS A 232 4.23 32.22 -0.83
C LYS A 232 4.31 31.75 -2.28
N ALA A 233 4.60 30.46 -2.48
CA ALA A 233 4.74 29.88 -3.82
C ALA A 233 3.37 29.74 -4.49
N LEU A 234 2.36 29.36 -3.72
CA LEU A 234 1.00 29.20 -4.24
C LEU A 234 0.33 30.55 -4.48
N SER A 235 0.77 31.57 -3.74
CA SER A 235 0.28 32.93 -3.91
C SER A 235 0.80 33.51 -5.23
N LYS A 236 2.05 33.19 -5.56
CA LYS A 236 2.66 33.62 -6.82
C LYS A 236 2.03 32.88 -7.99
N LEU A 237 1.68 31.62 -7.79
CA LEU A 237 1.01 30.81 -8.80
C LEU A 237 -0.40 31.32 -9.05
N HIS A 238 -1.01 31.92 -8.03
CA HIS A 238 -2.36 32.47 -8.10
C HIS A 238 -2.41 33.72 -8.99
N GLU A 239 -1.29 34.45 -9.05
CA GLU A 239 -1.18 35.64 -9.90
C GLU A 239 -1.27 35.28 -11.39
N TYR A 240 -0.67 34.15 -11.77
CA TYR A 240 -0.71 33.68 -13.16
C TYR A 240 -2.01 32.93 -13.47
N PHE A 241 -2.61 32.33 -12.45
CA PHE A 241 -3.83 31.54 -12.58
C PHE A 241 -4.83 31.98 -11.52
N PRO A 242 -5.59 33.04 -11.78
CA PRO A 242 -6.53 33.59 -10.80
C PRO A 242 -7.76 32.73 -10.52
N GLU A 243 -8.05 31.76 -11.38
CA GLU A 243 -9.18 30.84 -11.17
C GLU A 243 -8.81 29.66 -10.26
N MET A 244 -7.53 29.56 -9.89
CA MET A 244 -7.06 28.51 -8.98
C MET A 244 -7.55 28.77 -7.55
N GLN A 245 -7.91 27.70 -6.87
CA GLN A 245 -8.39 27.75 -5.49
C GLN A 245 -7.48 26.88 -4.63
N ILE A 246 -6.79 27.49 -3.67
CA ILE A 246 -6.00 26.73 -2.70
C ILE A 246 -6.95 26.08 -1.71
N LEU A 247 -7.25 24.80 -1.92
CA LEU A 247 -8.17 24.07 -1.05
C LEU A 247 -7.54 23.77 0.31
N ALA A 248 -6.28 23.36 0.30
CA ALA A 248 -5.56 23.08 1.54
C ALA A 248 -4.05 23.11 1.32
N VAL A 249 -3.32 23.74 2.24
CA VAL A 249 -1.86 23.83 2.14
C VAL A 249 -1.23 22.45 2.32
N SER A 250 -1.92 21.57 3.03
CA SER A 250 -1.60 20.14 3.04
C SER A 250 -2.77 19.33 2.50
N GLY A 251 -2.58 18.75 1.32
CA GLY A 251 -3.54 17.84 0.73
C GLY A 251 -3.14 16.38 0.88
N ASN A 252 -2.39 16.07 1.93
CA ASN A 252 -1.91 14.71 2.22
C ASN A 252 -0.97 14.12 1.17
N TYR A 253 -0.35 15.00 0.36
CA TYR A 253 0.59 14.57 -0.67
C TYR A 253 2.05 14.80 -0.22
N CYS A 254 2.23 15.17 1.05
CA CYS A 254 3.57 15.49 1.58
C CYS A 254 4.48 14.27 1.67
N THR A 255 4.11 13.18 2.36
CA THR A 255 2.94 13.05 3.23
C THR A 255 3.43 13.08 4.67
N ASP A 256 2.74 13.82 5.54
CA ASP A 256 3.16 14.01 6.92
C ASP A 256 2.32 13.17 7.89
N LYS A 257 3.00 12.32 8.65
CA LYS A 257 2.41 11.56 9.77
C LYS A 257 1.33 10.54 9.37
N LYS A 258 1.34 10.14 8.10
CA LYS A 258 0.52 9.03 7.62
C LYS A 258 1.40 8.12 6.75
N PRO A 259 1.09 6.83 6.72
CA PRO A 259 1.80 5.92 5.82
C PRO A 259 1.51 6.28 4.37
N ALA A 260 2.54 6.34 3.54
CA ALA A 260 2.39 6.73 2.14
C ALA A 260 3.56 6.25 1.29
N ALA A 261 3.23 5.61 0.17
CA ALA A 261 4.23 5.08 -0.75
C ALA A 261 5.10 6.18 -1.34
N ILE A 262 4.57 7.41 -1.40
CA ILE A 262 5.32 8.52 -1.97
C ILE A 262 6.56 8.85 -1.15
N ASN A 263 6.47 8.74 0.17
CA ASN A 263 7.62 8.93 1.05
C ASN A 263 8.65 7.82 0.90
N TRP A 264 8.17 6.61 0.66
CA TRP A 264 9.03 5.44 0.47
C TRP A 264 9.84 5.52 -0.83
N ILE A 265 9.22 6.02 -1.89
CA ILE A 265 9.81 6.01 -3.23
C ILE A 265 10.62 7.28 -3.51
N GLU A 266 10.05 8.44 -3.18
CA GLU A 266 10.68 9.73 -3.44
C GLU A 266 11.57 10.19 -2.29
N GLY A 267 11.33 9.68 -1.09
CA GLY A 267 12.02 10.13 0.11
C GLY A 267 11.35 11.36 0.71
N ARG A 268 11.55 11.56 2.00
CA ARG A 268 11.07 12.75 2.72
C ARG A 268 11.99 13.01 3.90
N GLY A 269 12.47 14.25 4.02
CA GLY A 269 13.52 14.54 4.99
C GLY A 269 14.83 13.91 4.55
N LYS A 270 15.47 13.17 5.44
CA LYS A 270 16.78 12.55 5.17
C LYS A 270 16.62 11.11 4.69
N SER A 271 17.12 10.82 3.49
CA SER A 271 17.28 9.44 3.03
C SER A 271 18.68 8.97 3.42
N VAL A 272 18.76 7.80 4.05
CA VAL A 272 20.02 7.33 4.65
C VAL A 272 20.21 5.83 4.43
N VAL A 273 21.47 5.40 4.37
CA VAL A 273 21.82 3.97 4.32
C VAL A 273 23.00 3.70 5.26
N CYS A 274 22.95 2.60 6.00
CA CYS A 274 24.07 2.14 6.82
C CYS A 274 24.42 0.72 6.43
N GLU A 275 25.61 0.28 6.85
CA GLU A 275 26.07 -1.07 6.58
C GLU A 275 27.17 -1.48 7.55
N ALA A 276 27.34 -2.79 7.70
CA ALA A 276 28.41 -3.34 8.52
C ALA A 276 28.66 -4.80 8.14
N VAL A 277 29.84 -5.30 8.49
CA VAL A 277 30.16 -6.71 8.34
C VAL A 277 30.53 -7.25 9.72
N ILE A 278 29.77 -8.25 10.18
CA ILE A 278 29.99 -8.87 11.48
C ILE A 278 30.73 -10.20 11.25
N PRO A 279 31.96 -10.31 11.76
CA PRO A 279 32.71 -11.57 11.64
C PRO A 279 31.92 -12.77 12.15
N ALA A 280 32.18 -13.95 11.60
CA ALA A 280 31.45 -15.17 11.96
C ALA A 280 31.56 -15.46 13.47
N LYS A 281 32.75 -15.22 14.02
CA LYS A 281 33.02 -15.41 15.44
C LYS A 281 32.16 -14.50 16.31
N VAL A 282 31.97 -13.25 15.86
CA VAL A 282 31.15 -12.27 16.58
C VAL A 282 29.66 -12.63 16.54
N VAL A 283 29.21 -13.23 15.44
CA VAL A 283 27.82 -13.65 15.31
C VAL A 283 27.53 -14.80 16.28
N ARG A 284 28.52 -15.67 16.48
CA ARG A 284 28.37 -16.85 17.33
C ARG A 284 28.38 -16.52 18.82
N GLU A 285 29.35 -15.69 19.22
CA GLU A 285 29.63 -15.44 20.63
C GLU A 285 28.78 -14.32 21.23
N VAL A 286 28.62 -13.24 20.47
CA VAL A 286 27.82 -12.09 20.92
C VAL A 286 26.33 -12.30 20.64
N LEU A 287 26.00 -12.65 19.40
CA LEU A 287 24.60 -12.75 18.96
C LEU A 287 23.97 -14.15 19.15
N LYS A 288 24.77 -15.12 19.57
CA LYS A 288 24.27 -16.46 19.91
C LYS A 288 23.51 -17.14 18.76
N THR A 289 24.04 -16.99 17.54
CA THR A 289 23.41 -17.54 16.34
C THR A 289 24.47 -17.75 15.24
N THR A 290 24.03 -18.01 14.01
CA THR A 290 24.95 -18.11 12.87
C THR A 290 24.56 -17.11 11.78
N THR A 291 25.47 -16.91 10.84
CA THR A 291 25.22 -16.05 9.68
C THR A 291 24.17 -16.66 8.76
N GLU A 292 24.22 -17.98 8.60
CA GLU A 292 23.26 -18.69 7.75
C GLU A 292 21.84 -18.59 8.30
N ALA A 293 21.70 -18.69 9.62
CA ALA A 293 20.40 -18.61 10.28
C ALA A 293 19.83 -17.19 10.23
N MET A 294 20.71 -16.20 10.31
CA MET A 294 20.30 -14.79 10.29
C MET A 294 19.76 -14.39 8.93
N ILE A 295 20.40 -14.88 7.86
CA ILE A 295 19.99 -14.57 6.49
C ILE A 295 18.66 -15.23 6.16
N GLU A 296 18.45 -16.45 6.66
CA GLU A 296 17.22 -17.20 6.39
C GLU A 296 16.01 -16.55 7.08
N VAL A 297 16.22 -16.03 8.27
CA VAL A 297 15.15 -15.32 8.99
C VAL A 297 14.88 -13.97 8.32
N ASN A 298 15.93 -13.29 7.85
CA ASN A 298 15.76 -11.98 7.23
C ASN A 298 14.98 -12.06 5.92
N ILE A 299 15.28 -13.08 5.12
CA ILE A 299 14.59 -13.29 3.85
C ILE A 299 13.11 -13.57 4.10
N ASN A 300 12.83 -14.48 5.03
CA ASN A 300 11.48 -15.01 5.19
C ASN A 300 10.60 -14.23 6.18
N LYS A 301 11.21 -13.29 6.91
CA LYS A 301 10.47 -12.43 7.83
C LYS A 301 10.40 -11.03 7.24
N ASN A 302 11.57 -10.39 7.11
CA ASN A 302 11.63 -8.99 6.69
C ASN A 302 11.28 -8.74 5.22
N LEU A 303 11.47 -9.73 4.35
CA LEU A 303 11.09 -9.58 2.95
C LEU A 303 9.78 -10.32 2.63
N VAL A 304 9.78 -11.65 2.73
CA VAL A 304 8.61 -12.45 2.36
C VAL A 304 7.47 -12.24 3.36
N GLY A 305 7.79 -12.20 4.65
CA GLY A 305 6.77 -11.99 5.68
C GLY A 305 6.05 -10.67 5.53
N SER A 306 6.82 -9.58 5.37
CA SER A 306 6.26 -8.26 5.17
C SER A 306 5.48 -8.19 3.85
N ALA A 307 5.92 -8.94 2.85
CA ALA A 307 5.23 -9.01 1.56
C ALA A 307 3.85 -9.63 1.71
N MET A 308 3.76 -10.72 2.47
CA MET A 308 2.49 -11.41 2.68
C MET A 308 1.52 -10.53 3.50
N ALA A 309 2.07 -9.67 4.35
CA ALA A 309 1.28 -8.79 5.20
C ALA A 309 0.78 -7.55 4.45
N GLY A 310 1.28 -7.32 3.24
CA GLY A 310 0.87 -6.17 2.45
C GLY A 310 1.51 -4.90 2.93
N SER A 311 2.81 -4.96 3.22
CA SER A 311 3.53 -3.82 3.77
C SER A 311 4.12 -2.95 2.67
N ILE A 312 4.09 -1.64 2.90
CA ILE A 312 4.80 -0.68 2.08
C ILE A 312 5.77 0.05 3.00
N GLY A 313 7.05 -0.27 2.86
CA GLY A 313 8.11 0.36 3.63
C GLY A 313 8.41 -0.29 4.97
N GLY A 314 7.76 -1.40 5.29
CA GLY A 314 7.93 -2.05 6.58
C GLY A 314 8.70 -3.36 6.47
N TYR A 315 9.80 -3.33 5.73
CA TYR A 315 10.61 -4.53 5.48
C TYR A 315 11.75 -4.62 6.49
N ASN A 316 11.38 -4.59 7.77
CA ASN A 316 12.33 -4.60 8.88
C ASN A 316 11.72 -5.27 10.11
N ALA A 317 12.53 -5.47 11.14
CA ALA A 317 12.09 -6.13 12.37
C ALA A 317 11.43 -5.17 13.35
N HIS A 318 12.17 -4.13 13.77
CA HIS A 318 11.63 -3.16 14.73
C HIS A 318 12.36 -1.81 14.68
N ALA A 319 12.56 -1.28 13.48
CA ALA A 319 13.13 0.05 13.30
C ALA A 319 12.36 1.11 14.09
N ALA A 320 11.04 0.96 14.18
CA ALA A 320 10.18 1.90 14.89
C ALA A 320 10.47 1.99 16.39
N ASN A 321 10.94 0.90 16.99
CA ASN A 321 11.36 0.91 18.39
C ASN A 321 12.55 1.84 18.64
N ILE A 322 13.54 1.78 17.77
CA ILE A 322 14.75 2.60 17.92
C ILE A 322 14.47 4.05 17.56
N VAL A 323 13.76 4.27 16.45
CA VAL A 323 13.42 5.62 16.00
C VAL A 323 12.63 6.37 17.07
N THR A 324 11.62 5.71 17.62
CA THR A 324 10.77 6.32 18.63
C THR A 324 11.55 6.65 19.90
N ALA A 325 12.45 5.76 20.31
CA ALA A 325 13.22 5.94 21.54
C ALA A 325 14.19 7.12 21.42
N ILE A 326 14.89 7.20 20.29
CA ILE A 326 15.83 8.30 20.05
C ILE A 326 15.07 9.62 19.88
N TYR A 327 13.91 9.56 19.24
CA TYR A 327 13.13 10.75 18.95
C TYR A 327 12.62 11.42 20.23
N ILE A 328 12.11 10.63 21.16
CA ILE A 328 11.60 11.15 22.43
C ILE A 328 12.76 11.74 23.26
N ALA A 329 13.90 11.07 23.25
CA ALA A 329 15.08 11.53 24.00
C ALA A 329 15.68 12.82 23.45
N CYS A 330 15.60 13.00 22.13
CA CYS A 330 16.29 14.09 21.43
C CYS A 330 15.34 15.22 20.97
N GLY A 331 14.13 15.26 21.52
CA GLY A 331 13.20 16.35 21.28
C GLY A 331 12.59 16.40 19.90
N GLN A 332 12.52 15.26 19.23
CA GLN A 332 11.89 15.16 17.91
C GLN A 332 10.38 15.05 18.04
N ASP A 333 9.71 15.14 16.89
CA ASP A 333 8.27 14.91 16.80
C ASP A 333 8.05 13.40 16.74
N ALA A 334 7.62 12.81 17.85
CA ALA A 334 7.46 11.36 17.94
C ALA A 334 6.36 10.81 17.03
N ALA A 335 5.40 11.65 16.65
CA ALA A 335 4.33 11.26 15.72
C ALA A 335 4.87 10.99 14.31
N GLN A 336 6.00 11.58 13.97
CA GLN A 336 6.65 11.33 12.69
C GLN A 336 7.39 9.99 12.63
N ASN A 337 7.30 9.18 13.68
CA ASN A 337 7.78 7.80 13.63
C ASN A 337 7.03 6.94 12.60
N VAL A 338 5.86 7.40 12.17
CA VAL A 338 5.06 6.71 11.16
C VAL A 338 5.88 6.53 9.88
N GLY A 339 6.38 7.65 9.34
CA GLY A 339 7.18 7.65 8.13
C GLY A 339 8.68 7.49 8.36
N SER A 340 9.17 8.00 9.49
CA SER A 340 10.60 7.98 9.80
C SER A 340 11.15 6.57 10.01
N SER A 341 10.28 5.67 10.43
CA SER A 341 10.66 4.28 10.70
C SER A 341 10.67 3.39 9.44
N ASN A 342 10.28 3.94 8.29
CA ASN A 342 10.39 3.22 7.02
C ASN A 342 11.81 2.69 6.87
N CYS A 343 11.93 1.39 6.59
CA CYS A 343 13.24 0.73 6.58
C CYS A 343 13.19 -0.63 5.88
N ILE A 344 14.20 -0.90 5.06
CA ILE A 344 14.42 -2.24 4.52
C ILE A 344 15.76 -2.76 5.02
N THR A 345 15.73 -3.90 5.68
CA THR A 345 16.92 -4.54 6.24
C THR A 345 17.30 -5.71 5.35
N LEU A 346 18.53 -5.69 4.86
CA LEU A 346 19.04 -6.75 3.99
C LEU A 346 20.22 -7.45 4.65
N MET A 347 20.37 -8.74 4.37
CA MET A 347 21.44 -9.55 4.93
C MET A 347 21.92 -10.57 3.91
N GLU A 348 23.24 -10.71 3.78
CA GLU A 348 23.84 -11.75 2.94
C GLU A 348 25.19 -12.21 3.49
N ALA A 349 25.70 -13.30 2.92
CA ALA A 349 26.99 -13.86 3.32
C ALA A 349 28.13 -13.05 2.71
N SER A 350 29.28 -13.04 3.39
CA SER A 350 30.42 -12.21 2.99
C SER A 350 31.75 -12.81 3.47
N GLY A 351 32.84 -12.20 3.05
CA GLY A 351 34.17 -12.65 3.43
C GLY A 351 34.67 -13.78 2.55
N PRO A 352 35.88 -14.29 2.83
CA PRO A 352 36.50 -15.31 1.98
C PRO A 352 35.85 -16.68 2.08
N THR A 353 35.43 -17.08 3.29
CA THR A 353 34.78 -18.38 3.51
C THR A 353 33.25 -18.30 3.48
N ASN A 354 32.71 -17.11 3.21
CA ASN A 354 31.26 -16.90 3.10
C ASN A 354 30.53 -17.14 4.43
N GLU A 355 31.19 -16.85 5.54
CA GLU A 355 30.64 -17.07 6.88
C GLU A 355 30.34 -15.78 7.65
N ASP A 356 30.80 -14.63 7.13
CA ASP A 356 30.58 -13.33 7.77
C ASP A 356 29.25 -12.73 7.31
N LEU A 357 28.62 -11.96 8.19
CA LEU A 357 27.28 -11.41 7.94
C LEU A 357 27.33 -9.94 7.52
N TYR A 358 27.15 -9.69 6.22
CA TYR A 358 26.90 -8.34 5.73
C TYR A 358 25.45 -7.94 6.06
N ILE A 359 25.28 -6.75 6.61
CA ILE A 359 23.96 -6.21 6.89
C ILE A 359 23.88 -4.75 6.44
N SER A 360 22.71 -4.35 5.96
CA SER A 360 22.46 -2.96 5.61
C SER A 360 21.03 -2.57 5.99
N CYS A 361 20.84 -1.33 6.40
CA CYS A 361 19.51 -0.77 6.57
C CYS A 361 19.39 0.48 5.72
N THR A 362 18.28 0.63 5.03
CA THR A 362 18.02 1.78 4.17
C THR A 362 16.71 2.43 4.63
N MET A 363 16.80 3.71 5.00
CA MET A 363 15.69 4.45 5.57
C MET A 363 15.49 5.73 4.77
N PRO A 364 14.58 5.70 3.79
CA PRO A 364 14.44 6.80 2.83
C PRO A 364 13.75 8.07 3.34
N SER A 365 13.18 8.05 4.55
CA SER A 365 12.35 9.16 4.99
C SER A 365 12.43 9.48 6.49
N ILE A 366 13.66 9.61 6.99
CA ILE A 366 13.88 10.04 8.38
C ILE A 366 13.64 11.54 8.51
N GLU A 367 12.53 11.92 9.15
CA GLU A 367 12.17 13.31 9.38
C GLU A 367 12.73 13.77 10.73
N ILE A 368 13.71 14.67 10.68
CA ILE A 368 14.54 14.94 11.86
C ILE A 368 15.19 16.34 11.83
N GLY A 369 15.51 16.85 13.02
CA GLY A 369 16.14 18.14 13.18
C GLY A 369 16.79 18.32 14.55
N THR A 370 17.72 19.26 14.64
CA THR A 370 18.40 19.57 15.90
C THR A 370 18.15 21.01 16.38
N VAL A 371 17.27 21.73 15.69
CA VAL A 371 16.80 23.04 16.13
C VAL A 371 15.27 23.13 15.98
N GLY A 372 14.64 23.94 16.84
CA GLY A 372 13.20 24.11 16.82
C GLY A 372 12.46 23.00 17.54
N GLY A 373 11.21 23.25 17.87
CA GLY A 373 10.35 22.26 18.51
C GLY A 373 10.84 21.86 19.89
N GLY A 374 10.80 20.57 20.17
CA GLY A 374 11.24 20.02 21.44
C GLY A 374 12.74 20.04 21.67
N THR A 375 13.52 20.35 20.63
CA THR A 375 14.97 20.50 20.76
C THR A 375 15.38 21.84 21.38
N ASN A 376 14.41 22.72 21.62
CA ASN A 376 14.66 23.98 22.33
C ASN A 376 14.68 23.80 23.85
N LEU A 377 14.18 22.66 24.33
CA LEU A 377 14.14 22.36 25.76
C LEU A 377 15.50 21.82 26.21
N LEU A 378 15.91 22.17 27.42
CA LEU A 378 17.26 21.87 27.92
C LEU A 378 17.55 20.38 28.18
N PRO A 379 16.61 19.63 28.74
CA PRO A 379 16.81 18.18 28.91
C PRO A 379 16.98 17.46 27.57
N GLN A 380 16.20 17.86 26.58
CA GLN A 380 16.29 17.30 25.24
C GLN A 380 17.62 17.68 24.58
N GLN A 381 18.10 18.89 24.88
CA GLN A 381 19.38 19.38 24.35
C GLN A 381 20.58 18.64 24.95
N ALA A 382 20.39 18.08 26.14
CA ALA A 382 21.44 17.30 26.80
C ALA A 382 21.71 16.01 26.04
N CYS A 383 20.64 15.37 25.56
CA CYS A 383 20.75 14.14 24.78
C CYS A 383 21.33 14.41 23.38
N LEU A 384 21.00 15.56 22.81
CA LEU A 384 21.61 15.97 21.55
C LEU A 384 23.09 16.28 21.73
N GLN A 385 23.45 16.81 22.90
CA GLN A 385 24.84 17.19 23.19
C GLN A 385 25.73 15.95 23.38
N MET A 386 25.14 14.84 23.84
CA MET A 386 25.85 13.57 23.93
C MET A 386 26.38 13.17 22.56
N LEU A 387 25.52 13.28 21.55
CA LEU A 387 25.85 12.90 20.18
C LEU A 387 26.63 13.96 19.41
N GLY A 388 26.76 15.16 19.99
CA GLY A 388 27.51 16.24 19.38
C GLY A 388 26.80 16.89 18.20
N VAL A 389 25.47 16.91 18.25
CA VAL A 389 24.65 17.42 17.15
C VAL A 389 23.64 18.49 17.60
N GLN A 390 23.79 19.00 18.82
CA GLN A 390 22.86 20.01 19.34
C GLN A 390 22.98 21.33 18.58
N GLY A 391 21.82 21.90 18.22
CA GLY A 391 21.77 23.20 17.58
C GLY A 391 22.15 23.18 16.11
N ALA A 392 22.29 24.38 15.54
CA ALA A 392 22.64 24.54 14.14
C ALA A 392 24.15 24.59 13.95
N CYS A 393 24.65 23.84 12.97
CA CYS A 393 26.05 23.94 12.55
C CYS A 393 26.21 25.15 11.63
N LYS A 394 26.97 26.14 12.10
CA LYS A 394 27.11 27.41 11.38
C LYS A 394 28.00 27.28 10.14
N ASP A 395 29.06 26.50 10.24
CA ASP A 395 30.02 26.34 9.15
C ASP A 395 29.45 25.53 7.99
N ASN A 396 28.70 24.48 8.32
CA ASN A 396 28.06 23.62 7.33
C ASN A 396 26.58 23.40 7.68
N PRO A 397 25.71 24.31 7.25
CA PRO A 397 24.27 24.21 7.54
C PRO A 397 23.67 22.85 7.18
N GLY A 398 23.01 22.23 8.16
CA GLY A 398 22.36 20.94 7.99
C GLY A 398 23.22 19.75 8.37
N GLU A 399 24.45 19.99 8.83
CA GLU A 399 25.38 18.92 9.13
C GLU A 399 25.02 18.18 10.43
N ASN A 400 24.50 18.92 11.41
CA ASN A 400 24.07 18.34 12.68
C ASN A 400 22.83 17.46 12.53
N ALA A 401 21.87 17.92 11.72
CA ALA A 401 20.64 17.15 11.47
C ALA A 401 20.94 15.91 10.65
N ARG A 402 21.85 16.04 9.69
CA ARG A 402 22.29 14.92 8.86
C ARG A 402 23.04 13.88 9.69
N GLN A 403 23.86 14.35 10.63
CA GLN A 403 24.63 13.45 11.49
C GLN A 403 23.71 12.66 12.40
N LEU A 404 22.65 13.32 12.90
CA LEU A 404 21.67 12.66 13.76
C LEU A 404 20.89 11.60 12.99
N ALA A 405 20.64 11.86 11.70
CA ALA A 405 19.94 10.91 10.85
C ALA A 405 20.79 9.66 10.62
N ARG A 406 22.11 9.86 10.48
CA ARG A 406 23.04 8.75 10.33
C ARG A 406 23.10 7.92 11.60
N ILE A 407 23.04 8.58 12.75
CA ILE A 407 23.06 7.91 14.05
C ILE A 407 21.79 7.08 14.25
N VAL A 408 20.66 7.59 13.76
CA VAL A 408 19.39 6.88 13.87
C VAL A 408 19.43 5.62 13.02
N CYS A 409 19.93 5.74 11.79
CA CYS A 409 20.00 4.62 10.86
C CYS A 409 20.96 3.55 11.36
N GLY A 410 22.07 3.98 11.94
CA GLY A 410 23.08 3.07 12.47
C GLY A 410 22.60 2.34 13.72
N THR A 411 21.85 3.03 14.56
CA THR A 411 21.28 2.44 15.78
C THR A 411 20.15 1.48 15.43
N VAL A 412 19.39 1.81 14.39
CA VAL A 412 18.36 0.92 13.88
C VAL A 412 19.01 -0.39 13.44
N MET A 413 20.13 -0.30 12.73
CA MET A 413 20.85 -1.49 12.26
C MET A 413 21.34 -2.33 13.44
N ALA A 414 21.78 -1.68 14.51
CA ALA A 414 22.21 -2.38 15.72
C ALA A 414 21.03 -3.14 16.34
N GLY A 415 19.87 -2.48 16.38
CA GLY A 415 18.66 -3.09 16.88
C GLY A 415 18.15 -4.23 16.01
N GLU A 416 18.39 -4.13 14.71
CA GLU A 416 18.00 -5.18 13.78
C GLU A 416 18.86 -6.42 13.99
N LEU A 417 20.15 -6.22 14.21
CA LEU A 417 21.08 -7.33 14.43
C LEU A 417 20.69 -8.15 15.64
N SER A 418 20.35 -7.46 16.73
CA SER A 418 20.06 -8.12 18.00
C SER A 418 18.70 -8.83 18.02
N LEU A 419 17.66 -8.17 17.53
CA LEU A 419 16.32 -8.78 17.53
C LEU A 419 16.26 -9.96 16.57
N MET A 420 16.86 -9.82 15.39
CA MET A 420 16.87 -10.89 14.39
C MET A 420 17.69 -12.09 14.87
N ALA A 421 18.71 -11.83 15.68
CA ALA A 421 19.51 -12.89 16.29
C ALA A 421 18.74 -13.64 17.36
N ALA A 422 17.89 -12.91 18.08
CA ALA A 422 17.05 -13.49 19.13
C ALA A 422 15.95 -14.37 18.53
N LEU A 423 15.44 -13.97 17.37
CA LEU A 423 14.37 -14.71 16.69
C LEU A 423 14.93 -15.95 15.99
N ALA A 424 16.16 -15.86 15.51
CA ALA A 424 16.80 -16.95 14.78
C ALA A 424 17.16 -18.11 15.72
N ALA A 425 17.68 -17.76 16.90
CA ALA A 425 18.08 -18.74 17.89
C ALA A 425 16.89 -19.33 18.64
N GLY A 426 15.82 -18.54 18.76
CA GLY A 426 14.62 -18.97 19.47
C GLY A 426 14.80 -18.94 20.97
N GLU B 7 43.04 11.12 48.98
CA GLU B 7 41.72 10.51 49.34
C GLU B 7 41.43 9.23 48.54
N PRO B 8 41.70 9.22 47.23
CA PRO B 8 41.51 8.01 46.43
C PRO B 8 42.42 6.86 46.87
N ARG B 9 41.83 5.76 47.31
CA ARG B 9 42.58 4.61 47.83
C ARG B 9 43.04 3.70 46.69
N PRO B 10 44.04 2.85 46.94
CA PRO B 10 44.48 1.87 45.93
C PRO B 10 43.42 0.83 45.58
N ASN B 11 43.66 0.06 44.52
CA ASN B 11 42.70 -0.92 44.03
C ASN B 11 42.51 -2.12 44.98
N GLU B 12 43.57 -2.48 45.69
CA GLU B 12 43.52 -3.62 46.61
C GLU B 12 42.68 -3.33 47.85
N GLU B 13 42.81 -2.11 48.40
CA GLU B 13 42.09 -1.71 49.60
C GLU B 13 40.60 -1.52 49.34
N CYS B 14 40.24 -1.16 48.11
CA CYS B 14 38.83 -0.92 47.74
C CYS B 14 38.04 -2.22 47.60
N LEU B 15 38.70 -3.30 47.20
CA LEU B 15 38.03 -4.59 46.98
C LEU B 15 37.68 -5.29 48.29
N GLN B 16 38.58 -5.23 49.27
CA GLN B 16 38.37 -5.91 50.55
C GLN B 16 37.20 -5.33 51.36
N ILE B 17 36.91 -4.04 51.16
CA ILE B 17 35.77 -3.39 51.79
C ILE B 17 34.47 -3.82 51.09
N LEU B 18 34.52 -3.84 49.76
CA LEU B 18 33.38 -4.26 48.94
C LEU B 18 33.28 -5.78 48.95
N ALA B 25 30.33 -0.62 49.62
CA ALA B 25 29.69 0.33 48.71
C ALA B 25 29.39 1.65 49.43
N LYS B 26 28.72 1.54 50.58
CA LYS B 26 28.41 2.72 51.40
C LYS B 26 29.68 3.30 52.05
N PHE B 27 30.61 2.41 52.41
CA PHE B 27 31.88 2.83 53.01
C PHE B 27 32.78 3.52 52.00
N LEU B 28 32.78 3.03 50.76
CA LEU B 28 33.59 3.61 49.69
C LEU B 28 32.97 4.90 49.16
N SER B 29 33.76 5.67 48.42
CA SER B 29 33.32 6.94 47.85
C SER B 29 32.96 6.78 46.36
N ASP B 30 32.49 7.86 45.75
CA ASP B 30 32.11 7.85 44.33
C ASP B 30 33.32 7.72 43.41
N ALA B 31 34.43 8.36 43.78
CA ALA B 31 35.65 8.32 42.98
C ALA B 31 36.31 6.94 42.99
N GLU B 32 36.18 6.22 44.11
CA GLU B 32 36.77 4.89 44.25
C GLU B 32 36.02 3.83 43.43
N ILE B 33 34.70 3.98 43.30
CA ILE B 33 33.88 3.05 42.53
C ILE B 33 34.17 3.16 41.02
N ILE B 34 34.46 4.38 40.58
CA ILE B 34 34.82 4.64 39.17
C ILE B 34 36.13 3.94 38.79
N GLN B 35 37.07 3.90 39.74
CA GLN B 35 38.37 3.25 39.51
C GLN B 35 38.23 1.73 39.37
N LEU B 36 37.23 1.15 40.04
CA LEU B 36 36.98 -0.30 39.98
C LEU B 36 36.44 -0.73 38.61
N VAL B 37 35.65 0.12 37.96
CA VAL B 37 35.06 -0.18 36.66
C VAL B 37 36.11 -0.17 35.56
N ASN B 38 37.00 0.81 35.60
CA ASN B 38 38.08 0.94 34.60
C ASN B 38 39.21 -0.08 34.79
N ALA B 39 39.29 -0.69 35.97
CA ALA B 39 40.31 -1.68 36.28
C ALA B 39 40.08 -3.02 35.57
N LYS B 40 38.83 -3.28 35.17
CA LYS B 40 38.44 -4.51 34.49
C LYS B 40 38.69 -5.75 35.37
N LEU B 50 25.22 -4.31 43.94
CA LEU B 50 26.51 -3.65 44.11
C LEU B 50 26.32 -2.31 44.82
N ILE B 51 25.48 -1.46 44.25
CA ILE B 51 25.21 -0.13 44.81
C ILE B 51 24.08 -0.23 45.84
N GLU B 52 24.10 0.70 46.80
CA GLU B 52 23.14 0.66 47.92
C GLU B 52 21.75 1.07 47.44
N THR B 53 21.65 2.27 46.88
CA THR B 53 20.39 2.79 46.37
C THR B 53 20.40 2.82 44.84
N HIS B 54 19.21 2.84 44.25
CA HIS B 54 19.07 2.84 42.79
C HIS B 54 19.44 4.20 42.18
N GLU B 55 19.17 5.28 42.91
CA GLU B 55 19.51 6.62 42.44
C GLU B 55 21.03 6.84 42.38
N ARG B 56 21.75 6.28 43.34
CA ARG B 56 23.21 6.37 43.37
C ARG B 56 23.85 5.60 42.21
N GLY B 57 23.23 4.49 41.83
CA GLY B 57 23.70 3.69 40.70
C GLY B 57 23.61 4.44 39.37
N VAL B 58 22.60 5.29 39.23
CA VAL B 58 22.42 6.11 38.03
C VAL B 58 23.48 7.21 37.97
N SER B 59 23.85 7.75 39.13
CA SER B 59 24.85 8.82 39.23
C SER B 59 26.24 8.36 38.80
N ILE B 60 26.59 7.11 39.15
CA ILE B 60 27.89 6.55 38.80
C ILE B 60 27.97 6.26 37.31
N ARG B 61 26.86 5.82 36.72
CA ARG B 61 26.78 5.57 35.28
C ARG B 61 26.90 6.86 34.46
N ARG B 62 26.44 7.98 35.04
CA ARG B 62 26.48 9.28 34.37
C ARG B 62 27.89 9.87 34.34
N GLN B 63 28.66 9.63 35.39
CA GLN B 63 30.03 10.15 35.48
C GLN B 63 30.98 9.41 34.57
N LEU B 64 30.79 8.09 34.45
CA LEU B 64 31.57 7.26 33.54
C LEU B 64 31.28 7.63 32.08
N LEU B 65 30.01 7.94 31.81
CA LEU B 65 29.56 8.31 30.47
C LEU B 65 30.08 9.68 30.06
N SER B 66 30.20 10.60 31.02
CA SER B 66 30.59 11.98 30.74
C SER B 66 32.04 12.09 30.26
N LYS B 67 32.90 11.23 30.78
CA LYS B 67 34.32 11.20 30.38
C LYS B 67 34.48 10.74 28.93
N LYS B 68 33.59 9.86 28.48
CA LYS B 68 33.61 9.35 27.11
C LYS B 68 33.14 10.39 26.08
N LEU B 69 32.31 11.33 26.52
CA LEU B 69 31.74 12.35 25.62
C LEU B 69 32.75 13.44 25.30
N SER B 70 32.56 14.10 24.15
CA SER B 70 33.41 15.21 23.72
C SER B 70 33.18 16.45 24.59
N GLU B 71 31.95 16.61 25.06
CA GLU B 71 31.60 17.68 26.00
C GLU B 71 31.19 17.04 27.33
N PRO B 72 32.07 17.08 28.33
CA PRO B 72 31.82 16.47 29.64
C PRO B 72 30.55 16.96 30.36
N SER B 73 30.15 18.21 30.14
CA SER B 73 28.97 18.78 30.78
C SER B 73 27.71 18.65 29.91
N SER B 74 27.61 17.55 29.16
CA SER B 74 26.48 17.31 28.27
C SER B 74 25.22 16.94 29.06
N LEU B 75 25.39 16.15 30.11
CA LEU B 75 24.28 15.64 30.90
C LEU B 75 23.86 16.59 32.05
N GLN B 76 24.33 17.83 32.03
CA GLN B 76 24.06 18.79 33.09
C GLN B 76 22.56 19.01 33.31
N TYR B 77 21.83 19.18 32.21
CA TYR B 77 20.40 19.49 32.25
C TYR B 77 19.51 18.28 31.99
N LEU B 78 20.12 17.10 31.86
CA LEU B 78 19.36 15.84 31.85
C LEU B 78 19.11 15.45 33.31
N PRO B 79 17.85 15.51 33.76
CA PRO B 79 17.54 15.27 35.17
C PRO B 79 17.59 13.79 35.53
N TYR B 80 17.68 13.48 36.82
CA TYR B 80 17.75 12.10 37.28
C TYR B 80 17.39 11.90 38.76
N ARG B 81 17.67 12.90 39.59
CA ARG B 81 17.43 12.81 41.04
C ARG B 81 15.93 12.80 41.39
N ASP B 82 15.61 12.18 42.51
CA ASP B 82 14.24 12.15 43.06
C ASP B 82 13.22 11.48 42.13
N TYR B 83 13.67 10.50 41.35
CA TYR B 83 12.78 9.71 40.51
C TYR B 83 12.75 8.27 41.00
N ASN B 84 11.55 7.67 41.00
CA ASN B 84 11.36 6.31 41.49
C ASN B 84 11.88 5.27 40.49
N TYR B 85 13.14 4.87 40.66
CA TYR B 85 13.77 3.90 39.76
C TYR B 85 13.47 2.45 40.12
N SER B 86 12.79 2.22 41.24
CA SER B 86 12.49 0.86 41.70
C SER B 86 11.64 0.06 40.70
N LEU B 87 10.68 0.73 40.06
CA LEU B 87 9.78 0.10 39.10
C LEU B 87 10.36 0.06 37.67
N VAL B 88 11.43 0.80 37.44
CA VAL B 88 12.05 0.90 36.11
C VAL B 88 13.15 -0.15 35.89
N MET B 89 13.98 -0.39 36.90
CA MET B 89 15.11 -1.32 36.75
C MET B 89 14.61 -2.75 36.62
N GLY B 90 15.08 -3.45 35.59
CA GLY B 90 14.67 -4.81 35.32
C GLY B 90 13.22 -4.96 34.92
N ALA B 91 12.71 -3.99 34.15
CA ALA B 91 11.30 -3.98 33.76
C ALA B 91 11.00 -3.09 32.54
N CYS B 92 11.49 -1.85 32.59
CA CYS B 92 11.16 -0.84 31.58
C CYS B 92 12.37 -0.25 30.83
N CYS B 93 13.53 -0.17 31.48
CA CYS B 93 14.71 0.43 30.86
C CYS B 93 16.03 -0.09 31.46
N GLU B 94 17.08 -0.10 30.64
CA GLU B 94 18.42 -0.52 31.07
C GLU B 94 19.44 0.58 30.81
N ASN B 95 20.60 0.47 31.49
CA ASN B 95 21.67 1.46 31.36
C ASN B 95 21.17 2.88 31.59
N VAL B 96 20.36 3.06 32.64
CA VAL B 96 19.61 4.28 32.85
C VAL B 96 20.50 5.43 33.34
N ILE B 97 20.39 6.57 32.66
CA ILE B 97 21.18 7.77 32.98
C ILE B 97 20.29 8.97 33.35
N GLY B 98 19.00 8.72 33.60
CA GLY B 98 18.07 9.78 33.95
C GLY B 98 16.69 9.58 33.38
N TYR B 99 15.96 10.68 33.21
CA TYR B 99 14.65 10.66 32.57
C TYR B 99 14.44 11.90 31.69
N MET B 100 13.52 11.77 30.73
CA MET B 100 13.23 12.84 29.78
C MET B 100 11.82 13.38 30.05
N PRO B 101 11.73 14.58 30.61
CA PRO B 101 10.43 15.19 30.89
C PRO B 101 9.72 15.67 29.62
N ILE B 102 8.54 15.12 29.36
CA ILE B 102 7.71 15.51 28.22
C ILE B 102 6.54 16.31 28.77
N PRO B 103 6.41 17.58 28.40
CA PRO B 103 5.29 18.41 28.87
C PRO B 103 3.94 17.75 28.62
N VAL B 104 3.09 17.69 29.64
CA VAL B 104 1.75 17.12 29.53
C VAL B 104 0.73 18.25 29.62
N GLY B 105 -0.19 18.30 28.65
CA GLY B 105 -1.29 19.25 28.66
C GLY B 105 -2.62 18.52 28.71
N VAL B 106 -3.70 19.26 28.96
CA VAL B 106 -5.04 18.67 29.05
C VAL B 106 -5.97 19.28 28.01
N ALA B 107 -6.70 18.40 27.32
CA ALA B 107 -7.69 18.80 26.32
C ALA B 107 -9.02 18.19 26.71
N GLY B 108 -9.98 19.04 27.05
CA GLY B 108 -11.30 18.58 27.42
C GLY B 108 -12.27 19.70 27.79
N PRO B 109 -13.48 19.36 28.21
CA PRO B 109 -13.95 17.97 28.31
C PRO B 109 -14.28 17.35 26.95
N LEU B 110 -13.99 16.06 26.81
CA LEU B 110 -14.39 15.28 25.64
C LEU B 110 -15.70 14.59 25.99
N CYS B 111 -16.78 15.05 25.40
CA CYS B 111 -18.09 14.48 25.63
C CYS B 111 -18.25 13.24 24.75
N LEU B 112 -18.14 12.07 25.38
CA LEU B 112 -18.11 10.79 24.66
C LEU B 112 -18.95 9.74 25.41
N ASP B 113 -19.97 9.22 24.73
CA ASP B 113 -20.86 8.19 25.28
C ASP B 113 -21.51 8.63 26.60
N GLU B 114 -22.04 9.85 26.59
CA GLU B 114 -22.73 10.45 27.75
C GLU B 114 -21.84 10.58 29.01
N LYS B 115 -20.54 10.68 28.79
CA LYS B 115 -19.57 10.91 29.86
C LYS B 115 -18.69 12.11 29.50
N GLU B 116 -17.81 12.50 30.41
CA GLU B 116 -16.87 13.59 30.17
C GLU B 116 -15.46 13.17 30.56
N PHE B 117 -14.51 13.38 29.66
CA PHE B 117 -13.12 12.96 29.86
C PHE B 117 -12.16 14.13 29.74
N GLN B 118 -11.23 14.22 30.67
CA GLN B 118 -10.13 15.18 30.58
C GLN B 118 -8.91 14.40 30.09
N VAL B 119 -8.52 14.64 28.85
CA VAL B 119 -7.55 13.81 28.14
C VAL B 119 -6.13 14.37 28.26
N PRO B 120 -5.21 13.61 28.88
CA PRO B 120 -3.82 14.05 28.99
C PRO B 120 -3.06 13.82 27.68
N MET B 121 -2.16 14.74 27.34
CA MET B 121 -1.47 14.72 26.05
C MET B 121 -0.02 15.16 26.24
N ALA B 122 0.90 14.21 26.19
CA ALA B 122 2.33 14.49 26.32
C ALA B 122 2.92 14.82 24.95
N THR B 123 3.32 16.08 24.76
CA THR B 123 3.84 16.53 23.48
C THR B 123 4.77 17.75 23.60
N THR B 124 5.57 17.98 22.56
CA THR B 124 6.36 19.21 22.44
C THR B 124 6.04 19.98 21.15
N GLU B 125 4.91 19.64 20.52
CA GLU B 125 4.45 20.35 19.34
C GLU B 125 3.52 21.47 19.77
N GLY B 126 3.91 22.71 19.50
CA GLY B 126 3.12 23.87 19.84
C GLY B 126 1.78 23.86 19.14
N CYS B 127 0.74 24.22 19.88
CA CYS B 127 -0.64 24.33 19.41
C CYS B 127 -1.41 23.00 19.28
N LEU B 128 -0.76 21.87 19.53
CA LEU B 128 -1.43 20.57 19.39
C LEU B 128 -2.53 20.38 20.43
N VAL B 129 -2.20 20.66 21.70
CA VAL B 129 -3.14 20.51 22.80
C VAL B 129 -4.28 21.52 22.68
N ALA B 130 -3.94 22.76 22.34
CA ALA B 130 -4.92 23.84 22.22
C ALA B 130 -5.89 23.58 21.06
N SER B 131 -5.36 23.05 19.96
CA SER B 131 -6.15 22.75 18.78
C SER B 131 -7.08 21.57 19.03
N THR B 132 -6.57 20.55 19.71
CA THR B 132 -7.38 19.38 20.07
C THR B 132 -8.48 19.79 21.06
N ASN B 133 -8.17 20.79 21.87
CA ASN B 133 -9.13 21.32 22.85
C ASN B 133 -10.28 22.05 22.15
N ARG B 134 -9.97 22.69 21.02
CA ARG B 134 -10.98 23.38 20.21
C ARG B 134 -11.92 22.38 19.55
N GLY B 135 -11.36 21.25 19.11
CA GLY B 135 -12.16 20.18 18.54
C GLY B 135 -13.09 19.54 19.56
N CYS B 136 -12.62 19.45 20.80
CA CYS B 136 -13.43 18.94 21.90
C CYS B 136 -14.59 19.89 22.20
N ARG B 137 -14.33 21.19 22.08
CA ARG B 137 -15.34 22.22 22.33
C ARG B 137 -16.46 22.14 21.30
N ALA B 138 -16.11 21.85 20.06
CA ALA B 138 -17.09 21.74 18.97
C ALA B 138 -17.99 20.53 19.18
N ILE B 139 -17.39 19.41 19.60
CA ILE B 139 -18.13 18.18 19.89
C ILE B 139 -19.07 18.37 21.07
N GLY B 140 -18.62 19.10 22.09
CA GLY B 140 -19.38 19.29 23.32
C GLY B 140 -20.60 20.17 23.12
N LEU B 141 -20.47 21.18 22.26
CA LEU B 141 -21.58 22.08 21.95
C LEU B 141 -22.55 21.46 20.95
N GLY B 142 -22.15 20.37 20.29
CA GLY B 142 -22.99 19.67 19.34
C GLY B 142 -23.65 18.41 19.85
N GLY B 143 -23.79 18.28 21.18
CA GLY B 143 -24.49 17.15 21.77
C GLY B 143 -23.60 16.00 22.20
N GLY B 144 -22.40 15.91 21.63
CA GLY B 144 -21.41 14.93 22.04
C GLY B 144 -21.10 13.91 20.97
N ALA B 145 -20.25 12.95 21.33
CA ALA B 145 -19.82 11.89 20.41
C ALA B 145 -20.27 10.53 20.93
N SER B 146 -20.35 9.57 20.02
CA SER B 146 -20.68 8.19 20.36
C SER B 146 -19.67 7.25 19.69
N SER B 147 -19.18 6.27 20.44
CA SER B 147 -18.22 5.31 19.90
C SER B 147 -18.58 3.86 20.24
N ARG B 148 -18.06 2.94 19.43
CA ARG B 148 -18.28 1.51 19.61
C ARG B 148 -16.97 0.74 19.34
N VAL B 149 -16.66 -0.23 20.18
CA VAL B 149 -15.56 -1.15 19.94
C VAL B 149 -16.09 -2.31 19.09
N LEU B 150 -15.54 -2.44 17.88
CA LEU B 150 -16.02 -3.40 16.89
C LEU B 150 -15.31 -4.74 16.99
N ALA B 151 -14.06 -4.72 17.47
CA ALA B 151 -13.29 -5.94 17.65
C ALA B 151 -12.18 -5.75 18.69
N ASP B 152 -11.63 -6.87 19.16
CA ASP B 152 -10.61 -6.84 20.20
C ASP B 152 -9.79 -8.13 20.16
N GLY B 153 -8.49 -8.01 19.91
CA GLY B 153 -7.61 -9.16 19.85
C GLY B 153 -6.23 -8.82 19.33
N MET B 154 -5.24 -8.86 20.22
CA MET B 154 -3.84 -8.72 19.85
C MET B 154 -3.41 -9.94 19.03
N THR B 155 -2.44 -9.75 18.14
CA THR B 155 -2.01 -10.84 17.25
C THR B 155 -0.50 -11.09 17.29
N ARG B 156 -0.13 -12.31 16.94
CA ARG B 156 1.25 -12.69 16.69
C ARG B 156 1.27 -13.54 15.41
N GLY B 157 2.22 -13.29 14.54
CA GLY B 157 2.25 -13.89 13.22
C GLY B 157 3.56 -14.59 12.90
N PRO B 158 3.84 -15.71 13.56
CA PRO B 158 5.06 -16.47 13.30
C PRO B 158 5.15 -17.02 11.88
N VAL B 159 6.37 -17.35 11.46
CA VAL B 159 6.60 -18.06 10.21
C VAL B 159 7.21 -19.42 10.53
N VAL B 160 6.57 -20.47 10.02
CA VAL B 160 7.10 -21.83 10.11
C VAL B 160 7.45 -22.32 8.71
N ARG B 161 8.10 -23.49 8.63
CA ARG B 161 8.60 -24.00 7.36
C ARG B 161 8.62 -25.52 7.35
N LEU B 162 7.92 -26.11 6.39
CA LEU B 162 7.93 -27.55 6.19
C LEU B 162 8.83 -27.88 4.98
N PRO B 163 9.21 -29.15 4.82
CA PRO B 163 10.11 -29.54 3.72
C PRO B 163 9.64 -29.12 2.33
N ARG B 164 8.34 -29.19 2.07
CA ARG B 164 7.77 -28.83 0.76
C ARG B 164 6.51 -27.97 0.92
N ALA B 165 6.12 -27.32 -0.17
CA ALA B 165 4.84 -26.62 -0.24
C ALA B 165 3.65 -27.56 -0.13
N CYS B 166 3.82 -28.81 -0.55
CA CYS B 166 2.79 -29.84 -0.41
C CYS B 166 2.55 -30.13 1.08
N ASP B 167 3.61 -30.04 1.88
CA ASP B 167 3.53 -30.27 3.33
C ASP B 167 2.93 -29.08 4.06
N SER B 168 3.31 -27.87 3.67
CA SER B 168 2.78 -26.65 4.28
C SER B 168 1.28 -26.49 4.00
N ALA B 169 0.85 -26.98 2.84
CA ALA B 169 -0.56 -27.01 2.47
C ALA B 169 -1.33 -27.98 3.35
N GLU B 170 -0.69 -29.11 3.68
CA GLU B 170 -1.29 -30.11 4.58
C GLU B 170 -1.50 -29.54 5.98
N VAL B 171 -0.55 -28.72 6.44
CA VAL B 171 -0.66 -28.10 7.76
C VAL B 171 -1.74 -27.02 7.78
N LYS B 172 -1.89 -26.30 6.68
CA LYS B 172 -2.92 -25.26 6.55
C LYS B 172 -4.32 -25.89 6.60
N ALA B 173 -4.48 -27.01 5.91
CA ALA B 173 -5.76 -27.73 5.88
C ALA B 173 -6.08 -28.33 7.24
N TRP B 174 -5.04 -28.79 7.93
CA TRP B 174 -5.20 -29.38 9.26
C TRP B 174 -5.68 -28.35 10.27
N LEU B 175 -5.12 -27.14 10.19
CA LEU B 175 -5.52 -26.03 11.06
C LEU B 175 -6.93 -25.53 10.75
N GLU B 176 -7.41 -25.80 9.55
CA GLU B 176 -8.74 -25.37 9.11
C GLU B 176 -9.86 -26.31 9.57
N THR B 177 -9.52 -27.57 9.88
CA THR B 177 -10.52 -28.51 10.42
C THR B 177 -10.94 -28.08 11.83
N SER B 178 -12.12 -28.54 12.24
CA SER B 178 -12.66 -28.19 13.56
C SER B 178 -11.83 -28.82 14.69
N GLU B 179 -11.43 -30.07 14.51
CA GLU B 179 -10.68 -30.81 15.54
C GLU B 179 -9.21 -30.39 15.60
N GLY B 180 -8.64 -29.99 14.46
CA GLY B 180 -7.28 -29.50 14.41
C GLY B 180 -7.14 -28.15 15.09
N PHE B 181 -8.09 -27.25 14.82
CA PHE B 181 -8.14 -25.94 15.46
C PHE B 181 -8.43 -26.07 16.95
N ALA B 182 -9.17 -27.10 17.35
CA ALA B 182 -9.52 -27.32 18.75
C ALA B 182 -8.31 -27.69 19.58
N VAL B 183 -7.40 -28.47 19.00
CA VAL B 183 -6.18 -28.90 19.67
C VAL B 183 -5.23 -27.72 19.87
N ILE B 184 -5.13 -26.86 18.86
CA ILE B 184 -4.26 -25.69 18.92
C ILE B 184 -4.83 -24.61 19.84
N LYS B 185 -6.17 -24.53 19.89
CA LYS B 185 -6.87 -23.58 20.74
C LYS B 185 -6.75 -23.98 22.22
N GLU B 186 -6.65 -25.29 22.47
CA GLU B 186 -6.52 -25.79 23.83
C GLU B 186 -5.14 -25.47 24.39
N ALA B 187 -4.11 -25.61 23.56
CA ALA B 187 -2.73 -25.30 23.96
C ALA B 187 -2.53 -23.80 24.17
N PHE B 188 -3.13 -23.00 23.29
CA PHE B 188 -3.01 -21.55 23.34
C PHE B 188 -3.70 -20.99 24.59
N ASP B 189 -4.93 -21.42 24.84
CA ASP B 189 -5.74 -20.92 25.95
C ASP B 189 -5.23 -21.38 27.32
N SER B 190 -4.43 -22.44 27.34
CA SER B 190 -3.88 -22.97 28.59
C SER B 190 -2.80 -22.08 29.21
N THR B 191 -2.18 -21.22 28.40
CA THR B 191 -1.09 -20.36 28.87
C THR B 191 -1.55 -19.19 29.75
N SER B 192 -2.81 -18.79 29.63
CA SER B 192 -3.35 -17.66 30.39
C SER B 192 -4.87 -17.71 30.50
N ARG B 193 -5.41 -17.17 31.61
CA ARG B 193 -6.86 -17.18 31.83
C ARG B 193 -7.62 -16.17 30.98
N PHE B 194 -6.91 -15.20 30.39
CA PHE B 194 -7.50 -14.23 29.48
C PHE B 194 -7.42 -14.69 28.01
N ALA B 195 -6.60 -15.71 27.75
CA ALA B 195 -6.39 -16.20 26.39
C ALA B 195 -7.60 -16.95 25.84
N ARG B 196 -8.19 -16.42 24.77
CA ARG B 196 -9.26 -17.08 24.03
C ARG B 196 -8.99 -16.97 22.53
N LEU B 197 -8.52 -18.06 21.92
CA LEU B 197 -8.05 -18.03 20.55
C LEU B 197 -9.21 -17.97 19.54
N GLN B 198 -9.18 -16.93 18.70
CA GLN B 198 -10.18 -16.74 17.65
C GLN B 198 -9.75 -17.52 16.40
N LYS B 199 -10.57 -17.44 15.35
CA LYS B 199 -10.28 -18.12 14.08
C LYS B 199 -8.88 -17.73 13.57
N LEU B 200 -8.09 -18.74 13.22
CA LEU B 200 -6.74 -18.51 12.68
C LEU B 200 -6.82 -18.00 11.25
N HIS B 201 -5.90 -17.12 10.89
CA HIS B 201 -5.72 -16.74 9.49
C HIS B 201 -4.36 -17.21 9.02
N THR B 202 -4.35 -18.11 8.03
CA THR B 202 -3.12 -18.66 7.50
C THR B 202 -2.87 -18.20 6.08
N SER B 203 -1.59 -18.15 5.70
CA SER B 203 -1.17 -17.74 4.37
C SER B 203 0.11 -18.47 3.99
N ILE B 204 0.07 -19.18 2.87
CA ILE B 204 1.22 -19.94 2.40
C ILE B 204 2.09 -19.07 1.48
N ALA B 205 3.40 -19.33 1.53
CA ALA B 205 4.34 -18.79 0.56
C ALA B 205 5.34 -19.91 0.26
N GLY B 206 4.95 -20.82 -0.62
CA GLY B 206 5.75 -21.98 -0.95
C GLY B 206 5.71 -22.97 0.20
N ARG B 207 6.87 -23.37 0.70
CA ARG B 207 6.96 -24.26 1.85
C ARG B 207 6.84 -23.51 3.19
N ASN B 208 6.79 -22.18 3.13
CA ASN B 208 6.51 -21.36 4.32
C ASN B 208 5.02 -21.32 4.65
N LEU B 209 4.71 -21.15 5.93
CA LEU B 209 3.33 -20.95 6.39
C LEU B 209 3.32 -19.88 7.47
N TYR B 210 2.59 -18.80 7.21
CA TYR B 210 2.45 -17.70 8.16
C TYR B 210 1.12 -17.85 8.89
N ILE B 211 1.19 -18.06 10.20
CA ILE B 211 0.00 -18.27 11.02
C ILE B 211 -0.26 -17.06 11.90
N ARG B 212 -1.46 -16.50 11.80
CA ARG B 212 -1.82 -15.30 12.55
C ARG B 212 -2.75 -15.67 13.70
N PHE B 213 -2.15 -15.83 14.88
CA PHE B 213 -2.90 -16.08 16.11
C PHE B 213 -3.51 -14.77 16.59
N GLN B 214 -4.74 -14.82 17.07
CA GLN B 214 -5.43 -13.65 17.60
C GLN B 214 -6.25 -14.00 18.83
N SER B 215 -6.23 -13.13 19.83
CA SER B 215 -6.94 -13.37 21.08
C SER B 215 -7.00 -12.13 21.95
N ARG B 216 -8.07 -12.02 22.74
CA ARG B 216 -8.18 -10.99 23.75
C ARG B 216 -7.10 -11.20 24.80
N SER B 217 -6.81 -10.15 25.57
CA SER B 217 -5.72 -10.20 26.55
C SER B 217 -6.10 -9.41 27.81
N GLY B 218 -7.38 -9.43 28.16
CA GLY B 218 -7.88 -8.64 29.27
C GLY B 218 -7.63 -7.17 29.03
N ASP B 219 -7.05 -6.49 30.02
CA ASP B 219 -6.74 -5.06 29.92
C ASP B 219 -5.33 -4.80 29.42
N ALA B 220 -4.50 -5.84 29.32
CA ALA B 220 -3.14 -5.70 28.80
C ALA B 220 -3.16 -5.50 27.29
N MET B 221 -2.12 -4.83 26.78
CA MET B 221 -1.91 -4.73 25.33
C MET B 221 -1.79 -6.12 24.73
N GLY B 222 -1.10 -6.99 25.46
CA GLY B 222 -1.15 -8.42 25.20
C GLY B 222 -0.07 -9.02 24.32
N MET B 223 0.97 -8.25 23.99
CA MET B 223 2.04 -8.77 23.13
C MET B 223 2.78 -9.93 23.78
N ASN B 224 3.08 -9.80 25.07
CA ASN B 224 3.74 -10.86 25.83
C ASN B 224 2.82 -12.07 26.07
N MET B 225 1.54 -11.81 26.28
CA MET B 225 0.56 -12.86 26.55
C MET B 225 0.30 -13.71 25.30
N ILE B 226 0.15 -13.06 24.16
CA ILE B 226 -0.13 -13.74 22.89
C ILE B 226 1.12 -14.44 22.37
N SER B 227 2.30 -13.93 22.73
CA SER B 227 3.56 -14.56 22.34
C SER B 227 3.75 -15.89 23.07
N LYS B 228 3.36 -15.92 24.34
CA LYS B 228 3.48 -17.12 25.17
C LYS B 228 2.50 -18.19 24.68
N GLY B 229 1.28 -17.78 24.35
CA GLY B 229 0.27 -18.68 23.81
C GLY B 229 0.64 -19.21 22.43
N THR B 230 1.36 -18.39 21.66
CA THR B 230 1.79 -18.77 20.32
C THR B 230 2.89 -19.84 20.37
N GLU B 231 3.80 -19.70 21.32
CA GLU B 231 4.89 -20.66 21.49
C GLU B 231 4.36 -22.03 21.90
N LYS B 232 3.37 -22.04 22.78
CA LYS B 232 2.74 -23.29 23.24
C LYS B 232 1.90 -23.92 22.13
N ALA B 233 1.30 -23.07 21.29
CA ALA B 233 0.46 -23.53 20.18
C ALA B 233 1.31 -24.18 19.10
N LEU B 234 2.47 -23.59 18.82
CA LEU B 234 3.39 -24.09 17.81
C LEU B 234 4.08 -25.38 18.28
N SER B 235 4.27 -25.51 19.59
CA SER B 235 4.84 -26.71 20.18
C SER B 235 3.88 -27.89 20.03
N LYS B 236 2.59 -27.61 20.19
CA LYS B 236 1.54 -28.63 20.02
C LYS B 236 1.44 -29.06 18.55
N LEU B 237 1.60 -28.09 17.64
CA LEU B 237 1.57 -28.36 16.21
C LEU B 237 2.79 -29.15 15.78
N HIS B 238 3.88 -29.01 16.53
CA HIS B 238 5.14 -29.72 16.27
C HIS B 238 5.01 -31.23 16.51
N GLU B 239 4.11 -31.60 17.42
CA GLU B 239 3.85 -33.02 17.73
C GLU B 239 3.21 -33.74 16.54
N TYR B 240 2.23 -33.10 15.91
CA TYR B 240 1.53 -33.66 14.76
C TYR B 240 2.37 -33.57 13.48
N PHE B 241 3.22 -32.55 13.42
CA PHE B 241 4.09 -32.30 12.27
C PHE B 241 5.53 -32.10 12.75
N PRO B 242 6.26 -33.19 12.98
CA PRO B 242 7.63 -33.11 13.49
C PRO B 242 8.65 -32.53 12.50
N GLU B 243 8.32 -32.52 11.21
CA GLU B 243 9.19 -31.94 10.19
C GLU B 243 9.10 -30.41 10.12
N MET B 244 8.13 -29.84 10.84
CA MET B 244 7.95 -28.38 10.88
C MET B 244 9.12 -27.72 11.63
N GLN B 245 9.51 -26.55 11.14
CA GLN B 245 10.60 -25.76 11.74
C GLN B 245 10.08 -24.36 12.04
N ILE B 246 10.10 -23.98 13.30
CA ILE B 246 9.74 -22.62 13.70
C ILE B 246 10.93 -21.71 13.38
N LEU B 247 10.84 -21.00 12.25
CA LEU B 247 11.90 -20.10 11.83
C LEU B 247 11.95 -18.83 12.69
N ALA B 248 10.77 -18.29 12.99
CA ALA B 248 10.67 -17.09 13.83
C ALA B 248 9.28 -16.96 14.48
N VAL B 249 9.25 -16.67 15.77
CA VAL B 249 8.00 -16.48 16.50
C VAL B 249 7.24 -15.26 15.96
N SER B 250 7.98 -14.30 15.40
CA SER B 250 7.40 -13.21 14.62
C SER B 250 7.99 -13.24 13.21
N GLY B 251 7.15 -13.56 12.23
CA GLY B 251 7.52 -13.51 10.83
C GLY B 251 6.96 -12.29 10.12
N ASN B 252 6.73 -11.22 10.86
CA ASN B 252 6.16 -9.97 10.34
C ASN B 252 4.73 -10.08 9.79
N TYR B 253 4.00 -11.12 10.21
CA TYR B 253 2.62 -11.31 9.80
C TYR B 253 1.63 -10.88 10.88
N CYS B 254 2.15 -10.26 11.94
CA CYS B 254 1.32 -9.86 13.08
C CYS B 254 0.33 -8.74 12.71
N THR B 255 0.76 -7.59 12.18
CA THR B 255 2.15 -7.14 12.08
C THR B 255 2.39 -6.10 13.16
N ASP B 256 3.55 -6.16 13.80
CA ASP B 256 3.87 -5.28 14.93
C ASP B 256 4.87 -4.20 14.54
N LYS B 257 4.48 -2.94 14.75
CA LYS B 257 5.36 -1.77 14.61
C LYS B 257 5.89 -1.52 13.19
N LYS B 258 5.22 -2.09 12.19
CA LYS B 258 5.48 -1.80 10.79
C LYS B 258 4.14 -1.55 10.10
N PRO B 259 4.13 -0.72 9.05
CA PRO B 259 2.91 -0.52 8.27
C PRO B 259 2.54 -1.81 7.53
N ALA B 260 1.26 -2.18 7.56
CA ALA B 260 0.82 -3.43 6.96
C ALA B 260 -0.68 -3.43 6.67
N ALA B 261 -1.04 -3.82 5.46
CA ALA B 261 -2.43 -3.86 5.04
C ALA B 261 -3.25 -4.87 5.86
N ILE B 262 -2.59 -5.89 6.40
CA ILE B 262 -3.30 -6.91 7.18
C ILE B 262 -3.90 -6.34 8.47
N ASN B 263 -3.21 -5.39 9.10
CA ASN B 263 -3.77 -4.70 10.27
C ASN B 263 -4.94 -3.80 9.90
N TRP B 264 -4.85 -3.19 8.72
CA TRP B 264 -5.91 -2.32 8.22
C TRP B 264 -7.20 -3.09 7.91
N ILE B 265 -7.07 -4.28 7.33
CA ILE B 265 -8.21 -5.04 6.85
C ILE B 265 -8.77 -5.99 7.91
N GLU B 266 -7.88 -6.70 8.60
CA GLU B 266 -8.28 -7.67 9.63
C GLU B 266 -8.43 -7.05 11.01
N GLY B 267 -7.73 -5.95 11.25
CA GLY B 267 -7.68 -5.31 12.56
C GLY B 267 -6.59 -5.90 13.44
N ARG B 268 -6.10 -5.12 14.39
CA ARG B 268 -5.12 -5.59 15.39
C ARG B 268 -5.34 -4.82 16.69
N GLY B 269 -5.48 -5.53 17.80
CA GLY B 269 -5.90 -4.94 19.05
C GLY B 269 -7.35 -4.50 18.96
N LYS B 270 -7.63 -3.25 19.33
CA LYS B 270 -8.99 -2.71 19.35
C LYS B 270 -9.34 -2.04 18.02
N SER B 271 -10.41 -2.51 17.38
CA SER B 271 -11.01 -1.79 16.26
C SER B 271 -12.12 -0.91 16.82
N VAL B 272 -12.13 0.36 16.43
CA VAL B 272 -13.02 1.36 17.03
C VAL B 272 -13.61 2.30 15.97
N VAL B 273 -14.83 2.76 16.22
CA VAL B 273 -15.46 3.79 15.40
C VAL B 273 -16.05 4.86 16.32
N CYS B 274 -16.01 6.11 15.87
CA CYS B 274 -16.54 7.23 16.63
C CYS B 274 -17.26 8.19 15.69
N GLU B 275 -18.21 8.94 16.21
CA GLU B 275 -18.99 9.86 15.39
C GLU B 275 -19.58 11.02 16.20
N ALA B 276 -19.93 12.07 15.50
CA ALA B 276 -20.56 13.25 16.10
C ALA B 276 -21.19 14.12 15.03
N VAL B 277 -22.19 14.91 15.42
CA VAL B 277 -22.79 15.89 14.54
C VAL B 277 -22.55 17.27 15.14
N ILE B 278 -21.89 18.13 14.38
CA ILE B 278 -21.57 19.50 14.81
C ILE B 278 -22.57 20.45 14.15
N PRO B 279 -23.40 21.13 14.94
CA PRO B 279 -24.33 22.13 14.40
C PRO B 279 -23.63 23.16 13.51
N ALA B 280 -24.33 23.68 12.50
CA ALA B 280 -23.76 24.64 11.56
C ALA B 280 -23.27 25.89 12.29
N LYS B 281 -23.98 26.29 13.34
CA LYS B 281 -23.61 27.42 14.18
C LYS B 281 -22.26 27.20 14.85
N VAL B 282 -22.04 25.98 15.34
CA VAL B 282 -20.80 25.61 16.01
C VAL B 282 -19.62 25.52 15.04
N VAL B 283 -19.87 25.09 13.80
CA VAL B 283 -18.84 25.01 12.78
C VAL B 283 -18.35 26.43 12.43
N ARG B 284 -19.26 27.39 12.47
CA ARG B 284 -18.96 28.78 12.11
C ARG B 284 -18.22 29.52 13.21
N GLU B 285 -18.70 29.39 14.45
CA GLU B 285 -18.23 30.18 15.57
C GLU B 285 -16.96 29.62 16.22
N VAL B 286 -16.95 28.31 16.42
CA VAL B 286 -15.83 27.62 17.06
C VAL B 286 -14.73 27.28 16.06
N LEU B 287 -15.10 26.67 14.94
CA LEU B 287 -14.14 26.18 13.95
C LEU B 287 -13.80 27.18 12.85
N LYS B 288 -14.50 28.31 12.81
CA LYS B 288 -14.19 29.42 11.89
C LYS B 288 -14.22 28.99 10.41
N THR B 289 -15.21 28.19 10.06
CA THR B 289 -15.36 27.67 8.69
C THR B 289 -16.82 27.30 8.41
N THR B 290 -17.08 26.59 7.31
CA THR B 290 -18.42 26.09 7.01
C THR B 290 -18.41 24.57 6.87
N THR B 291 -19.59 23.97 6.95
CA THR B 291 -19.74 22.54 6.74
C THR B 291 -19.37 22.14 5.32
N GLU B 292 -19.73 22.98 4.36
CA GLU B 292 -19.44 22.74 2.95
C GLU B 292 -17.93 22.73 2.69
N ALA B 293 -17.21 23.65 3.33
CA ALA B 293 -15.77 23.75 3.16
C ALA B 293 -15.04 22.58 3.81
N MET B 294 -15.58 22.09 4.92
CA MET B 294 -14.98 20.96 5.65
C MET B 294 -15.11 19.67 4.87
N ILE B 295 -16.27 19.46 4.25
CA ILE B 295 -16.52 18.26 3.46
C ILE B 295 -15.65 18.24 2.20
N GLU B 296 -15.45 19.42 1.60
CA GLU B 296 -14.67 19.54 0.37
C GLU B 296 -13.19 19.24 0.62
N VAL B 297 -12.67 19.72 1.74
CA VAL B 297 -11.28 19.46 2.11
C VAL B 297 -11.09 18.00 2.51
N ASN B 298 -12.07 17.42 3.19
CA ASN B 298 -11.97 16.02 3.62
C ASN B 298 -11.95 15.05 2.44
N ILE B 299 -12.81 15.29 1.45
CA ILE B 299 -12.85 14.45 0.26
C ILE B 299 -11.52 14.54 -0.49
N ASN B 300 -11.03 15.76 -0.69
CA ASN B 300 -9.89 15.98 -1.58
C ASN B 300 -8.52 15.86 -0.92
N LYS B 301 -8.48 15.81 0.41
CA LYS B 301 -7.24 15.63 1.16
C LYS B 301 -7.18 14.21 1.72
N ASN B 302 -8.11 13.90 2.61
CA ASN B 302 -8.10 12.63 3.33
C ASN B 302 -8.45 11.40 2.48
N LEU B 303 -9.21 11.59 1.39
CA LEU B 303 -9.52 10.47 0.51
C LEU B 303 -8.69 10.52 -0.79
N VAL B 304 -8.91 11.54 -1.61
CA VAL B 304 -8.23 11.63 -2.90
C VAL B 304 -6.74 11.92 -2.73
N GLY B 305 -6.39 12.80 -1.79
CA GLY B 305 -5.00 13.13 -1.54
C GLY B 305 -4.18 11.95 -1.04
N SER B 306 -4.71 11.22 -0.07
CA SER B 306 -4.04 10.03 0.45
C SER B 306 -3.97 8.94 -0.61
N ALA B 307 -4.98 8.89 -1.48
CA ALA B 307 -5.00 7.93 -2.58
C ALA B 307 -3.89 8.21 -3.58
N MET B 308 -3.70 9.48 -3.93
CA MET B 308 -2.64 9.88 -4.87
C MET B 308 -1.26 9.61 -4.28
N ALA B 309 -1.15 9.67 -2.96
CA ALA B 309 0.12 9.43 -2.27
C ALA B 309 0.44 7.95 -2.08
N GLY B 310 -0.52 7.08 -2.39
CA GLY B 310 -0.31 5.64 -2.28
C GLY B 310 -0.36 5.19 -0.83
N SER B 311 -1.35 5.67 -0.10
CA SER B 311 -1.48 5.38 1.31
C SER B 311 -2.35 4.16 1.56
N ILE B 312 -1.93 3.33 2.51
CA ILE B 312 -2.76 2.26 3.04
C ILE B 312 -3.02 2.56 4.51
N GLY B 313 -4.25 2.95 4.82
CA GLY B 313 -4.67 3.23 6.18
C GLY B 313 -4.47 4.66 6.65
N GLY B 314 -3.93 5.52 5.79
CA GLY B 314 -3.63 6.90 6.16
C GLY B 314 -4.61 7.91 5.58
N TYR B 315 -5.89 7.62 5.71
CA TYR B 315 -6.95 8.48 5.15
C TYR B 315 -7.45 9.46 6.21
N ASN B 316 -6.52 10.23 6.77
CA ASN B 316 -6.80 11.17 7.85
C ASN B 316 -5.81 12.34 7.83
N ALA B 317 -6.08 13.34 8.66
CA ALA B 317 -5.25 14.54 8.72
C ALA B 317 -4.04 14.34 9.63
N HIS B 318 -4.27 14.05 10.90
CA HIS B 318 -3.18 13.88 11.87
C HIS B 318 -3.55 13.03 13.09
N ALA B 319 -4.20 11.90 12.85
CA ALA B 319 -4.51 10.94 13.91
C ALA B 319 -3.26 10.57 14.72
N ALA B 320 -2.11 10.48 14.04
CA ALA B 320 -0.85 10.10 14.68
C ALA B 320 -0.41 11.10 15.76
N ASN B 321 -0.72 12.38 15.58
CA ASN B 321 -0.42 13.38 16.60
C ASN B 321 -1.13 13.11 17.92
N ILE B 322 -2.42 12.78 17.84
CA ILE B 322 -3.23 12.53 19.03
C ILE B 322 -2.88 11.18 19.67
N VAL B 323 -2.74 10.14 18.85
CA VAL B 323 -2.39 8.81 19.34
C VAL B 323 -1.07 8.87 20.10
N THR B 324 -0.07 9.50 19.48
CA THR B 324 1.27 9.59 20.06
C THR B 324 1.28 10.36 21.39
N ALA B 325 0.52 11.44 21.46
CA ALA B 325 0.48 12.28 22.66
C ALA B 325 -0.17 11.56 23.83
N ILE B 326 -1.28 10.86 23.56
CA ILE B 326 -1.97 10.09 24.59
C ILE B 326 -1.13 8.89 25.02
N TYR B 327 -0.43 8.28 24.07
CA TYR B 327 0.34 7.07 24.32
C TYR B 327 1.51 7.34 25.27
N ILE B 328 2.23 8.45 25.05
CA ILE B 328 3.36 8.81 25.90
C ILE B 328 2.87 9.18 27.31
N ALA B 329 1.75 9.89 27.38
CA ALA B 329 1.19 10.30 28.67
C ALA B 329 0.70 9.12 29.50
N CYS B 330 0.19 8.08 28.84
CA CYS B 330 -0.50 6.98 29.50
C CYS B 330 0.31 5.67 29.53
N GLY B 331 1.62 5.76 29.32
CA GLY B 331 2.51 4.62 29.47
C GLY B 331 2.39 3.53 28.43
N GLN B 332 1.93 3.91 27.23
CA GLN B 332 1.82 2.98 26.11
C GLN B 332 3.14 2.84 25.38
N ASP B 333 3.20 1.84 24.50
CA ASP B 333 4.34 1.67 23.59
C ASP B 333 4.16 2.68 22.45
N ALA B 334 4.95 3.76 22.49
CA ALA B 334 4.82 4.84 21.52
C ALA B 334 5.21 4.42 20.10
N ALA B 335 6.04 3.39 19.99
CA ALA B 335 6.43 2.84 18.68
C ALA B 335 5.26 2.18 17.96
N GLN B 336 4.26 1.74 18.72
CA GLN B 336 3.04 1.15 18.14
C GLN B 336 2.11 2.21 17.52
N ASN B 337 2.52 3.48 17.52
CA ASN B 337 1.80 4.51 16.77
C ASN B 337 1.81 4.29 15.25
N VAL B 338 2.73 3.47 14.76
CA VAL B 338 2.80 3.15 13.33
C VAL B 338 1.46 2.56 12.84
N GLY B 339 0.98 1.54 13.54
CA GLY B 339 -0.28 0.89 13.21
C GLY B 339 -1.49 1.44 13.93
N SER B 340 -1.29 1.93 15.16
CA SER B 340 -2.38 2.45 15.98
C SER B 340 -3.00 3.72 15.41
N SER B 341 -2.22 4.43 14.58
CA SER B 341 -2.66 5.68 13.95
C SER B 341 -3.54 5.45 12.72
N ASN B 342 -3.62 4.21 12.23
CA ASN B 342 -4.51 3.87 11.11
C ASN B 342 -5.89 4.46 11.34
N CYS B 343 -6.37 5.24 10.38
CA CYS B 343 -7.63 5.97 10.55
C CYS B 343 -8.18 6.44 9.20
N ILE B 344 -9.50 6.31 9.03
CA ILE B 344 -10.20 6.95 7.93
C ILE B 344 -11.23 7.93 8.50
N THR B 345 -11.14 9.18 8.07
CA THR B 345 -12.01 10.26 8.53
C THR B 345 -12.98 10.59 7.41
N LEU B 346 -14.27 10.49 7.70
CA LEU B 346 -15.32 10.77 6.74
C LEU B 346 -16.17 11.94 7.20
N MET B 347 -16.61 12.76 6.25
CA MET B 347 -17.45 13.91 6.54
C MET B 347 -18.54 14.05 5.48
N GLU B 348 -19.77 14.34 5.92
CA GLU B 348 -20.87 14.64 5.01
C GLU B 348 -21.85 15.62 5.64
N ALA B 349 -22.76 16.13 4.80
CA ALA B 349 -23.81 17.05 5.26
C ALA B 349 -24.88 16.28 6.02
N SER B 350 -25.52 16.96 6.97
CA SER B 350 -26.46 16.32 7.90
C SER B 350 -27.51 17.30 8.39
N GLY B 351 -28.55 16.77 9.02
CA GLY B 351 -29.60 17.60 9.62
C GLY B 351 -30.69 17.98 8.64
N PRO B 352 -31.73 18.64 9.14
CA PRO B 352 -32.90 19.00 8.32
C PRO B 352 -32.62 20.07 7.25
N THR B 353 -31.67 20.97 7.50
CA THR B 353 -31.29 22.00 6.51
C THR B 353 -30.06 21.59 5.70
N ASN B 354 -29.48 20.43 6.00
CA ASN B 354 -28.30 19.91 5.32
C ASN B 354 -27.06 20.79 5.50
N GLU B 355 -27.00 21.50 6.63
CA GLU B 355 -25.91 22.43 6.92
C GLU B 355 -25.04 21.99 8.10
N ASP B 356 -25.46 20.94 8.81
CA ASP B 356 -24.70 20.41 9.94
C ASP B 356 -23.64 19.43 9.43
N LEU B 357 -22.57 19.26 10.20
CA LEU B 357 -21.42 18.44 9.79
C LEU B 357 -21.37 17.11 10.53
N TYR B 358 -21.75 16.02 9.84
CA TYR B 358 -21.52 14.68 10.35
C TYR B 358 -20.05 14.31 10.14
N ILE B 359 -19.42 13.79 11.18
CA ILE B 359 -18.04 13.31 11.10
C ILE B 359 -17.91 11.95 11.76
N SER B 360 -17.12 11.06 11.17
CA SER B 360 -16.78 9.79 11.79
C SER B 360 -15.29 9.50 11.62
N CYS B 361 -14.71 8.83 12.61
CA CYS B 361 -13.35 8.32 12.52
C CYS B 361 -13.37 6.82 12.81
N THR B 362 -12.72 6.04 11.96
CA THR B 362 -12.66 4.59 12.10
C THR B 362 -11.20 4.16 12.19
N MET B 363 -10.85 3.54 13.31
CA MET B 363 -9.48 3.15 13.61
C MET B 363 -9.45 1.64 13.90
N PRO B 364 -9.08 0.84 12.90
CA PRO B 364 -9.21 -0.63 13.01
C PRO B 364 -8.12 -1.31 13.83
N SER B 365 -7.06 -0.61 14.24
CA SER B 365 -5.91 -1.27 14.86
C SER B 365 -5.22 -0.48 15.97
N ILE B 366 -6.02 0.01 16.92
CA ILE B 366 -5.50 0.67 18.12
C ILE B 366 -4.92 -0.37 19.09
N GLU B 367 -3.60 -0.38 19.24
CA GLU B 367 -2.91 -1.32 20.12
C GLU B 367 -2.66 -0.64 21.47
N ILE B 368 -3.39 -1.07 22.49
CA ILE B 368 -3.46 -0.34 23.75
C ILE B 368 -3.72 -1.22 24.97
N GLY B 369 -3.37 -0.69 26.14
CA GLY B 369 -3.54 -1.41 27.40
C GLY B 369 -3.39 -0.51 28.62
N THR B 370 -3.95 -0.96 29.74
CA THR B 370 -3.90 -0.21 30.99
C THR B 370 -3.18 -0.96 32.12
N VAL B 371 -2.60 -2.12 31.79
CA VAL B 371 -1.73 -2.86 32.70
C VAL B 371 -0.47 -3.34 31.97
N GLY B 372 0.63 -3.44 32.72
CA GLY B 372 1.91 -3.87 32.17
C GLY B 372 2.66 -2.77 31.44
N GLY B 373 3.96 -2.97 31.26
CA GLY B 373 4.80 -2.03 30.54
C GLY B 373 5.00 -0.72 31.27
N GLY B 374 4.87 0.39 30.54
CA GLY B 374 4.98 1.73 31.11
C GLY B 374 3.81 2.14 31.98
N THR B 375 2.70 1.39 31.93
CA THR B 375 1.54 1.67 32.77
C THR B 375 1.73 1.20 34.21
N ASN B 376 2.85 0.52 34.49
CA ASN B 376 3.20 0.13 35.85
C ASN B 376 3.85 1.28 36.63
N LEU B 377 4.30 2.32 35.92
CA LEU B 377 4.95 3.47 36.54
C LEU B 377 3.90 4.44 37.07
N LEU B 378 4.22 5.13 38.17
CA LEU B 378 3.27 5.97 38.89
C LEU B 378 2.84 7.25 38.15
N PRO B 379 3.78 7.97 37.53
CA PRO B 379 3.41 9.16 36.74
C PRO B 379 2.48 8.82 35.57
N GLN B 380 2.72 7.68 34.94
CA GLN B 380 1.90 7.22 33.82
C GLN B 380 0.53 6.79 34.32
N GLN B 381 0.47 6.25 35.54
CA GLN B 381 -0.78 5.83 36.16
C GLN B 381 -1.64 7.01 36.59
N ALA B 382 -1.03 8.17 36.79
CA ALA B 382 -1.76 9.38 37.14
C ALA B 382 -2.60 9.87 35.96
N CYS B 383 -2.05 9.74 34.74
CA CYS B 383 -2.76 10.11 33.52
C CYS B 383 -3.85 9.11 33.17
N LEU B 384 -3.63 7.83 33.48
CA LEU B 384 -4.64 6.80 33.30
C LEU B 384 -5.78 6.99 34.31
N GLN B 385 -5.44 7.47 35.50
CA GLN B 385 -6.42 7.72 36.56
C GLN B 385 -7.32 8.91 36.25
N MET B 386 -6.80 9.87 35.49
CA MET B 386 -7.60 11.01 35.01
C MET B 386 -8.78 10.50 34.20
N LEU B 387 -8.52 9.55 33.32
CA LEU B 387 -9.53 8.99 32.42
C LEU B 387 -10.39 7.89 33.07
N GLY B 388 -9.99 7.44 34.26
CA GLY B 388 -10.72 6.42 34.99
C GLY B 388 -10.54 5.02 34.43
N VAL B 389 -9.38 4.77 33.83
CA VAL B 389 -9.09 3.49 33.18
C VAL B 389 -7.80 2.83 33.68
N GLN B 390 -7.27 3.30 34.81
CA GLN B 390 -6.02 2.75 35.35
C GLN B 390 -6.22 1.31 35.85
N GLY B 391 -5.28 0.44 35.48
CA GLY B 391 -5.27 -0.94 35.97
C GLY B 391 -6.29 -1.83 35.30
N ALA B 392 -6.48 -3.01 35.88
CA ALA B 392 -7.38 -4.03 35.34
C ALA B 392 -8.76 -3.94 35.98
N CYS B 393 -9.80 -3.90 35.14
CA CYS B 393 -11.18 -3.96 35.61
C CYS B 393 -11.53 -5.39 36.02
N LYS B 394 -11.86 -5.57 37.30
CA LYS B 394 -12.13 -6.90 37.85
C LYS B 394 -13.48 -7.44 37.41
N ASP B 395 -14.51 -6.61 37.47
CA ASP B 395 -15.89 -7.01 37.17
C ASP B 395 -16.11 -7.33 35.69
N ASN B 396 -15.31 -6.71 34.82
CA ASN B 396 -15.43 -6.89 33.37
C ASN B 396 -14.06 -6.78 32.71
N PRO B 397 -13.35 -7.90 32.59
CA PRO B 397 -12.01 -7.92 31.98
C PRO B 397 -11.95 -7.23 30.62
N GLY B 398 -10.96 -6.35 30.45
CA GLY B 398 -10.76 -5.61 29.22
C GLY B 398 -11.61 -4.36 29.07
N GLU B 399 -12.33 -3.97 30.12
CA GLU B 399 -13.24 -2.82 30.07
C GLU B 399 -12.48 -1.50 30.06
N ASN B 400 -11.40 -1.42 30.86
CA ASN B 400 -10.59 -0.22 30.94
C ASN B 400 -9.76 0.03 29.68
N ALA B 401 -9.23 -1.06 29.08
CA ALA B 401 -8.46 -0.97 27.85
C ALA B 401 -9.36 -0.58 26.68
N ARG B 402 -10.57 -1.13 26.65
CA ARG B 402 -11.56 -0.80 25.62
C ARG B 402 -12.03 0.65 25.77
N GLN B 403 -12.11 1.13 27.00
CA GLN B 403 -12.53 2.49 27.28
C GLN B 403 -11.46 3.49 26.82
N LEU B 404 -10.19 3.14 27.03
CA LEU B 404 -9.08 4.00 26.63
C LEU B 404 -8.99 4.08 25.11
N ALA B 405 -9.32 2.98 24.44
CA ALA B 405 -9.33 2.92 22.98
C ALA B 405 -10.43 3.81 22.40
N ARG B 406 -11.57 3.86 23.09
CA ARG B 406 -12.68 4.72 22.68
C ARG B 406 -12.32 6.19 22.88
N ILE B 407 -11.57 6.48 23.95
CA ILE B 407 -11.13 7.84 24.25
C ILE B 407 -10.12 8.32 23.22
N VAL B 408 -9.25 7.41 22.77
CA VAL B 408 -8.25 7.75 21.75
C VAL B 408 -8.95 8.07 20.42
N CYS B 409 -9.90 7.24 20.02
CA CYS B 409 -10.62 7.43 18.77
C CYS B 409 -11.45 8.71 18.79
N GLY B 410 -11.99 9.04 19.96
CA GLY B 410 -12.79 10.25 20.13
C GLY B 410 -11.94 11.50 20.13
N THR B 411 -10.77 11.43 20.75
CA THR B 411 -9.83 12.55 20.77
C THR B 411 -9.22 12.77 19.39
N VAL B 412 -9.02 11.68 18.65
CA VAL B 412 -8.54 11.76 17.28
C VAL B 412 -9.56 12.53 16.45
N MET B 413 -10.84 12.22 16.65
CA MET B 413 -11.91 12.90 15.93
C MET B 413 -11.95 14.38 16.27
N ALA B 414 -11.67 14.73 17.53
CA ALA B 414 -11.59 16.12 17.94
C ALA B 414 -10.43 16.82 17.22
N GLY B 415 -9.29 16.14 17.13
CA GLY B 415 -8.14 16.65 16.43
C GLY B 415 -8.39 16.83 14.94
N GLU B 416 -9.17 15.91 14.36
CA GLU B 416 -9.51 15.97 12.94
C GLU B 416 -10.36 17.19 12.65
N LEU B 417 -11.35 17.45 13.51
CA LEU B 417 -12.23 18.59 13.33
C LEU B 417 -11.47 19.91 13.33
N SER B 418 -10.52 20.06 14.25
CA SER B 418 -9.80 21.31 14.43
C SER B 418 -8.78 21.58 13.32
N LEU B 419 -7.96 20.57 13.00
CA LEU B 419 -6.94 20.74 11.97
C LEU B 419 -7.57 20.93 10.59
N MET B 420 -8.61 20.16 10.29
CA MET B 420 -9.29 20.26 9.01
C MET B 420 -9.98 21.61 8.85
N ALA B 421 -10.46 22.17 9.97
CA ALA B 421 -11.06 23.49 9.97
C ALA B 421 -10.02 24.58 9.70
N ALA B 422 -8.82 24.39 10.23
CA ALA B 422 -7.72 25.33 10.04
C ALA B 422 -7.23 25.33 8.59
N LEU B 423 -7.27 24.17 7.95
CA LEU B 423 -6.81 24.02 6.57
C LEU B 423 -7.84 24.57 5.58
N ALA B 424 -9.13 24.39 5.92
CA ALA B 424 -10.22 24.85 5.06
C ALA B 424 -10.32 26.37 5.06
N ALA B 425 -10.10 26.98 6.22
CA ALA B 425 -10.19 28.43 6.38
C ALA B 425 -9.01 29.15 5.74
N GLY B 426 -7.82 28.55 5.82
CA GLY B 426 -6.61 29.14 5.26
C GLY B 426 -6.12 30.33 6.05
N PRO C 10 -36.49 1.25 -52.84
CA PRO C 10 -37.86 1.62 -52.38
C PRO C 10 -37.87 2.19 -50.97
N ASN C 11 -39.02 2.73 -50.54
CA ASN C 11 -39.17 3.32 -49.21
C ASN C 11 -40.38 2.75 -48.48
N GLU C 12 -41.57 2.94 -49.06
CA GLU C 12 -42.82 2.48 -48.45
C GLU C 12 -43.00 0.97 -48.59
N GLU C 13 -42.49 0.41 -49.69
CA GLU C 13 -42.61 -1.02 -49.97
C GLU C 13 -41.74 -1.89 -49.05
N CYS C 14 -40.66 -1.30 -48.51
CA CYS C 14 -39.75 -2.02 -47.63
C CYS C 14 -40.39 -2.37 -46.28
N LEU C 15 -41.27 -1.49 -45.79
CA LEU C 15 -41.94 -1.69 -44.50
C LEU C 15 -42.98 -2.81 -44.57
N GLN C 16 -43.66 -2.93 -45.71
CA GLN C 16 -44.70 -3.94 -45.90
C GLN C 16 -44.13 -5.36 -45.97
N ILE C 17 -42.97 -5.51 -46.58
CA ILE C 17 -42.32 -6.81 -46.74
C ILE C 17 -41.76 -7.31 -45.40
N LEU C 18 -41.32 -6.38 -44.55
CA LEU C 18 -40.77 -6.71 -43.24
C LEU C 18 -41.84 -7.24 -42.28
N GLY C 19 -43.09 -6.82 -42.47
CA GLY C 19 -44.20 -7.26 -41.65
C GLY C 19 -44.53 -8.73 -41.79
N ASN C 20 -44.36 -9.27 -42.99
CA ASN C 20 -44.61 -10.68 -43.26
C ASN C 20 -43.53 -11.58 -42.67
N GLY C 24 -40.57 -11.50 -45.25
CA GLY C 24 -39.61 -11.35 -44.18
C GLY C 24 -38.41 -10.50 -44.59
N ALA C 25 -37.34 -10.58 -43.80
CA ALA C 25 -36.13 -9.80 -44.05
C ALA C 25 -35.30 -10.38 -45.19
N LYS C 26 -35.51 -11.65 -45.52
CA LYS C 26 -34.76 -12.34 -46.58
C LYS C 26 -35.07 -11.76 -47.96
N PHE C 27 -36.30 -11.30 -48.15
CA PHE C 27 -36.72 -10.71 -49.42
C PHE C 27 -36.11 -9.32 -49.66
N LEU C 28 -35.88 -8.59 -48.57
CA LEU C 28 -35.24 -7.27 -48.64
C LEU C 28 -33.75 -7.40 -48.91
N SER C 29 -33.18 -6.37 -49.55
CA SER C 29 -31.76 -6.35 -49.89
C SER C 29 -30.94 -5.65 -48.80
N ASP C 30 -29.62 -5.62 -48.99
CA ASP C 30 -28.71 -4.97 -48.04
C ASP C 30 -28.86 -3.45 -48.06
N ALA C 31 -28.99 -2.88 -49.25
CA ALA C 31 -29.10 -1.42 -49.42
C ALA C 31 -30.44 -0.88 -48.94
N GLU C 32 -31.46 -1.72 -48.90
CA GLU C 32 -32.80 -1.32 -48.46
C GLU C 32 -32.88 -1.15 -46.94
N ILE C 33 -32.22 -2.04 -46.20
CA ILE C 33 -32.21 -2.00 -44.74
C ILE C 33 -31.39 -0.81 -44.23
N ILE C 34 -30.32 -0.48 -44.95
CA ILE C 34 -29.47 0.67 -44.62
C ILE C 34 -30.21 1.99 -44.84
N GLN C 35 -31.12 2.00 -45.82
CA GLN C 35 -31.93 3.18 -46.13
C GLN C 35 -32.86 3.56 -44.99
N LEU C 36 -33.40 2.56 -44.30
CA LEU C 36 -34.26 2.78 -43.14
C LEU C 36 -33.49 3.44 -42.00
N VAL C 37 -32.32 2.90 -41.69
CA VAL C 37 -31.46 3.44 -40.62
C VAL C 37 -30.59 4.56 -41.18
N GLU C 48 -30.90 -7.45 -34.86
CA GLU C 48 -30.56 -8.77 -34.34
C GLU C 48 -31.70 -9.75 -34.57
N THR C 49 -32.89 -9.41 -34.07
CA THR C 49 -34.07 -10.26 -34.21
C THR C 49 -34.79 -10.03 -35.54
N LEU C 50 -34.62 -8.84 -36.11
CA LEU C 50 -35.27 -8.49 -37.38
C LEU C 50 -34.67 -9.28 -38.54
N ILE C 51 -33.35 -9.30 -38.62
CA ILE C 51 -32.63 -10.02 -39.68
C ILE C 51 -32.66 -11.52 -39.38
N GLU C 52 -32.63 -12.34 -40.43
CA GLU C 52 -32.85 -13.78 -40.31
C GLU C 52 -31.65 -14.48 -39.66
N THR C 53 -30.51 -14.44 -40.35
CA THR C 53 -29.30 -15.11 -39.87
C THR C 53 -28.42 -14.13 -39.08
N HIS C 54 -27.49 -14.69 -38.31
CA HIS C 54 -26.64 -13.90 -37.43
C HIS C 54 -25.50 -13.25 -38.20
N GLU C 55 -24.95 -13.96 -39.18
CA GLU C 55 -23.85 -13.45 -40.00
C GLU C 55 -24.28 -12.30 -40.91
N ARG C 56 -25.53 -12.33 -41.36
CA ARG C 56 -26.10 -11.26 -42.18
C ARG C 56 -26.26 -9.97 -41.38
N GLY C 57 -26.60 -10.11 -40.10
CA GLY C 57 -26.73 -8.98 -39.21
C GLY C 57 -25.42 -8.25 -38.94
N VAL C 58 -24.33 -9.00 -38.92
CA VAL C 58 -22.99 -8.44 -38.72
C VAL C 58 -22.53 -7.67 -39.96
N SER C 59 -22.94 -8.13 -41.14
CA SER C 59 -22.55 -7.51 -42.41
C SER C 59 -23.18 -6.12 -42.60
N ILE C 60 -24.46 -6.01 -42.25
CA ILE C 60 -25.18 -4.74 -42.35
C ILE C 60 -24.65 -3.72 -41.32
N ARG C 61 -24.25 -4.21 -40.15
CA ARG C 61 -23.68 -3.36 -39.11
C ARG C 61 -22.30 -2.82 -39.50
N ARG C 62 -21.57 -3.59 -40.30
CA ARG C 62 -20.24 -3.19 -40.77
C ARG C 62 -20.32 -2.11 -41.85
N GLN C 63 -21.37 -2.16 -42.68
CA GLN C 63 -21.56 -1.21 -43.77
C GLN C 63 -21.99 0.16 -43.23
N LEU C 64 -22.86 0.16 -42.22
CA LEU C 64 -23.30 1.38 -41.56
C LEU C 64 -22.13 2.06 -40.83
N LEU C 65 -21.27 1.24 -40.22
CA LEU C 65 -20.12 1.73 -39.49
C LEU C 65 -19.06 2.34 -40.41
N SER C 66 -18.91 1.76 -41.61
CA SER C 66 -17.86 2.18 -42.54
C SER C 66 -18.05 3.62 -43.04
N LYS C 67 -19.30 4.03 -43.22
CA LYS C 67 -19.62 5.39 -43.67
C LYS C 67 -19.34 6.44 -42.59
N LYS C 68 -19.37 6.02 -41.32
CA LYS C 68 -19.07 6.91 -40.20
C LYS C 68 -17.56 7.12 -40.01
N LEU C 69 -16.76 6.16 -40.46
CA LEU C 69 -15.30 6.22 -40.30
C LEU C 69 -14.66 7.15 -41.32
N SER C 70 -13.59 7.82 -40.92
CA SER C 70 -12.81 8.69 -41.81
C SER C 70 -12.14 7.88 -42.94
N GLU C 71 -11.77 6.65 -42.62
CA GLU C 71 -11.27 5.69 -43.61
C GLU C 71 -12.20 4.48 -43.61
N PRO C 72 -13.19 4.46 -44.52
CA PRO C 72 -14.11 3.32 -44.67
C PRO C 72 -13.44 1.96 -44.96
N SER C 73 -12.20 1.96 -45.44
CA SER C 73 -11.48 0.74 -45.75
C SER C 73 -10.78 0.13 -44.52
N SER C 74 -11.11 0.62 -43.33
CA SER C 74 -10.52 0.14 -42.09
C SER C 74 -10.95 -1.29 -41.79
N LEU C 75 -12.21 -1.61 -42.10
CA LEU C 75 -12.79 -2.91 -41.78
C LEU C 75 -12.41 -4.04 -42.74
N GLN C 76 -11.67 -3.71 -43.80
CA GLN C 76 -11.32 -4.68 -44.85
C GLN C 76 -10.67 -5.95 -44.30
N TYR C 77 -9.71 -5.79 -43.39
CA TYR C 77 -8.94 -6.92 -42.86
C TYR C 77 -9.41 -7.41 -41.49
N LEU C 78 -10.44 -6.77 -40.94
CA LEU C 78 -11.14 -7.31 -39.78
C LEU C 78 -12.11 -8.39 -40.27
N PRO C 79 -11.83 -9.66 -39.96
CA PRO C 79 -12.64 -10.77 -40.48
C PRO C 79 -13.97 -10.90 -39.77
N TYR C 80 -14.92 -11.59 -40.40
CA TYR C 80 -16.25 -11.79 -39.81
C TYR C 80 -17.01 -13.01 -40.36
N ARG C 81 -16.82 -13.33 -41.64
CA ARG C 81 -17.53 -14.44 -42.28
C ARG C 81 -17.14 -15.80 -41.70
N ASP C 82 -18.09 -16.74 -41.76
CA ASP C 82 -17.88 -18.13 -41.36
C ASP C 82 -17.53 -18.32 -39.87
N TYR C 83 -18.00 -17.40 -39.03
CA TYR C 83 -17.84 -17.51 -37.58
C TYR C 83 -19.19 -17.77 -36.93
N ASN C 84 -19.20 -18.58 -35.88
CA ASN C 84 -20.42 -19.00 -35.20
C ASN C 84 -20.93 -17.92 -34.24
N TYR C 85 -21.79 -17.04 -34.76
CA TYR C 85 -22.34 -15.93 -33.97
C TYR C 85 -23.54 -16.34 -33.11
N SER C 86 -23.99 -17.59 -33.24
CA SER C 86 -25.15 -18.07 -32.48
C SER C 86 -24.91 -18.08 -30.98
N LEU C 87 -23.68 -18.41 -30.57
CA LEU C 87 -23.32 -18.48 -29.15
C LEU C 87 -22.83 -17.14 -28.59
N VAL C 88 -22.57 -16.18 -29.46
CA VAL C 88 -22.08 -14.85 -29.06
C VAL C 88 -23.21 -13.84 -28.90
N MET C 89 -24.25 -13.94 -29.72
CA MET C 89 -25.36 -13.00 -29.68
C MET C 89 -26.21 -13.22 -28.42
N GLY C 90 -26.43 -12.16 -27.65
CA GLY C 90 -27.21 -12.23 -26.44
C GLY C 90 -26.53 -12.99 -25.32
N ALA C 91 -25.21 -12.91 -25.25
CA ALA C 91 -24.44 -13.70 -24.28
C ALA C 91 -23.04 -13.14 -23.99
N CYS C 92 -22.27 -12.89 -25.05
CA CYS C 92 -20.86 -12.54 -24.93
C CYS C 92 -20.47 -11.16 -25.48
N CYS C 93 -21.18 -10.67 -26.50
CA CYS C 93 -20.83 -9.41 -27.15
C CYS C 93 -22.02 -8.75 -27.86
N GLU C 94 -21.99 -7.43 -27.92
CA GLU C 94 -23.02 -6.65 -28.60
C GLU C 94 -22.39 -5.74 -29.66
N ASN C 95 -23.21 -5.26 -30.58
CA ASN C 95 -22.76 -4.41 -31.69
C ASN C 95 -21.60 -5.06 -32.44
N VAL C 96 -21.73 -6.35 -32.73
CA VAL C 96 -20.64 -7.16 -33.24
C VAL C 96 -20.34 -6.86 -34.70
N ILE C 97 -19.07 -6.56 -34.98
CA ILE C 97 -18.61 -6.24 -36.33
C ILE C 97 -17.56 -7.22 -36.85
N GLY C 98 -17.37 -8.34 -36.14
CA GLY C 98 -16.41 -9.35 -36.55
C GLY C 98 -15.71 -10.03 -35.38
N TYR C 99 -14.47 -10.45 -35.59
CA TYR C 99 -13.66 -11.05 -34.54
C TYR C 99 -12.18 -10.73 -34.71
N MET C 100 -11.43 -10.89 -33.63
CA MET C 100 -10.01 -10.59 -33.59
C MET C 100 -9.23 -11.87 -33.38
N PRO C 101 -8.54 -12.35 -34.41
CA PRO C 101 -7.72 -13.56 -34.29
C PRO C 101 -6.42 -13.30 -33.51
N ILE C 102 -6.28 -13.97 -32.37
CA ILE C 102 -5.07 -13.90 -31.55
C ILE C 102 -4.30 -15.21 -31.78
N PRO C 103 -3.05 -15.12 -32.24
CA PRO C 103 -2.22 -16.33 -32.43
C PRO C 103 -2.16 -17.20 -31.17
N VAL C 104 -2.37 -18.50 -31.32
CA VAL C 104 -2.30 -19.44 -30.20
C VAL C 104 -1.11 -20.37 -30.42
N GLY C 105 -0.20 -20.40 -29.45
CA GLY C 105 0.91 -21.34 -29.44
C GLY C 105 0.76 -22.34 -28.32
N VAL C 106 1.64 -23.34 -28.28
CA VAL C 106 1.58 -24.39 -27.25
C VAL C 106 2.91 -24.53 -26.53
N ALA C 107 2.85 -24.57 -25.19
CA ALA C 107 4.01 -24.79 -24.35
C ALA C 107 3.80 -26.06 -23.55
N GLY C 108 4.71 -27.01 -23.70
CA GLY C 108 4.63 -28.26 -22.96
C GLY C 108 5.59 -29.33 -23.46
N PRO C 109 5.54 -30.52 -22.87
CA PRO C 109 4.62 -30.86 -21.77
C PRO C 109 4.97 -30.20 -20.44
N LEU C 110 3.95 -29.74 -19.73
CA LEU C 110 4.09 -29.27 -18.36
C LEU C 110 3.80 -30.45 -17.44
N CYS C 111 4.84 -30.95 -16.79
CA CYS C 111 4.70 -32.11 -15.91
C CYS C 111 4.22 -31.63 -14.55
N LEU C 112 2.93 -31.83 -14.28
CA LEU C 112 2.28 -31.32 -13.08
C LEU C 112 1.42 -32.38 -12.43
N ASP C 113 1.74 -32.72 -11.18
CA ASP C 113 0.99 -33.70 -10.38
C ASP C 113 0.87 -35.06 -11.07
N GLU C 114 2.00 -35.56 -11.54
CA GLU C 114 2.11 -36.87 -12.21
C GLU C 114 1.32 -36.97 -13.51
N LYS C 115 1.05 -35.81 -14.13
CA LYS C 115 0.37 -35.73 -15.42
C LYS C 115 1.19 -34.87 -16.37
N GLU C 116 0.76 -34.79 -17.63
CA GLU C 116 1.41 -33.94 -18.63
C GLU C 116 0.36 -33.10 -19.36
N PHE C 117 0.62 -31.80 -19.45
CA PHE C 117 -0.33 -30.85 -20.04
C PHE C 117 0.30 -30.09 -21.20
N GLN C 118 -0.47 -29.92 -22.27
CA GLN C 118 -0.07 -29.06 -23.38
C GLN C 118 -0.87 -27.76 -23.25
N VAL C 119 -0.18 -26.70 -22.84
CA VAL C 119 -0.83 -25.47 -22.41
C VAL C 119 -0.98 -24.47 -23.56
N PRO C 120 -2.22 -24.15 -23.94
CA PRO C 120 -2.46 -23.17 -25.00
C PRO C 120 -2.27 -21.75 -24.49
N MET C 121 -1.66 -20.90 -25.31
CA MET C 121 -1.29 -19.55 -24.94
C MET C 121 -1.57 -18.60 -26.10
N ALA C 122 -2.60 -17.78 -25.97
CA ALA C 122 -2.95 -16.79 -26.98
C ALA C 122 -2.21 -15.49 -26.70
N THR C 123 -1.29 -15.12 -27.59
CA THR C 123 -0.46 -13.93 -27.42
C THR C 123 0.10 -13.39 -28.74
N THR C 124 0.47 -12.11 -28.73
CA THR C 124 1.18 -11.50 -29.85
C THR C 124 2.57 -11.00 -29.43
N GLU C 125 3.03 -11.42 -28.26
CA GLU C 125 4.36 -11.06 -27.77
C GLU C 125 5.36 -12.12 -28.24
N GLY C 126 6.35 -11.70 -29.01
CA GLY C 126 7.38 -12.58 -29.50
C GLY C 126 8.19 -13.19 -28.37
N CYS C 127 8.53 -14.46 -28.53
CA CYS C 127 9.35 -15.24 -27.59
C CYS C 127 8.65 -15.71 -26.31
N LEU C 128 7.40 -15.29 -26.06
CA LEU C 128 6.73 -15.63 -24.81
C LEU C 128 6.42 -17.13 -24.72
N VAL C 129 5.86 -17.70 -25.78
CA VAL C 129 5.51 -19.11 -25.82
C VAL C 129 6.77 -19.98 -25.77
N ALA C 130 7.78 -19.61 -26.54
CA ALA C 130 9.04 -20.34 -26.61
C ALA C 130 9.80 -20.32 -25.29
N SER C 131 9.72 -19.18 -24.58
CA SER C 131 10.38 -19.03 -23.29
C SER C 131 9.68 -19.86 -22.22
N THR C 132 8.35 -19.80 -22.23
CA THR C 132 7.52 -20.59 -21.33
C THR C 132 7.74 -22.09 -21.60
N ASN C 133 7.97 -22.43 -22.86
CA ASN C 133 8.24 -23.81 -23.29
C ASN C 133 9.58 -24.30 -22.75
N ARG C 134 10.54 -23.41 -22.65
CA ARG C 134 11.85 -23.72 -22.09
C ARG C 134 11.74 -23.98 -20.59
N GLY C 135 10.91 -23.19 -19.91
CA GLY C 135 10.67 -23.37 -18.49
C GLY C 135 10.00 -24.71 -18.19
N CYS C 136 9.11 -25.13 -19.09
CA CYS C 136 8.45 -26.43 -18.98
C CYS C 136 9.47 -27.55 -19.11
N ARG C 137 10.41 -27.40 -20.03
CA ARG C 137 11.43 -28.40 -20.29
C ARG C 137 12.33 -28.60 -19.07
N ALA C 138 12.64 -27.51 -18.36
CA ALA C 138 13.44 -27.57 -17.14
C ALA C 138 12.72 -28.35 -16.04
N ILE C 139 11.42 -28.08 -15.90
CA ILE C 139 10.60 -28.75 -14.90
C ILE C 139 10.46 -30.25 -15.20
N GLY C 140 10.36 -30.60 -16.48
CA GLY C 140 10.11 -31.97 -16.90
C GLY C 140 11.31 -32.88 -16.72
N LEU C 141 12.51 -32.33 -16.88
CA LEU C 141 13.75 -33.07 -16.69
C LEU C 141 14.11 -33.19 -15.20
N GLY C 142 13.45 -32.40 -14.35
CA GLY C 142 13.72 -32.41 -12.92
C GLY C 142 12.69 -33.13 -12.06
N GLY C 143 11.99 -34.09 -12.62
CA GLY C 143 11.05 -34.91 -11.86
C GLY C 143 9.62 -34.40 -11.81
N GLY C 144 9.41 -33.14 -12.21
CA GLY C 144 8.08 -32.58 -12.32
C GLY C 144 7.68 -31.70 -11.15
N ALA C 145 6.62 -30.91 -11.36
CA ALA C 145 6.10 -30.00 -10.36
C ALA C 145 4.92 -30.60 -9.62
N SER C 146 4.62 -30.03 -8.45
CA SER C 146 3.47 -30.43 -7.65
C SER C 146 2.71 -29.18 -7.19
N SER C 147 1.39 -29.22 -7.26
CA SER C 147 0.55 -28.08 -6.87
C SER C 147 -0.59 -28.48 -5.94
N ARG C 148 -1.10 -27.49 -5.20
CA ARG C 148 -2.21 -27.69 -4.27
C ARG C 148 -3.11 -26.47 -4.26
N VAL C 149 -4.42 -26.70 -4.37
CA VAL C 149 -5.41 -25.65 -4.19
C VAL C 149 -5.66 -25.49 -2.69
N LEU C 150 -5.40 -24.29 -2.18
CA LEU C 150 -5.45 -23.98 -0.74
C LEU C 150 -6.82 -23.46 -0.31
N ALA C 151 -7.49 -22.76 -1.23
CA ALA C 151 -8.81 -22.20 -0.96
C ALA C 151 -9.60 -21.99 -2.25
N ASP C 152 -10.92 -21.87 -2.12
CA ASP C 152 -11.80 -21.68 -3.26
C ASP C 152 -13.05 -20.91 -2.84
N GLY C 153 -13.31 -19.78 -3.50
CA GLY C 153 -14.48 -18.98 -3.22
C GLY C 153 -14.44 -17.62 -3.88
N MET C 154 -15.31 -17.42 -4.88
CA MET C 154 -15.50 -16.10 -5.50
C MET C 154 -16.20 -15.18 -4.50
N THR C 155 -15.95 -13.87 -4.62
CA THR C 155 -16.51 -12.92 -3.66
C THR C 155 -17.26 -11.76 -4.29
N ARG C 156 -18.15 -11.16 -3.51
CA ARG C 156 -18.81 -9.90 -3.84
C ARG C 156 -18.82 -9.04 -2.57
N GLY C 157 -18.50 -7.76 -2.73
CA GLY C 157 -18.26 -6.88 -1.60
C GLY C 157 -19.11 -5.62 -1.63
N PRO C 158 -20.41 -5.75 -1.42
CA PRO C 158 -21.31 -4.59 -1.39
C PRO C 158 -21.00 -3.58 -0.29
N VAL C 159 -21.48 -2.35 -0.48
CA VAL C 159 -21.45 -1.33 0.55
C VAL C 159 -22.90 -0.97 0.92
N VAL C 160 -23.20 -1.03 2.21
CA VAL C 160 -24.50 -0.58 2.72
C VAL C 160 -24.27 0.60 3.65
N ARG C 161 -25.35 1.27 4.04
CA ARG C 161 -25.28 2.47 4.84
C ARG C 161 -26.43 2.52 5.84
N LEU C 162 -26.10 2.75 7.10
CA LEU C 162 -27.11 2.93 8.14
C LEU C 162 -27.07 4.39 8.60
N PRO C 163 -28.11 4.85 9.31
CA PRO C 163 -28.18 6.25 9.73
C PRO C 163 -26.94 6.73 10.52
N ARG C 164 -26.41 5.88 11.38
CA ARG C 164 -25.24 6.22 12.20
C ARG C 164 -24.22 5.09 12.25
N ALA C 165 -23.00 5.41 12.67
CA ALA C 165 -21.96 4.41 12.92
C ALA C 165 -22.33 3.46 14.07
N CYS C 166 -23.14 3.93 15.02
CA CYS C 166 -23.63 3.09 16.10
C CYS C 166 -24.56 2.01 15.55
N ASP C 167 -25.28 2.33 14.48
CA ASP C 167 -26.19 1.39 13.82
C ASP C 167 -25.43 0.38 12.95
N SER C 168 -24.41 0.84 12.24
CA SER C 168 -23.61 -0.03 11.38
C SER C 168 -22.80 -1.03 12.21
N ALA C 169 -22.39 -0.62 13.40
CA ALA C 169 -21.72 -1.50 14.35
C ALA C 169 -22.67 -2.56 14.89
N GLU C 170 -23.94 -2.20 15.02
CA GLU C 170 -24.99 -3.14 15.44
C GLU C 170 -25.21 -4.24 14.39
N VAL C 171 -25.12 -3.88 13.11
CA VAL C 171 -25.29 -4.83 12.02
C VAL C 171 -24.08 -5.75 11.90
N LYS C 172 -22.89 -5.22 12.20
CA LYS C 172 -21.65 -5.99 12.15
C LYS C 172 -21.63 -7.07 13.22
N ALA C 173 -22.03 -6.69 14.44
CA ALA C 173 -22.09 -7.62 15.57
C ALA C 173 -23.16 -8.68 15.36
N TRP C 174 -24.26 -8.30 14.71
CA TRP C 174 -25.36 -9.20 14.42
C TRP C 174 -24.95 -10.28 13.42
N LEU C 175 -24.19 -9.90 12.40
CA LEU C 175 -23.69 -10.83 11.40
C LEU C 175 -22.62 -11.77 11.96
N GLU C 176 -21.96 -11.34 13.03
CA GLU C 176 -20.89 -12.12 13.66
C GLU C 176 -21.41 -13.23 14.59
N THR C 177 -22.65 -13.10 15.06
CA THR C 177 -23.26 -14.16 15.87
C THR C 177 -23.61 -15.36 14.99
N SER C 178 -23.77 -16.52 15.62
CA SER C 178 -24.13 -17.75 14.90
C SER C 178 -25.55 -17.68 14.33
N GLU C 179 -26.44 -16.98 15.04
CA GLU C 179 -27.85 -16.89 14.65
C GLU C 179 -28.07 -15.96 13.46
N GLY C 180 -27.45 -14.78 13.50
CA GLY C 180 -27.57 -13.81 12.43
C GLY C 180 -26.93 -14.27 11.14
N PHE C 181 -25.79 -14.94 11.25
CA PHE C 181 -25.09 -15.51 10.10
C PHE C 181 -25.88 -16.65 9.46
N ALA C 182 -26.64 -17.38 10.28
CA ALA C 182 -27.44 -18.51 9.79
C ALA C 182 -28.61 -18.05 8.92
N VAL C 183 -29.19 -16.89 9.27
CA VAL C 183 -30.31 -16.33 8.51
C VAL C 183 -29.84 -15.82 7.15
N ILE C 184 -28.71 -15.12 7.14
CA ILE C 184 -28.16 -14.56 5.90
C ILE C 184 -27.60 -15.67 5.00
N LYS C 185 -27.10 -16.74 5.60
CA LYS C 185 -26.58 -17.89 4.87
C LYS C 185 -27.71 -18.67 4.19
N GLU C 186 -28.89 -18.68 4.82
CA GLU C 186 -30.04 -19.39 4.27
C GLU C 186 -30.58 -18.71 3.01
N ALA C 187 -30.62 -17.38 3.03
CA ALA C 187 -31.08 -16.59 1.89
C ALA C 187 -30.10 -16.68 0.72
N PHE C 188 -28.81 -16.60 1.04
CA PHE C 188 -27.73 -16.69 0.06
C PHE C 188 -27.74 -18.04 -0.66
N ASP C 189 -27.89 -19.11 0.12
CA ASP C 189 -27.78 -20.48 -0.40
C ASP C 189 -29.02 -20.92 -1.17
N SER C 190 -30.14 -20.21 -1.00
CA SER C 190 -31.39 -20.55 -1.68
C SER C 190 -31.39 -20.15 -3.16
N THR C 191 -30.48 -19.29 -3.56
CA THR C 191 -30.43 -18.76 -4.93
C THR C 191 -29.88 -19.76 -5.96
N SER C 192 -28.93 -20.60 -5.53
CA SER C 192 -28.28 -21.55 -6.44
C SER C 192 -27.87 -22.85 -5.74
N ARG C 193 -27.67 -23.89 -6.54
CA ARG C 193 -27.25 -25.21 -6.02
C ARG C 193 -25.86 -25.14 -5.37
N PHE C 194 -24.95 -24.39 -5.98
CA PHE C 194 -23.56 -24.30 -5.51
C PHE C 194 -23.32 -23.17 -4.53
N ALA C 195 -24.35 -22.36 -4.25
CA ALA C 195 -24.25 -21.26 -3.29
C ALA C 195 -24.13 -21.81 -1.86
N ARG C 196 -22.91 -21.79 -1.33
CA ARG C 196 -22.63 -22.20 0.05
C ARG C 196 -21.78 -21.12 0.72
N LEU C 197 -22.42 -20.27 1.51
CA LEU C 197 -21.77 -19.08 2.06
C LEU C 197 -20.79 -19.43 3.19
N GLN C 198 -19.53 -19.05 2.99
CA GLN C 198 -18.49 -19.19 4.00
C GLN C 198 -18.57 -18.02 4.99
N LYS C 199 -17.69 -18.01 5.99
CA LYS C 199 -17.67 -16.95 6.99
C LYS C 199 -17.52 -15.57 6.34
N LEU C 200 -18.35 -14.62 6.79
CA LEU C 200 -18.32 -13.25 6.27
C LEU C 200 -17.12 -12.49 6.79
N HIS C 201 -16.68 -11.50 6.01
CA HIS C 201 -15.59 -10.62 6.40
C HIS C 201 -16.06 -9.18 6.25
N THR C 202 -16.40 -8.54 7.38
CA THR C 202 -16.95 -7.19 7.35
C THR C 202 -15.93 -6.15 7.77
N SER C 203 -16.23 -4.88 7.47
CA SER C 203 -15.36 -3.76 7.77
C SER C 203 -16.16 -2.46 7.77
N ILE C 204 -16.07 -1.73 8.87
CA ILE C 204 -16.83 -0.49 9.03
C ILE C 204 -16.01 0.71 8.59
N ALA C 205 -16.69 1.70 8.03
CA ALA C 205 -16.13 3.02 7.78
C ALA C 205 -17.20 4.04 8.15
N GLY C 206 -17.31 4.32 9.45
CA GLY C 206 -18.33 5.20 9.97
C GLY C 206 -19.68 4.50 9.91
N ARG C 207 -20.65 5.13 9.25
CA ARG C 207 -21.97 4.53 9.09
C ARG C 207 -22.05 3.58 7.89
N ASN C 208 -20.97 3.46 7.12
CA ASN C 208 -20.87 2.45 6.06
C ASN C 208 -20.48 1.09 6.62
N LEU C 209 -20.97 0.03 5.98
CA LEU C 209 -20.55 -1.32 6.29
C LEU C 209 -20.27 -2.06 4.98
N TYR C 210 -19.03 -2.52 4.83
CA TYR C 210 -18.62 -3.29 3.66
C TYR C 210 -18.63 -4.76 4.04
N ILE C 211 -19.45 -5.54 3.33
CA ILE C 211 -19.63 -6.96 3.64
C ILE C 211 -19.07 -7.80 2.50
N ARG C 212 -18.14 -8.69 2.83
CA ARG C 212 -17.51 -9.56 1.85
C ARG C 212 -18.14 -10.95 1.90
N PHE C 213 -19.03 -11.21 0.95
CA PHE C 213 -19.63 -12.54 0.80
C PHE C 213 -18.68 -13.41 -0.01
N GLN C 214 -18.53 -14.67 0.37
CA GLN C 214 -17.66 -15.60 -0.33
C GLN C 214 -18.30 -16.98 -0.41
N SER C 215 -18.12 -17.65 -1.53
CA SER C 215 -18.71 -18.97 -1.75
C SER C 215 -18.16 -19.63 -3.00
N ARG C 216 -18.06 -20.96 -2.95
CA ARG C 216 -17.72 -21.75 -4.12
C ARG C 216 -18.84 -21.63 -5.16
N SER C 217 -18.53 -21.95 -6.40
CA SER C 217 -19.47 -21.76 -7.50
C SER C 217 -19.33 -22.87 -8.54
N GLY C 218 -19.12 -24.10 -8.09
CA GLY C 218 -18.89 -25.22 -8.97
C GLY C 218 -17.68 -24.98 -9.85
N ASP C 219 -17.86 -25.12 -11.16
CA ASP C 219 -16.79 -24.88 -12.13
C ASP C 219 -16.87 -23.50 -12.77
N ALA C 220 -17.92 -22.75 -12.48
CA ALA C 220 -18.04 -21.37 -12.97
C ALA C 220 -17.09 -20.45 -12.19
N MET C 221 -16.68 -19.36 -12.83
CA MET C 221 -15.92 -18.31 -12.15
C MET C 221 -16.76 -17.75 -11.02
N GLY C 222 -18.07 -17.61 -11.26
CA GLY C 222 -19.04 -17.42 -10.21
C GLY C 222 -19.43 -15.99 -9.89
N MET C 223 -19.12 -15.04 -10.77
CA MET C 223 -19.44 -13.64 -10.49
C MET C 223 -20.95 -13.38 -10.52
N ASN C 224 -21.64 -13.99 -11.48
CA ASN C 224 -23.10 -13.87 -11.58
C ASN C 224 -23.83 -14.66 -10.49
N MET C 225 -23.28 -15.81 -10.11
CA MET C 225 -23.89 -16.66 -9.08
C MET C 225 -23.76 -16.03 -7.69
N ILE C 226 -22.61 -15.42 -7.41
CA ILE C 226 -22.36 -14.79 -6.12
C ILE C 226 -23.09 -13.45 -6.02
N SER C 227 -23.31 -12.81 -7.17
CA SER C 227 -24.04 -11.54 -7.22
C SER C 227 -25.53 -11.76 -6.94
N LYS C 228 -26.06 -12.90 -7.37
CA LYS C 228 -27.46 -13.24 -7.15
C LYS C 228 -27.69 -13.61 -5.68
N GLY C 229 -26.75 -14.36 -5.10
CA GLY C 229 -26.80 -14.72 -3.70
C GLY C 229 -26.63 -13.53 -2.78
N THR C 230 -25.86 -12.55 -3.23
CA THR C 230 -25.60 -11.33 -2.45
C THR C 230 -26.83 -10.42 -2.45
N GLU C 231 -27.53 -10.35 -3.58
CA GLU C 231 -28.74 -9.53 -3.70
C GLU C 231 -29.84 -10.04 -2.78
N LYS C 232 -29.97 -11.35 -2.69
CA LYS C 232 -30.96 -11.99 -1.82
C LYS C 232 -30.54 -11.88 -0.35
N ALA C 233 -29.23 -11.90 -0.11
CA ALA C 233 -28.69 -11.80 1.26
C ALA C 233 -28.91 -10.41 1.85
N LEU C 234 -28.81 -9.39 1.01
CA LEU C 234 -28.97 -8.00 1.45
C LEU C 234 -30.44 -7.63 1.61
N SER C 235 -31.32 -8.30 0.85
CA SER C 235 -32.76 -8.11 0.99
C SER C 235 -33.24 -8.70 2.30
N LYS C 236 -32.69 -9.85 2.67
CA LYS C 236 -32.99 -10.51 3.94
C LYS C 236 -32.43 -9.70 5.12
N LEU C 237 -31.29 -9.05 4.90
CA LEU C 237 -30.66 -8.21 5.92
C LEU C 237 -31.48 -6.95 6.17
N HIS C 238 -32.18 -6.48 5.13
CA HIS C 238 -33.03 -5.29 5.21
C HIS C 238 -34.28 -5.55 6.04
N GLU C 239 -34.74 -6.81 6.07
CA GLU C 239 -35.88 -7.20 6.90
C GLU C 239 -35.59 -7.00 8.40
N TYR C 240 -34.36 -7.29 8.80
CA TYR C 240 -33.92 -7.14 10.18
C TYR C 240 -33.49 -5.71 10.49
N PHE C 241 -33.05 -4.99 9.46
CA PHE C 241 -32.58 -3.61 9.60
C PHE C 241 -33.18 -2.76 8.47
N PRO C 242 -34.43 -2.30 8.64
CA PRO C 242 -35.13 -1.56 7.58
C PRO C 242 -34.56 -0.16 7.28
N GLU C 243 -33.79 0.42 8.19
CA GLU C 243 -33.15 1.71 7.97
C GLU C 243 -31.90 1.61 7.07
N MET C 244 -31.44 0.38 6.83
CA MET C 244 -30.28 0.14 5.97
C MET C 244 -30.59 0.47 4.51
N GLN C 245 -29.59 1.04 3.83
CA GLN C 245 -29.67 1.38 2.42
C GLN C 245 -28.59 0.63 1.67
N ILE C 246 -28.99 -0.12 0.64
CA ILE C 246 -28.01 -0.77 -0.24
C ILE C 246 -27.53 0.25 -1.26
N LEU C 247 -26.36 0.82 -1.01
CA LEU C 247 -25.79 1.85 -1.88
C LEU C 247 -25.31 1.26 -3.19
N ALA C 248 -24.63 0.12 -3.12
CA ALA C 248 -24.16 -0.59 -4.30
C ALA C 248 -23.87 -2.06 -4.00
N VAL C 249 -24.28 -2.96 -4.89
CA VAL C 249 -24.05 -4.39 -4.73
C VAL C 249 -22.55 -4.71 -4.81
N SER C 250 -21.79 -3.85 -5.48
CA SER C 250 -20.34 -3.85 -5.39
C SER C 250 -19.85 -2.51 -4.89
N GLY C 251 -19.28 -2.50 -3.70
CA GLY C 251 -18.62 -1.33 -3.13
C GLY C 251 -17.11 -1.41 -3.18
N ASN C 252 -16.57 -2.10 -4.19
CA ASN C 252 -15.13 -2.28 -4.39
C ASN C 252 -14.41 -3.00 -3.25
N TYR C 253 -15.16 -3.78 -2.47
CA TYR C 253 -14.61 -4.57 -1.37
C TYR C 253 -14.48 -6.04 -1.76
N CYS C 254 -14.75 -6.35 -3.03
CA CYS C 254 -14.73 -7.74 -3.50
C CYS C 254 -13.33 -8.35 -3.48
N THR C 255 -12.31 -7.77 -4.13
CA THR C 255 -12.40 -6.65 -5.07
C THR C 255 -12.23 -7.21 -6.47
N ASP C 256 -13.05 -6.73 -7.40
CA ASP C 256 -13.07 -7.25 -8.77
C ASP C 256 -12.38 -6.30 -9.75
N LYS C 257 -11.35 -6.80 -10.41
CA LYS C 257 -10.68 -6.11 -11.53
C LYS C 257 -9.97 -4.79 -11.16
N LYS C 258 -9.68 -4.61 -9.88
CA LYS C 258 -8.79 -3.55 -9.41
C LYS C 258 -7.77 -4.17 -8.46
N PRO C 259 -6.57 -3.61 -8.38
CA PRO C 259 -5.59 -4.08 -7.40
C PRO C 259 -6.08 -3.82 -5.98
N ALA C 260 -5.94 -4.80 -5.10
CA ALA C 260 -6.43 -4.67 -3.73
C ALA C 260 -5.74 -5.66 -2.79
N ALA C 261 -5.27 -5.15 -1.66
CA ALA C 261 -4.58 -5.96 -0.67
C ALA C 261 -5.48 -7.04 -0.07
N ILE C 262 -6.79 -6.82 -0.10
CA ILE C 262 -7.73 -7.80 0.44
C ILE C 262 -7.74 -9.10 -0.34
N ASN C 263 -7.58 -9.03 -1.66
CA ASN C 263 -7.46 -10.23 -2.49
C ASN C 263 -6.15 -10.97 -2.23
N TRP C 264 -5.10 -10.20 -1.96
CA TRP C 264 -3.78 -10.75 -1.69
C TRP C 264 -3.74 -11.52 -0.37
N ILE C 265 -4.42 -10.98 0.64
CA ILE C 265 -4.33 -11.53 2.01
C ILE C 265 -5.41 -12.61 2.25
N GLU C 266 -6.65 -12.30 1.91
CA GLU C 266 -7.78 -13.20 2.13
C GLU C 266 -8.00 -14.21 1.00
N GLY C 267 -7.51 -13.87 -0.20
CA GLY C 267 -7.72 -14.70 -1.38
C GLY C 267 -9.03 -14.39 -2.08
N ARG C 268 -9.08 -14.68 -3.38
CA ARG C 268 -10.29 -14.54 -4.19
C ARG C 268 -10.26 -15.58 -5.33
N GLY C 269 -11.35 -16.31 -5.51
CA GLY C 269 -11.36 -17.45 -6.41
C GLY C 269 -10.49 -18.56 -5.85
N LYS C 270 -9.58 -19.07 -6.68
CA LYS C 270 -8.68 -20.16 -6.29
C LYS C 270 -7.35 -19.64 -5.75
N SER C 271 -7.00 -20.03 -4.53
CA SER C 271 -5.65 -19.83 -4.00
C SER C 271 -4.84 -21.09 -4.28
N VAL C 272 -3.67 -20.93 -4.89
CA VAL C 272 -2.89 -22.07 -5.39
C VAL C 272 -1.39 -21.91 -5.08
N VAL C 273 -0.70 -23.04 -4.97
CA VAL C 273 0.75 -23.07 -4.82
C VAL C 273 1.34 -24.16 -5.72
N CYS C 274 2.50 -23.89 -6.32
CA CYS C 274 3.24 -24.87 -7.13
C CYS C 274 4.69 -24.90 -6.66
N GLU C 275 5.36 -26.01 -6.93
CA GLU C 275 6.77 -26.14 -6.59
C GLU C 275 7.45 -27.15 -7.51
N ALA C 276 8.78 -27.03 -7.59
CA ALA C 276 9.59 -27.97 -8.36
C ALA C 276 11.05 -27.84 -7.94
N VAL C 277 11.80 -28.93 -8.06
CA VAL C 277 13.25 -28.90 -7.90
C VAL C 277 13.89 -29.15 -9.26
N ILE C 278 14.69 -28.19 -9.71
CA ILE C 278 15.42 -28.29 -10.97
C ILE C 278 16.84 -28.73 -10.64
N PRO C 279 17.25 -29.93 -11.07
CA PRO C 279 18.63 -30.38 -10.87
C PRO C 279 19.65 -29.38 -11.39
N ALA C 280 20.83 -29.35 -10.79
CA ALA C 280 21.87 -28.39 -11.14
C ALA C 280 22.26 -28.51 -12.62
N LYS C 281 22.29 -29.74 -13.13
CA LYS C 281 22.62 -30.01 -14.53
C LYS C 281 21.61 -29.38 -15.48
N VAL C 282 20.33 -29.42 -15.11
CA VAL C 282 19.26 -28.86 -15.91
C VAL C 282 19.28 -27.32 -15.92
N VAL C 283 19.70 -26.73 -14.80
CA VAL C 283 19.80 -25.27 -14.70
C VAL C 283 20.89 -24.76 -15.64
N ARG C 284 21.98 -25.51 -15.77
CA ARG C 284 23.11 -25.11 -16.61
C ARG C 284 22.81 -25.29 -18.10
N GLU C 285 22.29 -26.46 -18.48
CA GLU C 285 22.14 -26.83 -19.89
C GLU C 285 20.90 -26.21 -20.53
N VAL C 286 19.76 -26.31 -19.85
CA VAL C 286 18.50 -25.80 -20.37
C VAL C 286 18.36 -24.30 -20.12
N LEU C 287 18.63 -23.85 -18.89
CA LEU C 287 18.41 -22.46 -18.51
C LEU C 287 19.65 -21.56 -18.66
N LYS C 288 20.80 -22.14 -18.99
CA LYS C 288 22.02 -21.38 -19.29
C LYS C 288 22.45 -20.45 -18.16
N THR C 289 22.35 -20.95 -16.93
CA THR C 289 22.65 -20.17 -15.73
C THR C 289 23.04 -21.11 -14.57
N THR C 290 23.12 -20.57 -13.37
CA THR C 290 23.35 -21.39 -12.17
C THR C 290 22.26 -21.17 -11.13
N THR C 291 22.15 -22.08 -10.19
CA THR C 291 21.19 -21.97 -9.09
C THR C 291 21.49 -20.76 -8.22
N GLU C 292 22.76 -20.51 -7.95
CA GLU C 292 23.21 -19.39 -7.14
C GLU C 292 22.83 -18.05 -7.79
N ALA C 293 23.03 -17.97 -9.11
CA ALA C 293 22.70 -16.77 -9.87
C ALA C 293 21.19 -16.52 -9.88
N MET C 294 20.41 -17.59 -9.96
CA MET C 294 18.95 -17.49 -10.00
C MET C 294 18.38 -16.98 -8.68
N ILE C 295 18.97 -17.44 -7.57
CA ILE C 295 18.51 -17.07 -6.24
C ILE C 295 18.81 -15.60 -5.95
N GLU C 296 19.97 -15.12 -6.39
CA GLU C 296 20.37 -13.73 -6.15
C GLU C 296 19.50 -12.76 -6.94
N VAL C 297 19.09 -13.15 -8.15
CA VAL C 297 18.20 -12.33 -8.95
C VAL C 297 16.79 -12.34 -8.36
N ASN C 298 16.34 -13.50 -7.88
CA ASN C 298 15.01 -13.60 -7.29
C ASN C 298 14.88 -12.76 -6.04
N ILE C 299 15.87 -12.81 -5.16
CA ILE C 299 15.86 -12.02 -3.94
C ILE C 299 15.84 -10.53 -4.27
N ASN C 300 16.71 -10.11 -5.18
CA ASN C 300 16.93 -8.68 -5.41
C ASN C 300 16.01 -8.02 -6.44
N LYS C 301 15.27 -8.85 -7.19
CA LYS C 301 14.30 -8.36 -8.18
C LYS C 301 12.90 -8.59 -7.65
N ASN C 302 12.53 -9.85 -7.48
CA ASN C 302 11.16 -10.21 -7.11
C ASN C 302 10.75 -9.88 -5.67
N LEU C 303 11.73 -9.79 -4.77
CA LEU C 303 11.44 -9.40 -3.39
C LEU C 303 11.83 -7.95 -3.11
N VAL C 304 13.12 -7.65 -3.20
CA VAL C 304 13.62 -6.31 -2.84
C VAL C 304 13.22 -5.28 -3.90
N GLY C 305 13.32 -5.65 -5.17
CA GLY C 305 12.95 -4.77 -6.25
C GLY C 305 11.48 -4.37 -6.22
N SER C 306 10.61 -5.37 -6.05
CA SER C 306 9.17 -5.10 -5.95
C SER C 306 8.86 -4.29 -4.69
N ALA C 307 9.61 -4.54 -3.62
CA ALA C 307 9.43 -3.80 -2.37
C ALA C 307 9.77 -2.32 -2.57
N MET C 308 10.86 -2.03 -3.27
CA MET C 308 11.28 -0.65 -3.55
C MET C 308 10.26 0.07 -4.43
N ALA C 309 9.60 -0.69 -5.30
CA ALA C 309 8.59 -0.15 -6.22
C ALA C 309 7.22 0.07 -5.56
N GLY C 310 7.06 -0.39 -4.32
CA GLY C 310 5.81 -0.23 -3.59
C GLY C 310 4.73 -1.17 -4.08
N SER C 311 5.11 -2.42 -4.30
CA SER C 311 4.20 -3.41 -4.87
C SER C 311 3.43 -4.15 -3.78
N ILE C 312 2.15 -4.38 -4.05
CA ILE C 312 1.31 -5.27 -3.24
C ILE C 312 0.90 -6.43 -4.12
N GLY C 313 1.50 -7.59 -3.91
CA GLY C 313 1.16 -8.79 -4.63
C GLY C 313 1.91 -9.02 -5.94
N GLY C 314 2.86 -8.14 -6.27
CA GLY C 314 3.61 -8.24 -7.51
C GLY C 314 5.04 -8.68 -7.28
N TYR C 315 5.22 -9.73 -6.48
CA TYR C 315 6.54 -10.24 -6.16
C TYR C 315 6.96 -11.36 -7.12
N ASN C 316 6.91 -11.05 -8.40
CA ASN C 316 7.21 -12.00 -9.47
C ASN C 316 7.78 -11.29 -10.70
N ALA C 317 8.21 -12.08 -11.68
CA ALA C 317 8.81 -11.55 -12.90
C ALA C 317 7.75 -11.16 -13.94
N HIS C 318 6.94 -12.13 -14.35
CA HIS C 318 5.89 -11.89 -15.36
C HIS C 318 4.75 -12.90 -15.31
N ALA C 319 4.25 -13.20 -14.12
CA ALA C 319 3.07 -14.04 -13.98
C ALA C 319 1.94 -13.56 -14.90
N ALA C 320 1.81 -12.25 -15.03
CA ALA C 320 0.75 -11.63 -15.84
C ALA C 320 0.80 -12.04 -17.32
N ASN C 321 1.99 -12.23 -17.86
CA ASN C 321 2.15 -12.71 -19.24
C ASN C 321 1.50 -14.08 -19.45
N ILE C 322 1.75 -15.01 -18.53
CA ILE C 322 1.25 -16.37 -18.64
C ILE C 322 -0.25 -16.41 -18.36
N VAL C 323 -0.69 -15.73 -17.30
CA VAL C 323 -2.09 -15.69 -16.93
C VAL C 323 -2.94 -15.14 -18.08
N THR C 324 -2.52 -14.01 -18.63
CA THR C 324 -3.24 -13.36 -19.73
C THR C 324 -3.33 -14.26 -20.96
N ALA C 325 -2.21 -14.90 -21.30
CA ALA C 325 -2.13 -15.75 -22.49
C ALA C 325 -3.06 -16.95 -22.39
N ILE C 326 -3.04 -17.62 -21.23
CA ILE C 326 -3.91 -18.77 -20.99
C ILE C 326 -5.37 -18.32 -20.90
N TYR C 327 -5.62 -17.15 -20.32
CA TYR C 327 -6.97 -16.65 -20.12
C TYR C 327 -7.65 -16.36 -21.46
N ILE C 328 -6.94 -15.75 -22.39
CA ILE C 328 -7.50 -15.42 -23.70
C ILE C 328 -7.76 -16.71 -24.50
N ALA C 329 -6.85 -17.68 -24.40
CA ALA C 329 -7.00 -18.94 -25.11
C ALA C 329 -8.17 -19.79 -24.60
N CYS C 330 -8.42 -19.73 -23.29
CA CYS C 330 -9.37 -20.62 -22.62
C CYS C 330 -10.69 -19.94 -22.25
N GLY C 331 -10.99 -18.80 -22.86
CA GLY C 331 -12.28 -18.13 -22.69
C GLY C 331 -12.55 -17.50 -21.34
N GLN C 332 -11.48 -17.12 -20.65
CA GLN C 332 -11.60 -16.44 -19.36
C GLN C 332 -11.81 -14.95 -19.56
N ASP C 333 -12.13 -14.27 -18.47
CA ASP C 333 -12.23 -12.82 -18.44
C ASP C 333 -10.82 -12.25 -18.27
N ALA C 334 -10.24 -11.77 -19.37
CA ALA C 334 -8.86 -11.29 -19.37
C ALA C 334 -8.63 -10.05 -18.51
N ALA C 335 -9.69 -9.29 -18.24
CA ALA C 335 -9.61 -8.13 -17.35
C ALA C 335 -9.31 -8.54 -15.91
N GLN C 336 -9.65 -9.78 -15.56
CA GLN C 336 -9.35 -10.31 -14.23
C GLN C 336 -7.88 -10.71 -14.04
N ASN C 337 -7.03 -10.46 -15.04
CA ASN C 337 -5.59 -10.65 -14.87
C ASN C 337 -5.00 -9.65 -13.87
N VAL C 338 -5.71 -8.56 -13.61
CA VAL C 338 -5.28 -7.59 -12.60
C VAL C 338 -5.01 -8.28 -11.27
N GLY C 339 -6.00 -9.02 -10.80
CA GLY C 339 -5.91 -9.75 -9.53
C GLY C 339 -5.41 -11.18 -9.66
N SER C 340 -5.71 -11.83 -10.79
CA SER C 340 -5.36 -13.23 -10.99
C SER C 340 -3.86 -13.45 -11.11
N SER C 341 -3.13 -12.40 -11.48
CA SER C 341 -1.68 -12.46 -11.67
C SER C 341 -0.90 -12.23 -10.39
N ASN C 342 -1.59 -11.90 -9.29
CA ASN C 342 -0.96 -11.84 -7.97
C ASN C 342 -0.13 -13.10 -7.74
N CYS C 343 1.15 -12.92 -7.44
CA CYS C 343 2.09 -14.04 -7.33
C CYS C 343 3.34 -13.64 -6.57
N ILE C 344 3.80 -14.54 -5.69
CA ILE C 344 5.13 -14.41 -5.09
C ILE C 344 5.96 -15.62 -5.49
N THR C 345 7.12 -15.36 -6.09
CA THR C 345 8.02 -16.38 -6.57
C THR C 345 9.20 -16.48 -5.63
N LEU C 346 9.43 -17.66 -5.07
CA LEU C 346 10.52 -17.90 -4.13
C LEU C 346 11.51 -18.91 -4.69
N MET C 347 12.79 -18.72 -4.37
CA MET C 347 13.84 -19.61 -4.83
C MET C 347 14.90 -19.80 -3.73
N GLU C 348 15.29 -21.05 -3.50
CA GLU C 348 16.40 -21.35 -2.60
C GLU C 348 17.20 -22.56 -3.08
N ALA C 349 18.38 -22.75 -2.48
CA ALA C 349 19.22 -23.90 -2.78
C ALA C 349 18.63 -25.17 -2.18
N SER C 350 18.91 -26.31 -2.79
CA SER C 350 18.28 -27.58 -2.44
C SER C 350 19.18 -28.78 -2.75
N GLY C 351 18.84 -29.93 -2.20
CA GLY C 351 19.60 -31.15 -2.42
C GLY C 351 20.76 -31.29 -1.46
N PRO C 352 21.49 -32.40 -1.57
CA PRO C 352 22.61 -32.68 -0.64
C PRO C 352 23.81 -31.76 -0.85
N THR C 353 24.12 -31.43 -2.10
CA THR C 353 25.24 -30.55 -2.42
C THR C 353 24.84 -29.07 -2.53
N ASN C 354 23.56 -28.78 -2.33
CA ASN C 354 23.05 -27.40 -2.29
C ASN C 354 23.19 -26.65 -3.63
N GLU C 355 23.16 -27.40 -4.73
CA GLU C 355 23.30 -26.83 -6.07
C GLU C 355 22.03 -26.95 -6.93
N ASP C 356 21.02 -27.64 -6.41
CA ASP C 356 19.73 -27.76 -7.09
C ASP C 356 18.84 -26.57 -6.73
N LEU C 357 18.00 -26.15 -7.67
CA LEU C 357 17.15 -24.97 -7.49
C LEU C 357 15.73 -25.35 -7.12
N TYR C 358 15.35 -25.11 -5.86
CA TYR C 358 13.96 -25.20 -5.44
C TYR C 358 13.24 -23.91 -5.79
N ILE C 359 12.11 -24.03 -6.50
CA ILE C 359 11.29 -22.87 -6.85
C ILE C 359 9.84 -23.13 -6.44
N SER C 360 9.15 -22.07 -6.00
CA SER C 360 7.73 -22.13 -5.73
C SER C 360 7.05 -20.84 -6.18
N CYS C 361 5.81 -20.95 -6.66
CA CYS C 361 4.98 -19.78 -6.92
C CYS C 361 3.67 -19.93 -6.14
N THR C 362 3.26 -18.85 -5.49
CA THR C 362 2.02 -18.83 -4.73
C THR C 362 1.12 -17.74 -5.27
N MET C 363 -0.08 -18.13 -5.70
CA MET C 363 -1.02 -17.24 -6.36
C MET C 363 -2.36 -17.30 -5.63
N PRO C 364 -2.61 -16.35 -4.73
CA PRO C 364 -3.76 -16.42 -3.82
C PRO C 364 -5.12 -16.05 -4.43
N SER C 365 -5.15 -15.51 -5.64
CA SER C 365 -6.40 -14.97 -6.18
C SER C 365 -6.60 -15.21 -7.68
N ILE C 366 -6.47 -16.46 -8.10
CA ILE C 366 -6.74 -16.86 -9.48
C ILE C 366 -8.25 -16.97 -9.72
N GLU C 367 -8.81 -16.00 -10.44
CA GLU C 367 -10.24 -15.96 -10.76
C GLU C 367 -10.47 -16.67 -12.09
N ILE C 368 -11.11 -17.83 -12.04
CA ILE C 368 -11.14 -18.74 -13.19
C ILE C 368 -12.36 -19.67 -13.20
N GLY C 369 -12.68 -20.18 -14.38
CA GLY C 369 -13.81 -21.07 -14.57
C GLY C 369 -13.78 -21.77 -15.92
N THR C 370 -14.47 -22.91 -16.00
CA THR C 370 -14.53 -23.70 -17.23
C THR C 370 -15.95 -23.83 -17.79
N VAL C 371 -16.90 -23.11 -17.18
CA VAL C 371 -18.27 -22.99 -17.71
C VAL C 371 -18.72 -21.54 -17.65
N GLY C 372 -19.55 -21.14 -18.61
CA GLY C 372 -20.08 -19.79 -18.67
C GLY C 372 -19.13 -18.80 -19.33
N GLY C 373 -19.67 -17.67 -19.77
CA GLY C 373 -18.88 -16.63 -20.39
C GLY C 373 -18.27 -17.06 -21.72
N GLY C 374 -17.00 -16.73 -21.92
CA GLY C 374 -16.28 -17.09 -23.12
C GLY C 374 -15.95 -18.57 -23.27
N THR C 375 -16.14 -19.35 -22.20
CA THR C 375 -15.94 -20.81 -22.27
C THR C 375 -17.12 -21.54 -22.92
N ASN C 376 -18.17 -20.81 -23.28
CA ASN C 376 -19.30 -21.37 -24.03
C ASN C 376 -19.02 -21.45 -25.53
N LEU C 377 -18.01 -20.70 -25.99
CA LEU C 377 -17.66 -20.65 -27.40
C LEU C 377 -16.78 -21.84 -27.77
N LEU C 378 -16.97 -22.38 -28.97
CA LEU C 378 -16.32 -23.63 -29.38
C LEU C 378 -14.80 -23.56 -29.53
N PRO C 379 -14.26 -22.49 -30.12
CA PRO C 379 -12.80 -22.33 -30.19
C PRO C 379 -12.14 -22.31 -28.81
N GLN C 380 -12.79 -21.62 -27.86
CA GLN C 380 -12.28 -21.53 -26.50
C GLN C 380 -12.40 -22.88 -25.78
N GLN C 381 -13.44 -23.64 -26.14
CA GLN C 381 -13.65 -24.98 -25.57
C GLN C 381 -12.62 -25.97 -26.08
N ALA C 382 -12.06 -25.70 -27.26
CA ALA C 382 -11.00 -26.53 -27.85
C ALA C 382 -9.74 -26.48 -26.99
N CYS C 383 -9.38 -25.27 -26.56
CA CYS C 383 -8.20 -25.08 -25.71
C CYS C 383 -8.41 -25.65 -24.31
N LEU C 384 -9.64 -25.56 -23.80
CA LEU C 384 -10.00 -26.17 -22.51
C LEU C 384 -9.95 -27.69 -22.61
N GLN C 385 -10.35 -28.23 -23.77
CA GLN C 385 -10.38 -29.67 -23.99
C GLN C 385 -8.97 -30.26 -24.10
N MET C 386 -8.02 -29.45 -24.57
CA MET C 386 -6.62 -29.85 -24.62
C MET C 386 -6.12 -30.20 -23.21
N LEU C 387 -6.53 -29.39 -22.24
CA LEU C 387 -6.13 -29.56 -20.85
C LEU C 387 -7.01 -30.53 -20.05
N GLY C 388 -8.10 -30.99 -20.66
CA GLY C 388 -9.00 -31.95 -20.04
C GLY C 388 -9.89 -31.34 -18.96
N VAL C 389 -10.18 -30.05 -19.08
CA VAL C 389 -10.95 -29.32 -18.07
C VAL C 389 -12.17 -28.60 -18.63
N GLN C 390 -12.58 -28.93 -19.86
CA GLN C 390 -13.73 -28.27 -20.49
C GLN C 390 -15.04 -28.65 -19.81
N GLY C 391 -15.87 -27.65 -19.55
CA GLY C 391 -17.19 -27.86 -18.96
C GLY C 391 -17.15 -28.17 -17.48
N ALA C 392 -18.29 -28.63 -16.97
CA ALA C 392 -18.44 -28.94 -15.55
C ALA C 392 -18.12 -30.41 -15.28
N CYS C 393 -17.37 -30.66 -14.22
CA CYS C 393 -17.13 -32.01 -13.73
C CYS C 393 -18.35 -32.49 -12.93
N LYS C 394 -19.03 -33.52 -13.45
CA LYS C 394 -20.27 -34.01 -12.85
C LYS C 394 -20.05 -34.72 -11.52
N ASP C 395 -19.09 -35.64 -11.48
CA ASP C 395 -18.84 -36.45 -10.30
C ASP C 395 -18.23 -35.64 -9.15
N ASN C 396 -17.42 -34.65 -9.48
CA ASN C 396 -16.73 -33.83 -8.49
C ASN C 396 -16.80 -32.35 -8.90
N PRO C 397 -17.91 -31.69 -8.57
CA PRO C 397 -18.10 -30.27 -8.92
C PRO C 397 -16.94 -29.36 -8.50
N GLY C 398 -16.48 -28.54 -9.44
CA GLY C 398 -15.38 -27.61 -9.21
C GLY C 398 -14.00 -28.18 -9.48
N GLU C 399 -13.92 -29.44 -9.91
CA GLU C 399 -12.64 -30.10 -10.13
C GLU C 399 -11.94 -29.61 -11.40
N ASN C 400 -12.72 -29.32 -12.44
CA ASN C 400 -12.17 -28.79 -13.69
C ASN C 400 -11.63 -27.38 -13.55
N ALA C 401 -12.34 -26.53 -12.81
CA ALA C 401 -11.90 -25.17 -12.55
C ALA C 401 -10.67 -25.16 -11.65
N ARG C 402 -10.65 -26.05 -10.65
CA ARG C 402 -9.52 -26.19 -9.74
C ARG C 402 -8.28 -26.71 -10.49
N GLN C 403 -8.50 -27.63 -11.44
CA GLN C 403 -7.42 -28.20 -12.21
C GLN C 403 -6.82 -27.15 -13.15
N LEU C 404 -7.66 -26.28 -13.70
CA LEU C 404 -7.19 -25.23 -14.60
C LEU C 404 -6.39 -24.18 -13.83
N ALA C 405 -6.77 -23.93 -12.58
CA ALA C 405 -6.05 -22.99 -11.72
C ALA C 405 -4.66 -23.54 -11.37
N ARG C 406 -4.59 -24.85 -11.17
CA ARG C 406 -3.32 -25.52 -10.90
C ARG C 406 -2.42 -25.46 -12.14
N ILE C 407 -3.01 -25.60 -13.31
CA ILE C 407 -2.28 -25.52 -14.57
C ILE C 407 -1.75 -24.10 -14.79
N VAL C 408 -2.53 -23.09 -14.41
CA VAL C 408 -2.13 -21.69 -14.56
C VAL C 408 -0.94 -21.41 -13.66
N CYS C 409 -1.02 -21.87 -12.41
CA CYS C 409 0.05 -21.64 -11.43
C CYS C 409 1.33 -22.37 -11.83
N GLY C 410 1.19 -23.58 -12.36
CA GLY C 410 2.31 -24.37 -12.82
C GLY C 410 2.99 -23.76 -14.04
N THR C 411 2.18 -23.21 -14.94
CA THR C 411 2.71 -22.59 -16.16
C THR C 411 3.39 -21.26 -15.83
N VAL C 412 2.85 -20.55 -14.84
CA VAL C 412 3.46 -19.32 -14.36
C VAL C 412 4.86 -19.63 -13.82
N MET C 413 4.98 -20.72 -13.09
CA MET C 413 6.27 -21.15 -12.55
C MET C 413 7.27 -21.47 -13.66
N ALA C 414 6.78 -22.07 -14.74
CA ALA C 414 7.62 -22.33 -15.91
C ALA C 414 8.11 -21.02 -16.52
N GLY C 415 7.21 -20.05 -16.62
CA GLY C 415 7.56 -18.73 -17.12
C GLY C 415 8.56 -18.01 -16.24
N GLU C 416 8.42 -18.16 -14.93
CA GLU C 416 9.33 -17.55 -13.98
C GLU C 416 10.74 -18.11 -14.15
N LEU C 417 10.84 -19.43 -14.29
CA LEU C 417 12.13 -20.10 -14.43
C LEU C 417 12.90 -19.57 -15.65
N SER C 418 12.21 -19.48 -16.78
CA SER C 418 12.86 -19.11 -18.04
C SER C 418 13.28 -17.64 -18.07
N LEU C 419 12.36 -16.74 -17.71
CA LEU C 419 12.66 -15.31 -17.73
C LEU C 419 13.74 -14.94 -16.72
N MET C 420 13.64 -15.49 -15.52
CA MET C 420 14.62 -15.21 -14.46
C MET C 420 16.00 -15.71 -14.85
N ALA C 421 16.05 -16.82 -15.57
CA ALA C 421 17.30 -17.38 -16.08
C ALA C 421 17.90 -16.48 -17.16
N ALA C 422 17.05 -15.90 -18.00
CA ALA C 422 17.48 -15.00 -19.06
C ALA C 422 18.04 -13.69 -18.48
N LEU C 423 17.46 -13.25 -17.37
CA LEU C 423 17.90 -12.02 -16.70
C LEU C 423 19.22 -12.26 -15.94
N ALA C 424 19.36 -13.45 -15.36
CA ALA C 424 20.54 -13.79 -14.58
C ALA C 424 21.78 -13.95 -15.47
N ALA C 425 21.58 -14.52 -16.65
CA ALA C 425 22.67 -14.77 -17.60
C ALA C 425 23.09 -13.50 -18.33
N GLY C 426 22.17 -12.55 -18.47
CA GLY C 426 22.45 -11.29 -19.13
C GLY C 426 22.57 -11.43 -20.63
N GLY D 24 12.63 -31.15 -51.48
CA GLY D 24 12.76 -32.31 -50.55
C GLY D 24 11.60 -32.41 -49.59
N ALA D 25 11.33 -31.31 -48.88
CA ALA D 25 10.23 -31.27 -47.91
C ALA D 25 8.86 -31.19 -48.58
N LYS D 26 8.79 -30.49 -49.72
CA LYS D 26 7.54 -30.34 -50.48
C LYS D 26 7.06 -31.67 -51.07
N PHE D 27 8.00 -32.52 -51.46
CA PHE D 27 7.68 -33.82 -52.06
C PHE D 27 7.14 -34.82 -51.03
N LEU D 28 7.65 -34.76 -49.80
CA LEU D 28 7.22 -35.65 -48.73
C LEU D 28 5.82 -35.29 -48.24
N SER D 29 5.05 -36.30 -47.84
CA SER D 29 3.68 -36.11 -47.36
C SER D 29 3.65 -35.73 -45.88
N ASP D 30 2.46 -35.44 -45.38
CA ASP D 30 2.26 -35.10 -43.97
C ASP D 30 2.57 -36.28 -43.05
N ALA D 31 2.13 -37.48 -43.45
CA ALA D 31 2.32 -38.68 -42.65
C ALA D 31 3.77 -39.17 -42.63
N GLU D 32 4.57 -38.75 -43.62
CA GLU D 32 5.97 -39.16 -43.72
C GLU D 32 6.86 -38.42 -42.71
N ILE D 33 6.56 -37.13 -42.48
CA ILE D 33 7.34 -36.30 -41.57
C ILE D 33 7.01 -36.63 -40.10
N ILE D 34 5.75 -36.94 -39.83
CA ILE D 34 5.29 -37.25 -38.47
C ILE D 34 5.90 -38.56 -37.96
N GLN D 35 5.94 -39.56 -38.83
CA GLN D 35 6.48 -40.89 -38.48
C GLN D 35 8.00 -40.88 -38.35
N LEU D 36 8.66 -39.90 -38.96
CA LEU D 36 10.12 -39.78 -38.89
C LEU D 36 10.59 -39.35 -37.50
N VAL D 37 9.83 -38.47 -36.85
CA VAL D 37 10.16 -37.97 -35.52
C VAL D 37 9.89 -39.04 -34.46
N ASN D 38 8.72 -39.68 -34.55
CA ASN D 38 8.33 -40.74 -33.62
C ASN D 38 9.10 -42.03 -33.91
N GLU D 48 9.65 -26.28 -38.54
CA GLU D 48 9.80 -24.85 -38.24
C GLU D 48 10.22 -24.08 -39.49
N THR D 49 11.40 -24.41 -40.02
CA THR D 49 11.93 -23.78 -41.22
C THR D 49 11.95 -24.73 -42.43
N LEU D 50 11.96 -26.04 -42.17
CA LEU D 50 12.07 -27.06 -43.22
C LEU D 50 10.81 -27.16 -44.09
N ILE D 51 9.65 -26.89 -43.51
CA ILE D 51 8.38 -27.00 -44.22
C ILE D 51 8.24 -25.96 -45.34
N GLU D 52 8.83 -24.78 -45.12
CA GLU D 52 8.83 -23.67 -46.09
C GLU D 52 7.54 -22.84 -46.02
N THR D 53 6.41 -23.42 -46.42
CA THR D 53 5.12 -22.74 -46.31
C THR D 53 4.63 -22.71 -44.87
N HIS D 54 3.97 -21.62 -44.49
CA HIS D 54 3.60 -21.38 -43.09
C HIS D 54 2.39 -22.20 -42.64
N GLU D 55 1.36 -22.27 -43.48
CA GLU D 55 0.10 -22.93 -43.10
C GLU D 55 0.23 -24.44 -42.94
N ARG D 56 1.04 -25.07 -43.79
CA ARG D 56 1.27 -26.52 -43.70
C ARG D 56 2.13 -26.87 -42.47
N GLY D 57 2.98 -25.93 -42.05
CA GLY D 57 3.77 -26.10 -40.85
C GLY D 57 2.93 -26.11 -39.58
N VAL D 58 1.85 -25.33 -39.58
CA VAL D 58 0.91 -25.30 -38.46
C VAL D 58 0.07 -26.57 -38.43
N SER D 59 -0.22 -27.12 -39.61
CA SER D 59 -1.01 -28.35 -39.73
C SER D 59 -0.26 -29.56 -39.18
N ILE D 60 1.03 -29.63 -39.45
CA ILE D 60 1.87 -30.74 -39.01
C ILE D 60 2.07 -30.69 -37.49
N ARG D 61 2.20 -29.49 -36.95
CA ARG D 61 2.38 -29.30 -35.51
C ARG D 61 1.10 -29.65 -34.73
N ARG D 62 -0.05 -29.49 -35.38
CA ARG D 62 -1.34 -29.85 -34.78
C ARG D 62 -1.51 -31.36 -34.68
N GLN D 63 -1.01 -32.07 -35.69
CA GLN D 63 -1.11 -33.54 -35.75
C GLN D 63 -0.19 -34.21 -34.72
N LEU D 64 1.01 -33.65 -34.56
CA LEU D 64 1.95 -34.13 -33.55
C LEU D 64 1.41 -33.87 -32.14
N LEU D 65 0.76 -32.72 -31.98
CA LEU D 65 0.17 -32.33 -30.71
C LEU D 65 -1.04 -33.19 -30.35
N SER D 66 -1.77 -33.65 -31.36
CA SER D 66 -3.00 -34.42 -31.15
C SER D 66 -2.75 -35.77 -30.48
N LYS D 67 -1.61 -36.39 -30.82
CA LYS D 67 -1.25 -37.70 -30.27
C LYS D 67 -0.74 -37.62 -28.82
N LYS D 68 -0.45 -36.42 -28.35
CA LYS D 68 -0.02 -36.19 -26.97
C LYS D 68 -1.20 -35.87 -26.03
N LEU D 69 -2.35 -35.54 -26.61
CA LEU D 69 -3.55 -35.18 -25.83
C LEU D 69 -4.43 -36.40 -25.58
N SER D 70 -5.02 -36.49 -24.39
CA SER D 70 -5.93 -37.56 -24.04
C SER D 70 -7.14 -37.62 -24.99
N GLU D 71 -7.56 -36.44 -25.46
CA GLU D 71 -8.56 -36.34 -26.52
C GLU D 71 -7.93 -35.62 -27.71
N PRO D 72 -7.44 -36.38 -28.69
CA PRO D 72 -6.89 -35.80 -29.94
C PRO D 72 -7.87 -34.92 -30.72
N SER D 73 -9.17 -35.11 -30.54
CA SER D 73 -10.18 -34.31 -31.25
C SER D 73 -10.46 -32.96 -30.59
N SER D 74 -9.60 -32.54 -29.66
CA SER D 74 -9.74 -31.27 -28.97
C SER D 74 -9.52 -30.09 -29.92
N LEU D 75 -8.65 -30.28 -30.91
CA LEU D 75 -8.27 -29.20 -31.83
C LEU D 75 -9.26 -28.97 -32.97
N GLN D 76 -10.31 -29.80 -33.05
CA GLN D 76 -11.28 -29.73 -34.14
C GLN D 76 -11.83 -28.32 -34.39
N TYR D 77 -12.27 -27.66 -33.32
CA TYR D 77 -12.92 -26.35 -33.43
C TYR D 77 -11.97 -25.18 -33.14
N LEU D 78 -10.70 -25.47 -32.88
CA LEU D 78 -9.67 -24.44 -32.86
C LEU D 78 -9.26 -24.18 -34.32
N PRO D 79 -9.60 -23.00 -34.85
CA PRO D 79 -9.37 -22.72 -36.28
C PRO D 79 -7.90 -22.43 -36.57
N TYR D 80 -7.51 -22.52 -37.84
CA TYR D 80 -6.13 -22.26 -38.26
C TYR D 80 -5.96 -21.95 -39.75
N ARG D 81 -6.79 -22.56 -40.60
CA ARG D 81 -6.72 -22.35 -42.05
C ARG D 81 -7.06 -20.92 -42.45
N ASP D 82 -6.45 -20.47 -43.55
CA ASP D 82 -6.74 -19.18 -44.17
C ASP D 82 -6.40 -17.97 -43.29
N TYR D 83 -5.41 -18.12 -42.42
CA TYR D 83 -4.92 -17.02 -41.61
C TYR D 83 -3.50 -16.64 -42.04
N ASN D 84 -3.20 -15.35 -41.99
CA ASN D 84 -1.90 -14.83 -42.42
C ASN D 84 -0.82 -15.04 -41.37
N TYR D 85 -0.10 -16.16 -41.48
CA TYR D 85 0.96 -16.52 -40.55
C TYR D 85 2.32 -15.90 -40.88
N SER D 86 2.39 -15.16 -42.00
CA SER D 86 3.66 -14.56 -42.43
C SER D 86 4.17 -13.50 -41.45
N LEU D 87 3.25 -12.74 -40.86
CA LEU D 87 3.60 -11.68 -39.92
C LEU D 87 3.75 -12.19 -38.48
N VAL D 88 3.29 -13.42 -38.22
CA VAL D 88 3.35 -14.00 -36.88
C VAL D 88 4.64 -14.78 -36.62
N MET D 89 5.09 -15.56 -37.59
CA MET D 89 6.28 -16.39 -37.42
C MET D 89 7.52 -15.52 -37.25
N GLY D 90 8.24 -15.74 -36.14
CA GLY D 90 9.45 -14.99 -35.84
C GLY D 90 9.19 -13.53 -35.46
N ALA D 91 8.09 -13.29 -34.76
CA ALA D 91 7.69 -11.93 -34.40
C ALA D 91 6.72 -11.85 -33.22
N CYS D 92 5.63 -12.61 -33.29
CA CYS D 92 4.53 -12.50 -32.32
C CYS D 92 4.19 -13.78 -31.56
N CYS D 93 4.48 -14.95 -32.14
CA CYS D 93 4.12 -16.23 -31.52
C CYS D 93 4.97 -17.40 -32.01
N GLU D 94 5.19 -18.39 -31.15
CA GLU D 94 5.91 -19.61 -31.49
C GLU D 94 5.05 -20.85 -31.20
N ASN D 95 5.45 -21.99 -31.75
CA ASN D 95 4.72 -23.25 -31.62
C ASN D 95 3.24 -23.06 -31.97
N VAL D 96 2.97 -22.34 -33.04
CA VAL D 96 1.63 -21.90 -33.40
C VAL D 96 0.77 -23.08 -33.89
N ILE D 97 -0.41 -23.22 -33.28
CA ILE D 97 -1.36 -24.28 -33.63
C ILE D 97 -2.70 -23.72 -34.12
N GLY D 98 -2.75 -22.41 -34.37
CA GLY D 98 -3.98 -21.77 -34.85
C GLY D 98 -4.16 -20.36 -34.32
N TYR D 99 -5.42 -19.94 -34.21
CA TYR D 99 -5.77 -18.65 -33.64
C TYR D 99 -7.06 -18.72 -32.83
N MET D 100 -7.25 -17.73 -31.96
CA MET D 100 -8.40 -17.67 -31.07
C MET D 100 -9.24 -16.45 -31.45
N PRO D 101 -10.41 -16.68 -32.04
CA PRO D 101 -11.30 -15.57 -32.40
C PRO D 101 -11.99 -14.97 -31.18
N ILE D 102 -11.78 -13.68 -30.96
CA ILE D 102 -12.42 -12.94 -29.86
C ILE D 102 -13.44 -12.00 -30.48
N PRO D 103 -14.71 -12.14 -30.15
CA PRO D 103 -15.75 -11.23 -30.68
C PRO D 103 -15.39 -9.75 -30.48
N VAL D 104 -15.54 -8.96 -31.54
CA VAL D 104 -15.27 -7.53 -31.48
C VAL D 104 -16.59 -6.77 -31.67
N GLY D 105 -16.92 -5.90 -30.71
CA GLY D 105 -18.08 -5.03 -30.82
C GLY D 105 -17.64 -3.58 -31.00
N VAL D 106 -18.61 -2.69 -31.18
CA VAL D 106 -18.32 -1.26 -31.34
C VAL D 106 -19.18 -0.41 -30.41
N ALA D 107 -18.53 0.50 -29.69
CA ALA D 107 -19.19 1.44 -28.81
C ALA D 107 -18.88 2.86 -29.28
N GLY D 108 -19.91 3.57 -29.70
CA GLY D 108 -19.75 4.96 -30.12
C GLY D 108 -21.04 5.60 -30.60
N PRO D 109 -20.98 6.84 -31.07
CA PRO D 109 -19.74 7.63 -31.12
C PRO D 109 -19.29 8.16 -29.76
N LEU D 110 -17.98 8.11 -29.51
CA LEU D 110 -17.37 8.73 -28.34
C LEU D 110 -16.93 10.13 -28.74
N CYS D 111 -17.63 11.13 -28.23
CA CYS D 111 -17.33 12.52 -28.56
C CYS D 111 -16.21 13.01 -27.65
N LEU D 112 -15.01 13.15 -28.22
CA LEU D 112 -13.81 13.45 -27.47
C LEU D 112 -12.92 14.45 -28.22
N ASP D 113 -12.67 15.61 -27.60
CA ASP D 113 -11.83 16.66 -28.17
C ASP D 113 -12.31 17.10 -29.56
N GLU D 114 -13.60 17.44 -29.64
CA GLU D 114 -14.23 17.93 -30.87
C GLU D 114 -14.13 16.93 -32.04
N LYS D 115 -14.05 15.64 -31.71
CA LYS D 115 -13.99 14.57 -32.70
C LYS D 115 -14.98 13.47 -32.32
N GLU D 116 -15.18 12.51 -33.22
CA GLU D 116 -16.03 11.35 -32.96
C GLU D 116 -15.29 10.05 -33.27
N PHE D 117 -15.36 9.10 -32.34
CA PHE D 117 -14.63 7.84 -32.46
C PHE D 117 -15.56 6.64 -32.34
N GLN D 118 -15.34 5.65 -33.20
CA GLN D 118 -16.02 4.36 -33.09
C GLN D 118 -15.00 3.39 -32.51
N VAL D 119 -15.18 3.03 -31.23
CA VAL D 119 -14.18 2.32 -30.46
C VAL D 119 -14.39 0.80 -30.51
N PRO D 120 -13.44 0.07 -31.09
CA PRO D 120 -13.53 -1.40 -31.14
C PRO D 120 -13.18 -2.03 -29.79
N MET D 121 -13.93 -3.06 -29.39
CA MET D 121 -13.77 -3.70 -28.08
C MET D 121 -13.88 -5.21 -28.23
N ALA D 122 -12.76 -5.90 -28.06
CA ALA D 122 -12.72 -7.36 -28.13
C ALA D 122 -12.99 -7.96 -26.75
N THR D 123 -14.15 -8.60 -26.59
CA THR D 123 -14.54 -9.19 -25.32
C THR D 123 -15.53 -10.36 -25.47
N THR D 124 -15.61 -11.18 -24.42
CA THR D 124 -16.63 -12.22 -24.32
C THR D 124 -17.54 -12.01 -23.10
N GLU D 125 -17.48 -10.82 -22.51
CA GLU D 125 -18.33 -10.48 -21.37
C GLU D 125 -19.62 -9.85 -21.88
N GLY D 126 -20.75 -10.49 -21.55
CA GLY D 126 -22.05 -10.00 -21.95
C GLY D 126 -22.34 -8.64 -21.35
N CYS D 127 -22.92 -7.77 -22.17
CA CYS D 127 -23.35 -6.42 -21.78
C CYS D 127 -22.24 -5.36 -21.65
N LEU D 128 -20.97 -5.75 -21.83
CA LEU D 128 -19.87 -4.80 -21.67
C LEU D 128 -19.86 -3.74 -22.77
N VAL D 129 -20.01 -4.18 -24.03
CA VAL D 129 -20.00 -3.26 -25.16
C VAL D 129 -21.23 -2.36 -25.14
N ALA D 130 -22.39 -2.95 -24.84
CA ALA D 130 -23.65 -2.20 -24.79
C ALA D 130 -23.69 -1.16 -23.67
N SER D 131 -23.08 -1.50 -22.52
CA SER D 131 -23.02 -0.60 -21.37
C SER D 131 -22.06 0.55 -21.64
N THR D 132 -20.93 0.24 -22.25
CA THR D 132 -19.95 1.26 -22.64
C THR D 132 -20.55 2.18 -23.69
N ASN D 133 -21.40 1.63 -24.54
CA ASN D 133 -22.09 2.38 -25.59
C ASN D 133 -23.09 3.37 -24.99
N ARG D 134 -23.72 2.98 -23.88
CA ARG D 134 -24.68 3.85 -23.18
C ARG D 134 -23.95 5.02 -22.52
N GLY D 135 -22.75 4.77 -22.01
CA GLY D 135 -21.94 5.81 -21.41
C GLY D 135 -21.47 6.82 -22.44
N CYS D 136 -21.19 6.35 -23.66
CA CYS D 136 -20.83 7.21 -24.77
C CYS D 136 -21.99 8.11 -25.16
N ARG D 137 -23.20 7.57 -25.08
CA ARG D 137 -24.41 8.32 -25.43
C ARG D 137 -24.69 9.44 -24.42
N ALA D 138 -24.38 9.20 -23.16
CA ALA D 138 -24.56 10.20 -22.10
C ALA D 138 -23.56 11.35 -22.28
N ILE D 139 -22.33 11.01 -22.67
CA ILE D 139 -21.29 12.00 -22.92
C ILE D 139 -21.62 12.83 -24.17
N GLY D 140 -22.22 12.19 -25.17
CA GLY D 140 -22.53 12.85 -26.44
C GLY D 140 -23.64 13.87 -26.32
N LEU D 141 -24.64 13.56 -25.50
CA LEU D 141 -25.77 14.48 -25.26
C LEU D 141 -25.40 15.59 -24.28
N GLY D 142 -24.29 15.42 -23.57
CA GLY D 142 -23.81 16.42 -22.63
C GLY D 142 -22.70 17.32 -23.14
N GLY D 143 -22.55 17.42 -24.47
CA GLY D 143 -21.57 18.32 -25.07
C GLY D 143 -20.25 17.67 -25.45
N GLY D 144 -19.92 16.56 -24.81
CA GLY D 144 -18.73 15.79 -25.14
C GLY D 144 -17.65 15.90 -24.08
N ALA D 145 -16.64 15.05 -24.20
CA ALA D 145 -15.53 14.98 -23.24
C ALA D 145 -14.29 15.69 -23.77
N SER D 146 -13.39 16.04 -22.86
CA SER D 146 -12.11 16.65 -23.20
C SER D 146 -10.99 15.96 -22.44
N SER D 147 -9.90 15.64 -23.14
CA SER D 147 -8.75 14.96 -22.54
C SER D 147 -7.42 15.66 -22.81
N ARG D 148 -6.45 15.41 -21.94
CA ARG D 148 -5.10 15.94 -22.07
C ARG D 148 -4.06 14.88 -21.69
N VAL D 149 -3.00 14.77 -22.48
CA VAL D 149 -1.87 13.92 -22.14
C VAL D 149 -0.92 14.74 -21.26
N LEU D 150 -0.72 14.28 -20.03
CA LEU D 150 0.07 14.98 -19.03
C LEU D 150 1.55 14.60 -19.08
N ALA D 151 1.84 13.36 -19.47
CA ALA D 151 3.21 12.87 -19.55
C ALA D 151 3.36 11.70 -20.52
N ASP D 152 4.60 11.44 -20.94
CA ASP D 152 4.90 10.37 -21.89
C ASP D 152 6.33 9.87 -21.69
N GLY D 153 6.47 8.57 -21.40
CA GLY D 153 7.77 7.97 -21.21
C GLY D 153 7.71 6.56 -20.68
N MET D 154 8.02 5.59 -21.53
CA MET D 154 8.15 4.19 -21.11
C MET D 154 9.40 4.05 -20.25
N THR D 155 9.39 3.12 -19.31
CA THR D 155 10.52 2.95 -18.40
C THR D 155 11.08 1.54 -18.34
N ARG D 156 12.34 1.45 -17.95
CA ARG D 156 12.95 0.18 -17.54
C ARG D 156 13.73 0.45 -16.25
N GLY D 157 13.65 -0.48 -15.31
CA GLY D 157 14.17 -0.28 -13.97
C GLY D 157 15.13 -1.36 -13.54
N PRO D 158 16.32 -1.42 -14.12
CA PRO D 158 17.33 -2.41 -13.75
C PRO D 158 17.79 -2.31 -12.30
N VAL D 159 18.35 -3.41 -11.79
CA VAL D 159 19.02 -3.43 -10.51
C VAL D 159 20.51 -3.72 -10.75
N VAL D 160 21.37 -2.85 -10.23
CA VAL D 160 22.81 -3.08 -10.24
C VAL D 160 23.29 -3.24 -8.80
N ARG D 161 24.53 -3.69 -8.64
CA ARG D 161 25.08 -4.00 -7.33
C ARG D 161 26.55 -3.60 -7.25
N LEU D 162 26.87 -2.76 -6.27
CA LEU D 162 28.25 -2.37 -5.99
C LEU D 162 28.74 -3.21 -4.80
N PRO D 163 30.05 -3.26 -4.56
CA PRO D 163 30.59 -4.03 -3.44
C PRO D 163 30.01 -3.63 -2.07
N ARG D 164 29.82 -2.32 -1.86
CA ARG D 164 29.29 -1.81 -0.59
C ARG D 164 28.22 -0.74 -0.83
N ALA D 165 27.45 -0.45 0.21
CA ALA D 165 26.45 0.61 0.18
C ALA D 165 27.06 2.01 0.01
N CYS D 166 28.30 2.18 0.46
CA CYS D 166 29.03 3.44 0.26
C CYS D 166 29.33 3.63 -1.22
N ASP D 167 29.60 2.52 -1.92
CA ASP D 167 29.88 2.55 -3.35
C ASP D 167 28.63 2.81 -4.18
N SER D 168 27.50 2.20 -3.80
CA SER D 168 26.23 2.41 -4.51
C SER D 168 25.72 3.84 -4.30
N ALA D 169 26.03 4.41 -3.14
CA ALA D 169 25.72 5.81 -2.84
C ALA D 169 26.55 6.73 -3.74
N GLU D 170 27.79 6.35 -4.01
CA GLU D 170 28.67 7.12 -4.89
C GLU D 170 28.15 7.15 -6.32
N VAL D 171 27.59 6.04 -6.78
CA VAL D 171 27.04 5.95 -8.13
C VAL D 171 25.76 6.76 -8.26
N LYS D 172 24.95 6.79 -7.20
CA LYS D 172 23.72 7.57 -7.17
C LYS D 172 24.01 9.07 -7.30
N ALA D 173 24.99 9.53 -6.53
CA ALA D 173 25.39 10.95 -6.55
C ALA D 173 26.04 11.33 -7.88
N TRP D 174 26.73 10.38 -8.49
CA TRP D 174 27.39 10.59 -9.77
C TRP D 174 26.35 10.78 -10.88
N LEU D 175 25.28 9.98 -10.83
CA LEU D 175 24.18 10.07 -11.79
C LEU D 175 23.36 11.35 -11.61
N GLU D 176 23.42 11.92 -10.41
CA GLU D 176 22.66 13.12 -10.07
C GLU D 176 23.36 14.43 -10.48
N THR D 177 24.67 14.37 -10.73
CA THR D 177 25.39 15.53 -11.26
C THR D 177 25.01 15.76 -12.72
N SER D 178 25.18 16.99 -13.19
CA SER D 178 24.84 17.34 -14.57
C SER D 178 25.75 16.63 -15.57
N GLU D 179 27.03 16.53 -15.24
CA GLU D 179 28.02 15.91 -16.13
C GLU D 179 27.89 14.38 -16.21
N GLY D 180 27.51 13.76 -15.10
CA GLY D 180 27.33 12.32 -15.05
C GLY D 180 26.10 11.86 -15.81
N PHE D 181 25.01 12.60 -15.62
CA PHE D 181 23.76 12.34 -16.33
C PHE D 181 23.89 12.58 -17.84
N ALA D 182 24.78 13.50 -18.21
CA ALA D 182 25.00 13.84 -19.63
C ALA D 182 25.66 12.70 -20.39
N VAL D 183 26.61 12.02 -19.75
CA VAL D 183 27.33 10.92 -20.36
C VAL D 183 26.43 9.70 -20.54
N ILE D 184 25.58 9.44 -19.54
CA ILE D 184 24.65 8.33 -19.58
C ILE D 184 23.51 8.60 -20.58
N LYS D 185 23.15 9.87 -20.72
CA LYS D 185 22.11 10.30 -21.66
C LYS D 185 22.60 10.17 -23.10
N GLU D 186 23.91 10.34 -23.31
CA GLU D 186 24.48 10.26 -24.65
C GLU D 186 24.49 8.82 -25.16
N ALA D 187 24.84 7.88 -24.28
CA ALA D 187 24.85 6.45 -24.62
C ALA D 187 23.43 5.92 -24.86
N PHE D 188 22.49 6.39 -24.04
CA PHE D 188 21.09 5.98 -24.15
C PHE D 188 20.46 6.44 -25.47
N ASP D 189 20.73 7.69 -25.84
CA ASP D 189 20.11 8.31 -27.01
C ASP D 189 20.75 7.87 -28.33
N SER D 190 21.94 7.28 -28.25
CA SER D 190 22.66 6.81 -29.44
C SER D 190 22.06 5.53 -30.02
N THR D 191 21.30 4.80 -29.20
CA THR D 191 20.73 3.51 -29.61
C THR D 191 19.56 3.64 -30.60
N SER D 192 18.82 4.75 -30.52
CA SER D 192 17.64 4.94 -31.36
C SER D 192 17.34 6.41 -31.67
N ARG D 193 16.58 6.61 -32.75
CA ARG D 193 16.15 7.95 -33.18
C ARG D 193 15.25 8.61 -32.14
N PHE D 194 14.35 7.84 -31.55
CA PHE D 194 13.37 8.36 -30.59
C PHE D 194 13.83 8.30 -29.13
N ALA D 195 15.01 7.74 -28.89
CA ALA D 195 15.56 7.64 -27.54
C ALA D 195 16.02 9.00 -27.03
N ARG D 196 15.25 9.58 -26.12
CA ARG D 196 15.60 10.84 -25.46
C ARG D 196 15.40 10.68 -23.95
N LEU D 197 16.50 10.51 -23.23
CA LEU D 197 16.46 10.17 -21.81
C LEU D 197 16.03 11.37 -20.95
N GLN D 198 15.10 11.10 -20.04
CA GLN D 198 14.58 12.12 -19.12
C GLN D 198 15.31 11.97 -17.78
N LYS D 199 14.94 12.80 -16.81
CA LYS D 199 15.56 12.76 -15.48
C LYS D 199 15.43 11.36 -14.87
N LEU D 200 16.57 10.83 -14.40
CA LEU D 200 16.59 9.50 -13.77
C LEU D 200 15.99 9.55 -12.37
N HIS D 201 15.34 8.46 -11.97
CA HIS D 201 14.91 8.26 -10.59
C HIS D 201 15.63 7.05 -10.03
N THR D 202 16.41 7.26 -8.98
CA THR D 202 17.18 6.18 -8.37
C THR D 202 16.74 5.91 -6.93
N SER D 203 16.96 4.69 -6.48
CA SER D 203 16.63 4.26 -5.13
C SER D 203 17.63 3.22 -4.67
N ILE D 204 18.24 3.46 -3.50
CA ILE D 204 19.23 2.55 -2.94
C ILE D 204 18.54 1.55 -2.01
N ALA D 205 19.08 0.33 -1.97
CA ALA D 205 18.74 -0.65 -0.97
C ALA D 205 20.04 -1.37 -0.57
N GLY D 206 20.78 -0.76 0.34
CA GLY D 206 22.08 -1.27 0.74
C GLY D 206 23.07 -1.04 -0.38
N ARG D 207 23.74 -2.12 -0.81
CA ARG D 207 24.67 -2.04 -1.94
C ARG D 207 23.98 -2.15 -3.30
N ASN D 208 22.66 -2.39 -3.30
CA ASN D 208 21.86 -2.34 -4.53
C ASN D 208 21.52 -0.91 -4.94
N LEU D 209 21.43 -0.69 -6.24
CA LEU D 209 20.94 0.57 -6.79
C LEU D 209 19.94 0.28 -7.90
N TYR D 210 18.73 0.77 -7.74
CA TYR D 210 17.67 0.60 -8.73
C TYR D 210 17.56 1.89 -9.52
N ILE D 211 17.77 1.80 -10.83
CA ILE D 211 17.79 2.98 -11.69
C ILE D 211 16.61 2.91 -12.65
N ARG D 212 15.78 3.96 -12.64
CA ARG D 212 14.59 4.02 -13.47
C ARG D 212 14.84 4.93 -14.66
N PHE D 213 15.19 4.31 -15.79
CA PHE D 213 15.35 5.01 -17.05
C PHE D 213 13.98 5.30 -17.65
N GLN D 214 13.81 6.48 -18.24
CA GLN D 214 12.53 6.87 -18.83
C GLN D 214 12.77 7.69 -20.09
N SER D 215 11.96 7.45 -21.11
CA SER D 215 12.11 8.11 -22.40
C SER D 215 10.91 7.85 -23.31
N ARG D 216 10.63 8.82 -24.17
CA ARG D 216 9.63 8.64 -25.23
C ARG D 216 10.14 7.60 -26.22
N SER D 217 9.21 7.05 -27.01
CA SER D 217 9.55 5.99 -27.95
C SER D 217 8.74 6.12 -29.24
N GLY D 218 8.52 7.36 -29.67
CA GLY D 218 7.67 7.64 -30.81
C GLY D 218 6.28 7.10 -30.58
N ASP D 219 5.78 6.32 -31.54
CA ASP D 219 4.45 5.72 -31.44
C ASP D 219 4.49 4.31 -30.89
N ALA D 220 5.68 3.74 -30.73
CA ALA D 220 5.84 2.42 -30.13
C ALA D 220 5.55 2.46 -28.64
N MET D 221 5.11 1.33 -28.09
CA MET D 221 4.97 1.17 -26.64
C MET D 221 6.35 1.35 -26.00
N GLY D 222 7.37 0.80 -26.65
CA GLY D 222 8.74 1.18 -26.38
C GLY D 222 9.50 0.34 -25.36
N MET D 223 9.00 -0.84 -25.02
CA MET D 223 9.70 -1.70 -24.06
C MET D 223 11.01 -2.22 -24.66
N ASN D 224 11.00 -2.54 -25.95
CA ASN D 224 12.20 -3.01 -26.65
C ASN D 224 13.22 -1.89 -26.86
N MET D 225 12.73 -0.70 -27.18
CA MET D 225 13.57 0.46 -27.46
C MET D 225 14.25 1.00 -26.19
N ILE D 226 13.53 0.96 -25.07
CA ILE D 226 14.05 1.45 -23.80
C ILE D 226 15.00 0.42 -23.17
N SER D 227 14.79 -0.85 -23.48
CA SER D 227 15.66 -1.92 -22.98
C SER D 227 17.02 -1.89 -23.67
N LYS D 228 17.03 -1.52 -24.95
CA LYS D 228 18.26 -1.39 -25.73
C LYS D 228 19.06 -0.17 -25.29
N GLY D 229 18.35 0.93 -25.00
CA GLY D 229 18.97 2.14 -24.50
C GLY D 229 19.51 1.97 -23.08
N THR D 230 18.81 1.16 -22.29
CA THR D 230 19.22 0.88 -20.91
C THR D 230 20.48 0.02 -20.88
N GLU D 231 20.60 -0.90 -21.85
CA GLU D 231 21.75 -1.79 -21.92
C GLU D 231 23.03 -1.04 -22.27
N LYS D 232 22.92 -0.09 -23.21
CA LYS D 232 24.05 0.73 -23.61
C LYS D 232 24.41 1.76 -22.54
N ALA D 233 23.41 2.20 -21.80
CA ALA D 233 23.59 3.19 -20.74
C ALA D 233 24.34 2.59 -19.54
N LEU D 234 24.01 1.34 -19.21
CA LEU D 234 24.64 0.63 -18.10
C LEU D 234 26.06 0.19 -18.46
N SER D 235 26.31 -0.01 -19.75
CA SER D 235 27.65 -0.33 -20.25
C SER D 235 28.58 0.87 -20.11
N LYS D 236 28.03 2.06 -20.33
CA LYS D 236 28.77 3.31 -20.17
C LYS D 236 29.03 3.61 -18.70
N LEU D 237 28.05 3.26 -17.85
CA LEU D 237 28.18 3.44 -16.41
C LEU D 237 29.24 2.50 -15.83
N HIS D 238 29.46 1.36 -16.49
CA HIS D 238 30.45 0.37 -16.06
C HIS D 238 31.88 0.85 -16.33
N GLU D 239 32.05 1.70 -17.34
CA GLU D 239 33.36 2.29 -17.63
C GLU D 239 33.86 3.15 -16.46
N TYR D 240 32.94 3.86 -15.82
CA TYR D 240 33.27 4.71 -14.68
C TYR D 240 33.28 3.93 -13.35
N PHE D 241 32.51 2.85 -13.30
CA PHE D 241 32.39 2.02 -12.11
C PHE D 241 32.50 0.54 -12.51
N PRO D 242 33.73 0.08 -12.71
CA PRO D 242 33.97 -1.28 -13.21
C PRO D 242 33.69 -2.42 -12.23
N GLU D 243 33.55 -2.11 -10.94
CA GLU D 243 33.17 -3.10 -9.93
C GLU D 243 31.65 -3.31 -9.87
N MET D 244 30.90 -2.48 -10.59
CA MET D 244 29.45 -2.63 -10.68
C MET D 244 29.07 -3.91 -11.42
N GLN D 245 28.03 -4.57 -10.90
CA GLN D 245 27.49 -5.79 -11.47
C GLN D 245 26.05 -5.53 -11.89
N ILE D 246 25.76 -5.71 -13.17
CA ILE D 246 24.38 -5.63 -13.66
C ILE D 246 23.71 -6.96 -13.31
N LEU D 247 22.95 -6.98 -12.22
CA LEU D 247 22.29 -8.19 -11.75
C LEU D 247 21.13 -8.58 -12.67
N ALA D 248 20.32 -7.59 -13.05
CA ALA D 248 19.22 -7.82 -13.97
C ALA D 248 18.81 -6.52 -14.68
N VAL D 249 18.61 -6.62 -15.99
CA VAL D 249 18.19 -5.46 -16.79
C VAL D 249 16.80 -4.96 -16.36
N SER D 250 16.00 -5.85 -15.78
CA SER D 250 14.79 -5.48 -15.05
C SER D 250 14.88 -5.98 -13.62
N GLY D 251 14.96 -5.04 -12.68
CA GLY D 251 14.92 -5.34 -11.26
C GLY D 251 13.57 -5.05 -10.64
N ASN D 252 12.50 -5.15 -11.45
CA ASN D 252 11.13 -4.88 -11.01
C ASN D 252 10.88 -3.44 -10.53
N TYR D 253 11.73 -2.51 -10.97
CA TYR D 253 11.59 -1.10 -10.62
C TYR D 253 11.01 -0.28 -11.77
N CYS D 254 10.56 -0.96 -12.82
CA CYS D 254 10.05 -0.28 -14.02
C CYS D 254 8.72 0.44 -13.76
N THR D 255 7.67 -0.22 -13.28
CA THR D 255 7.55 -1.66 -13.10
C THR D 255 6.62 -2.20 -14.19
N ASP D 256 7.02 -3.30 -14.81
CA ASP D 256 6.28 -3.88 -15.94
C ASP D 256 5.43 -5.08 -15.53
N LYS D 257 4.13 -4.98 -15.76
CA LYS D 257 3.18 -6.10 -15.62
C LYS D 257 3.02 -6.64 -14.20
N LYS D 258 3.35 -5.82 -13.21
CA LYS D 258 3.03 -6.09 -11.81
C LYS D 258 2.45 -4.82 -11.19
N PRO D 259 1.57 -4.95 -10.21
CA PRO D 259 1.06 -3.77 -9.51
C PRO D 259 2.18 -3.07 -8.73
N ALA D 260 2.30 -1.76 -8.86
CA ALA D 260 3.38 -1.01 -8.23
C ALA D 260 3.02 0.45 -8.00
N ALA D 261 3.30 0.94 -6.79
CA ALA D 261 3.00 2.32 -6.44
C ALA D 261 3.83 3.31 -7.25
N ILE D 262 4.99 2.89 -7.73
CA ILE D 262 5.86 3.77 -8.50
C ILE D 262 5.22 4.19 -9.83
N ASN D 263 4.49 3.29 -10.47
CA ASN D 263 3.75 3.63 -11.70
C ASN D 263 2.60 4.57 -11.42
N TRP D 264 1.95 4.40 -10.27
CA TRP D 264 0.83 5.24 -9.87
C TRP D 264 1.27 6.69 -9.61
N ILE D 265 2.43 6.86 -8.98
CA ILE D 265 2.91 8.17 -8.54
C ILE D 265 3.74 8.88 -9.62
N GLU D 266 4.72 8.17 -10.17
CA GLU D 266 5.62 8.73 -11.18
C GLU D 266 5.08 8.63 -12.61
N GLY D 267 4.14 7.72 -12.84
CA GLY D 267 3.60 7.48 -14.17
C GLY D 267 4.48 6.52 -14.98
N ARG D 268 3.87 5.85 -15.95
CA ARG D 268 4.58 4.98 -16.90
C ARG D 268 3.82 4.95 -18.21
N GLY D 269 4.53 5.14 -19.32
CA GLY D 269 3.89 5.35 -20.60
C GLY D 269 3.17 6.68 -20.61
N LYS D 270 1.90 6.67 -21.02
CA LYS D 270 1.09 7.88 -21.12
C LYS D 270 0.29 8.12 -19.85
N SER D 271 0.45 9.31 -19.26
CA SER D 271 -0.44 9.77 -18.19
C SER D 271 -1.51 10.64 -18.83
N VAL D 272 -2.79 10.35 -18.54
CA VAL D 272 -3.92 10.98 -19.22
C VAL D 272 -5.03 11.37 -18.24
N VAL D 273 -5.77 12.41 -18.59
CA VAL D 273 -6.98 12.80 -17.86
C VAL D 273 -8.12 13.08 -18.85
N CYS D 274 -9.34 12.71 -18.47
CA CYS D 274 -10.54 13.03 -19.25
C CYS D 274 -11.59 13.64 -18.32
N GLU D 275 -12.56 14.32 -18.92
CA GLU D 275 -13.62 14.95 -18.16
C GLU D 275 -14.84 15.22 -19.02
N ALA D 276 -16.00 15.31 -18.38
CA ALA D 276 -17.25 15.64 -19.08
C ALA D 276 -18.29 16.14 -18.08
N VAL D 277 -19.25 16.91 -18.59
CA VAL D 277 -20.39 17.33 -17.79
C VAL D 277 -21.65 16.73 -18.43
N ILE D 278 -22.38 15.95 -17.63
CA ILE D 278 -23.60 15.29 -18.08
C ILE D 278 -24.79 16.03 -17.48
N PRO D 279 -25.61 16.68 -18.33
CA PRO D 279 -26.81 17.38 -17.84
C PRO D 279 -27.71 16.49 -16.96
N ALA D 280 -28.44 17.09 -16.05
CA ALA D 280 -29.30 16.36 -15.13
C ALA D 280 -30.35 15.52 -15.88
N LYS D 281 -30.83 16.07 -16.99
CA LYS D 281 -31.82 15.41 -17.84
C LYS D 281 -31.25 14.14 -18.48
N VAL D 282 -29.99 14.20 -18.89
CA VAL D 282 -29.32 13.05 -19.51
C VAL D 282 -29.02 11.94 -18.50
N VAL D 283 -28.73 12.32 -17.26
CA VAL D 283 -28.46 11.34 -16.20
C VAL D 283 -29.73 10.57 -15.85
N ARG D 284 -30.88 11.25 -15.94
CA ARG D 284 -32.17 10.64 -15.60
C ARG D 284 -32.69 9.69 -16.67
N GLU D 285 -32.64 10.14 -17.93
CA GLU D 285 -33.27 9.43 -19.04
C GLU D 285 -32.38 8.33 -19.62
N VAL D 286 -31.11 8.65 -19.84
CA VAL D 286 -30.16 7.70 -20.42
C VAL D 286 -29.61 6.75 -19.35
N LEU D 287 -29.13 7.31 -18.24
CA LEU D 287 -28.45 6.52 -17.21
C LEU D 287 -29.39 5.97 -16.11
N LYS D 288 -30.66 6.40 -16.12
CA LYS D 288 -31.68 5.88 -15.20
C LYS D 288 -31.33 6.08 -13.73
N THR D 289 -30.78 7.25 -13.41
CA THR D 289 -30.35 7.58 -12.05
C THR D 289 -30.36 9.10 -11.83
N THR D 290 -29.82 9.55 -10.70
CA THR D 290 -29.68 10.98 -10.42
C THR D 290 -28.21 11.34 -10.20
N THR D 291 -27.91 12.63 -10.31
CA THR D 291 -26.56 13.14 -10.07
C THR D 291 -26.14 12.95 -8.62
N GLU D 292 -27.08 13.11 -7.69
CA GLU D 292 -26.81 12.96 -6.26
C GLU D 292 -26.48 11.50 -5.91
N ALA D 293 -27.21 10.57 -6.54
CA ALA D 293 -26.99 9.14 -6.32
C ALA D 293 -25.66 8.67 -6.89
N MET D 294 -25.25 9.27 -8.01
CA MET D 294 -24.00 8.91 -8.68
C MET D 294 -22.79 9.36 -7.87
N ILE D 295 -22.87 10.54 -7.26
CA ILE D 295 -21.77 11.08 -6.47
C ILE D 295 -21.58 10.30 -5.17
N GLU D 296 -22.70 9.91 -4.54
CA GLU D 296 -22.63 9.17 -3.28
C GLU D 296 -22.08 7.76 -3.48
N VAL D 297 -22.41 7.14 -4.62
CA VAL D 297 -21.87 5.82 -4.94
C VAL D 297 -20.38 5.94 -5.27
N ASN D 298 -19.98 7.00 -5.95
CA ASN D 298 -18.58 7.18 -6.32
C ASN D 298 -17.68 7.42 -5.11
N ILE D 299 -18.16 8.24 -4.17
CA ILE D 299 -17.42 8.51 -2.95
C ILE D 299 -17.24 7.23 -2.14
N ASN D 300 -18.31 6.48 -1.96
CA ASN D 300 -18.33 5.37 -1.03
C ASN D 300 -17.89 4.03 -1.62
N LYS D 301 -17.77 3.97 -2.94
CA LYS D 301 -17.29 2.77 -3.63
C LYS D 301 -15.87 3.00 -4.13
N ASN D 302 -15.71 3.96 -5.04
CA ASN D 302 -14.43 4.19 -5.69
C ASN D 302 -13.36 4.84 -4.81
N LEU D 303 -13.77 5.59 -3.79
CA LEU D 303 -12.80 6.19 -2.87
C LEU D 303 -12.71 5.41 -1.56
N VAL D 304 -13.81 5.40 -0.79
CA VAL D 304 -13.81 4.77 0.53
C VAL D 304 -13.76 3.25 0.42
N GLY D 305 -14.50 2.68 -0.52
CA GLY D 305 -14.51 1.24 -0.72
C GLY D 305 -13.13 0.70 -1.12
N SER D 306 -12.51 1.36 -2.09
CA SER D 306 -11.16 0.98 -2.53
C SER D 306 -10.16 1.19 -1.41
N ALA D 307 -10.39 2.20 -0.58
CA ALA D 307 -9.51 2.49 0.56
C ALA D 307 -9.57 1.35 1.58
N MET D 308 -10.79 0.88 1.88
CA MET D 308 -10.98 -0.20 2.85
C MET D 308 -10.39 -1.52 2.34
N ALA D 309 -10.35 -1.67 1.02
CA ALA D 309 -9.81 -2.89 0.39
C ALA D 309 -8.28 -2.88 0.28
N GLY D 310 -7.65 -1.76 0.60
CA GLY D 310 -6.21 -1.64 0.54
C GLY D 310 -5.69 -1.51 -0.87
N SER D 311 -6.35 -0.67 -1.66
CA SER D 311 -6.04 -0.53 -3.08
C SER D 311 -5.01 0.56 -3.31
N ILE D 312 -4.07 0.28 -4.21
CA ILE D 312 -3.14 1.29 -4.71
C ILE D 312 -3.43 1.44 -6.20
N GLY D 313 -4.08 2.55 -6.55
CA GLY D 313 -4.38 2.86 -7.94
C GLY D 313 -5.67 2.28 -8.49
N GLY D 314 -6.48 1.66 -7.63
CA GLY D 314 -7.71 1.01 -8.06
C GLY D 314 -8.95 1.75 -7.59
N TYR D 315 -8.95 3.07 -7.76
CA TYR D 315 -10.05 3.90 -7.31
C TYR D 315 -11.05 4.13 -8.43
N ASN D 316 -11.57 3.03 -8.96
CA ASN D 316 -12.49 3.04 -10.10
C ASN D 316 -13.41 1.81 -10.11
N ALA D 317 -14.38 1.81 -11.01
CA ALA D 317 -15.37 0.73 -11.11
C ALA D 317 -14.81 -0.46 -11.88
N HIS D 318 -14.43 -0.22 -13.13
CA HIS D 318 -13.99 -1.28 -14.03
C HIS D 318 -13.21 -0.75 -15.23
N ALA D 319 -12.28 0.18 -14.99
CA ALA D 319 -11.38 0.65 -16.04
C ALA D 319 -10.71 -0.52 -16.75
N ALA D 320 -10.38 -1.57 -16.01
CA ALA D 320 -9.74 -2.75 -16.56
C ALA D 320 -10.55 -3.45 -17.66
N ASN D 321 -11.88 -3.46 -17.51
CA ASN D 321 -12.76 -4.02 -18.54
C ASN D 321 -12.56 -3.33 -19.89
N ILE D 322 -12.55 -2.00 -19.87
CA ILE D 322 -12.45 -1.21 -21.10
C ILE D 322 -11.02 -1.28 -21.67
N VAL D 323 -10.03 -1.16 -20.79
CA VAL D 323 -8.63 -1.21 -21.20
C VAL D 323 -8.31 -2.54 -21.88
N THR D 324 -8.74 -3.63 -21.27
CA THR D 324 -8.48 -4.97 -21.79
C THR D 324 -9.16 -5.19 -23.14
N ALA D 325 -10.39 -4.71 -23.28
CA ALA D 325 -11.16 -4.92 -24.50
C ALA D 325 -10.55 -4.15 -25.67
N ILE D 326 -10.17 -2.90 -25.44
CA ILE D 326 -9.52 -2.08 -26.46
C ILE D 326 -8.14 -2.65 -26.80
N TYR D 327 -7.43 -3.13 -25.79
CA TYR D 327 -6.07 -3.64 -25.96
C TYR D 327 -6.04 -4.89 -26.85
N ILE D 328 -6.96 -5.81 -26.62
CA ILE D 328 -7.01 -7.05 -27.40
C ILE D 328 -7.42 -6.74 -28.84
N ALA D 329 -8.34 -5.79 -29.02
CA ALA D 329 -8.81 -5.39 -30.35
C ALA D 329 -7.73 -4.69 -31.16
N CYS D 330 -6.88 -3.92 -30.48
CA CYS D 330 -5.92 -3.02 -31.15
C CYS D 330 -4.46 -3.52 -31.08
N GLY D 331 -4.27 -4.81 -30.81
CA GLY D 331 -2.94 -5.41 -30.89
C GLY D 331 -1.96 -5.00 -29.81
N GLN D 332 -2.49 -4.55 -28.68
CA GLN D 332 -1.67 -4.18 -27.53
C GLN D 332 -1.27 -5.41 -26.73
N ASP D 333 -0.35 -5.20 -25.79
CA ASP D 333 0.04 -6.22 -24.83
C ASP D 333 -1.01 -6.25 -23.72
N ALA D 334 -1.87 -7.26 -23.75
CA ALA D 334 -3.00 -7.35 -22.82
C ALA D 334 -2.54 -7.59 -21.38
N ALA D 335 -1.35 -8.15 -21.21
CA ALA D 335 -0.78 -8.36 -19.87
C ALA D 335 -0.46 -7.04 -19.16
N GLN D 336 -0.26 -5.99 -19.95
CA GLN D 336 -0.02 -4.66 -19.39
C GLN D 336 -1.29 -3.97 -18.88
N ASN D 337 -2.43 -4.66 -18.94
CA ASN D 337 -3.65 -4.18 -18.27
C ASN D 337 -3.51 -4.07 -16.75
N VAL D 338 -2.50 -4.73 -16.18
CA VAL D 338 -2.23 -4.67 -14.75
C VAL D 338 -1.99 -3.22 -14.32
N GLY D 339 -1.06 -2.55 -15.00
CA GLY D 339 -0.71 -1.17 -14.71
C GLY D 339 -1.51 -0.15 -15.50
N SER D 340 -1.88 -0.50 -16.73
CA SER D 340 -2.56 0.43 -17.64
C SER D 340 -3.96 0.84 -17.15
N SER D 341 -4.60 -0.03 -16.38
CA SER D 341 -5.95 0.25 -15.89
C SER D 341 -5.98 1.03 -14.58
N ASN D 342 -4.80 1.41 -14.05
CA ASN D 342 -4.74 2.33 -12.92
C ASN D 342 -5.58 3.56 -13.24
N CYS D 343 -6.50 3.89 -12.35
CA CYS D 343 -7.49 4.93 -12.60
C CYS D 343 -8.16 5.42 -11.32
N ILE D 344 -8.33 6.74 -11.21
CA ILE D 344 -9.15 7.33 -10.16
C ILE D 344 -10.31 8.08 -10.81
N THR D 345 -11.52 7.68 -10.46
CA THR D 345 -12.74 8.26 -11.00
C THR D 345 -13.35 9.19 -9.95
N LEU D 346 -13.53 10.46 -10.33
CA LEU D 346 -14.07 11.46 -9.43
C LEU D 346 -15.37 12.03 -9.98
N MET D 347 -16.33 12.30 -9.10
CA MET D 347 -17.61 12.87 -9.47
C MET D 347 -18.06 13.93 -8.47
N GLU D 348 -18.59 15.04 -8.99
CA GLU D 348 -19.17 16.09 -8.15
C GLU D 348 -20.32 16.80 -8.85
N ALA D 349 -21.02 17.66 -8.11
CA ALA D 349 -22.12 18.45 -8.66
C ALA D 349 -21.59 19.63 -9.45
N SER D 350 -22.37 20.08 -10.43
CA SER D 350 -21.95 21.11 -11.37
C SER D 350 -23.15 21.89 -11.93
N GLY D 351 -22.88 23.03 -12.57
CA GLY D 351 -23.92 23.83 -13.18
C GLY D 351 -24.52 24.84 -12.22
N PRO D 352 -25.50 25.62 -12.70
CA PRO D 352 -26.13 26.67 -11.89
C PRO D 352 -26.99 26.15 -10.75
N THR D 353 -27.79 25.12 -11.02
CA THR D 353 -28.66 24.51 -10.00
C THR D 353 -27.97 23.39 -9.22
N ASN D 354 -26.72 23.09 -9.55
CA ASN D 354 -25.94 22.05 -8.87
C ASN D 354 -26.53 20.65 -9.05
N GLU D 355 -27.18 20.43 -10.19
CA GLU D 355 -27.84 19.16 -10.50
C GLU D 355 -27.18 18.37 -11.64
N ASP D 356 -26.20 18.98 -12.30
CA ASP D 356 -25.44 18.32 -13.37
C ASP D 356 -24.26 17.54 -12.79
N LEU D 357 -23.86 16.48 -13.47
CA LEU D 357 -22.81 15.58 -12.99
C LEU D 357 -21.49 15.81 -13.74
N TYR D 358 -20.53 16.42 -13.05
CA TYR D 358 -19.15 16.48 -13.53
C TYR D 358 -18.45 15.15 -13.21
N ILE D 359 -17.76 14.60 -14.20
CA ILE D 359 -16.98 13.38 -14.02
C ILE D 359 -15.58 13.56 -14.60
N SER D 360 -14.61 12.89 -14.00
CA SER D 360 -13.25 12.84 -14.53
C SER D 360 -12.61 11.48 -14.25
N CYS D 361 -11.77 11.02 -15.16
CA CYS D 361 -10.94 9.84 -14.92
C CYS D 361 -9.48 10.21 -15.18
N THR D 362 -8.61 9.84 -14.24
CA THR D 362 -7.18 10.10 -14.37
C THR D 362 -6.44 8.78 -14.36
N MET D 363 -5.70 8.52 -15.43
CA MET D 363 -5.02 7.25 -15.63
C MET D 363 -3.52 7.52 -15.88
N PRO D 364 -2.70 7.43 -14.84
CA PRO D 364 -1.30 7.87 -14.92
C PRO D 364 -0.34 6.92 -15.64
N SER D 365 -0.76 5.71 -15.99
CA SER D 365 0.18 4.70 -16.50
C SER D 365 -0.36 3.83 -17.65
N ILE D 366 -0.96 4.47 -18.66
CA ILE D 366 -1.42 3.77 -19.85
C ILE D 366 -0.23 3.38 -20.74
N GLU D 367 0.11 2.10 -20.76
CA GLU D 367 1.20 1.57 -21.57
C GLU D 367 0.65 1.11 -22.92
N ILE D 368 1.01 1.85 -23.98
CA ILE D 368 0.33 1.70 -25.26
C ILE D 368 1.18 2.12 -26.47
N GLY D 369 0.82 1.59 -27.64
CA GLY D 369 1.51 1.90 -28.88
C GLY D 369 0.71 1.55 -30.11
N THR D 370 1.08 2.12 -31.25
CA THR D 370 0.41 1.87 -32.53
C THR D 370 1.37 1.29 -33.59
N VAL D 371 2.62 1.04 -33.19
CA VAL D 371 3.59 0.33 -34.03
C VAL D 371 4.32 -0.74 -33.23
N GLY D 372 4.64 -1.86 -33.87
CA GLY D 372 5.34 -2.95 -33.23
C GLY D 372 4.41 -3.91 -32.52
N GLY D 373 4.89 -5.12 -32.25
CA GLY D 373 4.13 -6.13 -31.53
C GLY D 373 2.93 -6.63 -32.30
N GLY D 374 1.78 -6.70 -31.63
CA GLY D 374 0.54 -7.15 -32.23
C GLY D 374 -0.08 -6.14 -33.20
N THR D 375 0.42 -4.91 -33.20
CA THR D 375 -0.07 -3.88 -34.13
C THR D 375 0.49 -4.05 -35.55
N ASN D 376 1.40 -5.00 -35.72
CA ASN D 376 1.93 -5.35 -37.05
C ASN D 376 0.98 -6.23 -37.85
N LEU D 377 0.05 -6.90 -37.15
CA LEU D 377 -0.90 -7.81 -37.79
C LEU D 377 -2.05 -7.03 -38.41
N LEU D 378 -2.55 -7.50 -39.56
CA LEU D 378 -3.54 -6.76 -40.35
C LEU D 378 -4.93 -6.63 -39.69
N PRO D 379 -5.44 -7.68 -39.04
CA PRO D 379 -6.71 -7.58 -38.33
C PRO D 379 -6.66 -6.57 -37.19
N GLN D 380 -5.55 -6.55 -36.47
CA GLN D 380 -5.34 -5.61 -35.37
C GLN D 380 -5.18 -4.19 -35.91
N GLN D 381 -4.61 -4.06 -37.11
CA GLN D 381 -4.45 -2.77 -37.77
C GLN D 381 -5.79 -2.21 -38.25
N ALA D 382 -6.75 -3.09 -38.49
CA ALA D 382 -8.09 -2.70 -38.91
C ALA D 382 -8.78 -1.89 -37.80
N CYS D 383 -8.63 -2.35 -36.56
CA CYS D 383 -9.21 -1.68 -35.40
C CYS D 383 -8.50 -0.38 -35.06
N LEU D 384 -7.19 -0.34 -35.28
CA LEU D 384 -6.41 0.88 -35.12
C LEU D 384 -6.81 1.92 -36.17
N GLN D 385 -7.12 1.45 -37.37
CA GLN D 385 -7.48 2.32 -38.49
C GLN D 385 -8.89 2.91 -38.32
N MET D 386 -9.74 2.23 -37.55
CA MET D 386 -11.07 2.75 -37.22
C MET D 386 -10.94 4.05 -36.43
N LEU D 387 -9.96 4.09 -35.53
CA LEU D 387 -9.71 5.24 -34.67
C LEU D 387 -8.78 6.29 -35.30
N GLY D 388 -8.18 5.95 -36.44
CA GLY D 388 -7.30 6.86 -37.16
C GLY D 388 -5.93 7.01 -36.53
N VAL D 389 -5.47 5.96 -35.85
CA VAL D 389 -4.19 5.99 -35.12
C VAL D 389 -3.23 4.88 -35.53
N GLN D 390 -3.53 4.16 -36.61
CA GLN D 390 -2.69 3.05 -37.05
C GLN D 390 -1.34 3.52 -37.57
N GLY D 391 -0.28 2.82 -37.17
CA GLY D 391 1.07 3.10 -37.63
C GLY D 391 1.71 4.30 -36.96
N ALA D 392 2.84 4.72 -37.49
CA ALA D 392 3.59 5.86 -36.95
C ALA D 392 3.19 7.15 -37.64
N CYS D 393 2.90 8.17 -36.86
CA CYS D 393 2.65 9.52 -37.37
C CYS D 393 3.97 10.17 -37.77
N LYS D 394 4.12 10.47 -39.05
CA LYS D 394 5.37 10.99 -39.58
C LYS D 394 5.61 12.46 -39.22
N ASP D 395 4.57 13.29 -39.38
CA ASP D 395 4.67 14.72 -39.13
C ASP D 395 4.91 15.05 -37.65
N ASN D 396 4.31 14.26 -36.76
CA ASN D 396 4.42 14.46 -35.32
C ASN D 396 4.62 13.12 -34.62
N PRO D 397 5.87 12.70 -34.44
CA PRO D 397 6.19 11.43 -33.77
C PRO D 397 5.54 11.27 -32.39
N GLY D 398 4.78 10.18 -32.23
CA GLY D 398 4.12 9.87 -30.97
C GLY D 398 2.70 10.38 -30.87
N GLU D 399 2.17 10.96 -31.95
CA GLU D 399 0.85 11.57 -31.94
C GLU D 399 -0.26 10.53 -32.00
N ASN D 400 -0.02 9.44 -32.73
CA ASN D 400 -0.98 8.34 -32.83
C ASN D 400 -1.11 7.55 -31.52
N ALA D 401 0.02 7.31 -30.85
CA ALA D 401 0.01 6.60 -29.57
C ALA D 401 -0.64 7.44 -28.49
N ARG D 402 -0.37 8.75 -28.51
CA ARG D 402 -0.98 9.69 -27.57
C ARG D 402 -2.49 9.78 -27.79
N GLN D 403 -2.92 9.75 -29.05
CA GLN D 403 -4.33 9.83 -29.41
C GLN D 403 -5.08 8.59 -28.93
N LEU D 404 -4.47 7.43 -29.07
CA LEU D 404 -5.07 6.17 -28.65
C LEU D 404 -5.20 6.12 -27.13
N ALA D 405 -4.23 6.70 -26.42
CA ALA D 405 -4.26 6.78 -24.96
C ALA D 405 -5.39 7.68 -24.51
N ARG D 406 -5.63 8.77 -25.24
CA ARG D 406 -6.74 9.67 -24.97
C ARG D 406 -8.08 8.97 -25.19
N ILE D 407 -8.14 8.12 -26.21
CA ILE D 407 -9.36 7.36 -26.53
C ILE D 407 -9.63 6.31 -25.45
N VAL D 408 -8.57 5.68 -24.94
CA VAL D 408 -8.72 4.67 -23.89
C VAL D 408 -9.28 5.32 -22.63
N CYS D 409 -8.71 6.46 -22.25
CA CYS D 409 -9.13 7.18 -21.04
C CYS D 409 -10.58 7.67 -21.18
N GLY D 410 -10.93 8.15 -22.37
CA GLY D 410 -12.27 8.63 -22.65
C GLY D 410 -13.30 7.51 -22.65
N THR D 411 -12.93 6.35 -23.17
CA THR D 411 -13.80 5.19 -23.21
C THR D 411 -13.96 4.61 -21.81
N VAL D 412 -12.90 4.68 -21.01
CA VAL D 412 -12.96 4.24 -19.61
C VAL D 412 -13.98 5.09 -18.87
N MET D 413 -13.99 6.39 -19.12
CA MET D 413 -14.94 7.30 -18.49
C MET D 413 -16.38 6.98 -18.88
N ALA D 414 -16.59 6.59 -20.14
CA ALA D 414 -17.91 6.16 -20.60
C ALA D 414 -18.35 4.91 -19.85
N GLY D 415 -17.42 3.97 -19.67
CA GLY D 415 -17.69 2.75 -18.94
C GLY D 415 -17.97 3.00 -17.46
N GLU D 416 -17.27 3.97 -16.89
CA GLU D 416 -17.46 4.35 -15.48
C GLU D 416 -18.86 4.92 -15.30
N LEU D 417 -19.29 5.74 -16.25
CA LEU D 417 -20.58 6.42 -16.15
C LEU D 417 -21.74 5.42 -16.18
N SER D 418 -21.63 4.43 -17.05
CA SER D 418 -22.70 3.45 -17.23
C SER D 418 -22.80 2.45 -16.09
N LEU D 419 -21.67 1.88 -15.67
CA LEU D 419 -21.67 0.90 -14.59
C LEU D 419 -22.04 1.52 -13.25
N MET D 420 -21.53 2.72 -12.98
CA MET D 420 -21.85 3.43 -11.75
C MET D 420 -23.33 3.79 -11.67
N ALA D 421 -23.94 4.06 -12.83
CA ALA D 421 -25.36 4.34 -12.91
C ALA D 421 -26.18 3.10 -12.63
N ALA D 422 -25.70 1.95 -13.08
CA ALA D 422 -26.36 0.66 -12.86
C ALA D 422 -26.34 0.26 -11.39
N LEU D 423 -25.22 0.55 -10.71
CA LEU D 423 -25.08 0.23 -9.29
C LEU D 423 -25.90 1.18 -8.42
N ALA D 424 -25.98 2.44 -8.84
CA ALA D 424 -26.72 3.46 -8.10
C ALA D 424 -28.23 3.23 -8.19
N ALA D 425 -28.70 2.77 -9.34
CA ALA D 425 -30.12 2.53 -9.58
C ALA D 425 -30.57 1.20 -8.97
N GLY D 426 -29.62 0.29 -8.72
CA GLY D 426 -29.93 -1.00 -8.15
C GLY D 426 -30.59 -1.94 -9.14
#